data_3VNW
# 
_entry.id   3VNW 
# 
_audit_conform.dict_name       mmcif_pdbx.dic 
_audit_conform.dict_version    5.381 
_audit_conform.dict_location   http://mmcif.pdb.org/dictionaries/ascii/mmcif_pdbx.dic 
# 
loop_
_database_2.database_id 
_database_2.database_code 
_database_2.pdbx_database_accession 
_database_2.pdbx_DOI 
PDB   3VNW         pdb_00003vnw 10.2210/pdb3vnw/pdb 
RCSB  RCSB095280   ?            ?                   
WWPDB D_1000095280 ?            ?                   
# 
_pdbx_database_status.status_code                     REL 
_pdbx_database_status.entry_id                        3VNW 
_pdbx_database_status.recvd_initial_deposition_date   2012-01-18 
_pdbx_database_status.deposit_site                    PDBJ 
_pdbx_database_status.process_site                    PDBJ 
_pdbx_database_status.methods_development_category    ? 
_pdbx_database_status.status_code_sf                  REL 
_pdbx_database_status.status_code_mr                  ? 
_pdbx_database_status.SG_entry                        ? 
_pdbx_database_status.status_code_cs                  ? 
_pdbx_database_status.pdb_format_compatible           Y 
_pdbx_database_status.status_code_nmr_data            ? 
# 
loop_
_audit_author.name 
_audit_author.pdbx_ordinal 
'Yamada, S.'        1 
'Bouley-Ford, N.D.' 2 
'Keller, G.E.'      3 
'Winkler, J.R.'     4 
'Gray, H.B.'        5 
# 
_citation.id                        primary 
_citation.title                     'Snapshots of a protein folding intermediate' 
_citation.journal_abbrev            Proc.Natl.Acad.Sci.USA 
_citation.journal_volume            110 
_citation.page_first                1606 
_citation.page_last                 1610 
_citation.year                      2013 
_citation.journal_id_ASTM           PNASA6 
_citation.country                   US 
_citation.journal_id_ISSN           0027-8424 
_citation.journal_id_CSD            0040 
_citation.book_publisher            ? 
_citation.pdbx_database_id_PubMed   23319660 
_citation.pdbx_database_id_DOI      10.1073/pnas.1221832110 
# 
loop_
_citation_author.citation_id 
_citation_author.name 
_citation_author.ordinal 
_citation_author.identifier_ORCID 
primary 'Yamada, S.'        1 ? 
primary 'Bouley-Ford, N.D.' 2 ? 
primary 'Keller, G.E.'      3 ? 
primary 'Ford, W.C.'        4 ? 
primary 'Gray, H.B.'        5 ? 
primary 'Winkler, J.R.'     6 ? 
# 
_cell.entry_id           3VNW 
_cell.length_a           86.980 
_cell.length_b           86.980 
_cell.length_c           31.820 
_cell.angle_alpha        90.00 
_cell.angle_beta         90.00 
_cell.angle_gamma        120.00 
_cell.Z_PDB              6 
_cell.pdbx_unique_axis   ? 
_cell.length_a_esd       ? 
_cell.length_b_esd       ? 
_cell.length_c_esd       ? 
_cell.angle_alpha_esd    ? 
_cell.angle_beta_esd     ? 
_cell.angle_gamma_esd    ? 
# 
_symmetry.entry_id                         3VNW 
_symmetry.space_group_name_H-M             'P 65' 
_symmetry.pdbx_full_space_group_name_H-M   ? 
_symmetry.cell_setting                     ? 
_symmetry.Int_Tables_number                170 
_symmetry.space_group_name_Hall            ? 
# 
loop_
_entity.id 
_entity.type 
_entity.src_method 
_entity.pdbx_description 
_entity.formula_weight 
_entity.pdbx_number_of_molecules 
_entity.pdbx_ec 
_entity.pdbx_mutation 
_entity.pdbx_fragment 
_entity.details 
1 polymer     man 'Cytochrome c-552'                13995.368 1  ? ? ? ? 
2 non-polymer syn 'PROTOPORPHYRIN IX CONTAINING FE' 616.487   1  ? ? ? ? 
3 water       nat water                             18.015    71 ? ? ? ? 
# 
_entity_name_com.entity_id   1 
_entity_name_com.name        'Cytochrome c552' 
# 
_entity_poly.entity_id                      1 
_entity_poly.type                           'polypeptide(L)' 
_entity_poly.nstd_linkage                   no 
_entity_poly.nstd_monomer                   no 
_entity_poly.pdbx_seq_one_letter_code       
;DGAKIYAQCAGCHQQNGQGIPGAFPPLAGHVAEILAKEGGREYLILVLLYGLQGQIEVKGMKYNGVMSSFAQLKDEEIAA
VLNHIATAWGDAKKVKGFKPFTAEEVKKLRAKKLTPQQVLAERKKLGLK
;
_entity_poly.pdbx_seq_one_letter_code_can   
;DGAKIYAQCAGCHQQNGQGIPGAFPPLAGHVAEILAKEGGREYLILVLLYGLQGQIEVKGMKYNGVMSSFAQLKDEEIAA
VLNHIATAWGDAKKVKGFKPFTAEEVKKLRAKKLTPQQVLAERKKLGLK
;
_entity_poly.pdbx_strand_id                 A 
_entity_poly.pdbx_target_identifier         ? 
# 
loop_
_entity_poly_seq.entity_id 
_entity_poly_seq.num 
_entity_poly_seq.mon_id 
_entity_poly_seq.hetero 
1 1   ASP n 
1 2   GLY n 
1 3   ALA n 
1 4   LYS n 
1 5   ILE n 
1 6   TYR n 
1 7   ALA n 
1 8   GLN n 
1 9   CYS n 
1 10  ALA n 
1 11  GLY n 
1 12  CYS n 
1 13  HIS n 
1 14  GLN n 
1 15  GLN n 
1 16  ASN n 
1 17  GLY n 
1 18  GLN n 
1 19  GLY n 
1 20  ILE n 
1 21  PRO n 
1 22  GLY n 
1 23  ALA n 
1 24  PHE n 
1 25  PRO n 
1 26  PRO n 
1 27  LEU n 
1 28  ALA n 
1 29  GLY n 
1 30  HIS n 
1 31  VAL n 
1 32  ALA n 
1 33  GLU n 
1 34  ILE n 
1 35  LEU n 
1 36  ALA n 
1 37  LYS n 
1 38  GLU n 
1 39  GLY n 
1 40  GLY n 
1 41  ARG n 
1 42  GLU n 
1 43  TYR n 
1 44  LEU n 
1 45  ILE n 
1 46  LEU n 
1 47  VAL n 
1 48  LEU n 
1 49  LEU n 
1 50  TYR n 
1 51  GLY n 
1 52  LEU n 
1 53  GLN n 
1 54  GLY n 
1 55  GLN n 
1 56  ILE n 
1 57  GLU n 
1 58  VAL n 
1 59  LYS n 
1 60  GLY n 
1 61  MET n 
1 62  LYS n 
1 63  TYR n 
1 64  ASN n 
1 65  GLY n 
1 66  VAL n 
1 67  MET n 
1 68  SER n 
1 69  SER n 
1 70  PHE n 
1 71  ALA n 
1 72  GLN n 
1 73  LEU n 
1 74  LYS n 
1 75  ASP n 
1 76  GLU n 
1 77  GLU n 
1 78  ILE n 
1 79  ALA n 
1 80  ALA n 
1 81  VAL n 
1 82  LEU n 
1 83  ASN n 
1 84  HIS n 
1 85  ILE n 
1 86  ALA n 
1 87  THR n 
1 88  ALA n 
1 89  TRP n 
1 90  GLY n 
1 91  ASP n 
1 92  ALA n 
1 93  LYS n 
1 94  LYS n 
1 95  VAL n 
1 96  LYS n 
1 97  GLY n 
1 98  PHE n 
1 99  LYS n 
1 100 PRO n 
1 101 PHE n 
1 102 THR n 
1 103 ALA n 
1 104 GLU n 
1 105 GLU n 
1 106 VAL n 
1 107 LYS n 
1 108 LYS n 
1 109 LEU n 
1 110 ARG n 
1 111 ALA n 
1 112 LYS n 
1 113 LYS n 
1 114 LEU n 
1 115 THR n 
1 116 PRO n 
1 117 GLN n 
1 118 GLN n 
1 119 VAL n 
1 120 LEU n 
1 121 ALA n 
1 122 GLU n 
1 123 ARG n 
1 124 LYS n 
1 125 LYS n 
1 126 LEU n 
1 127 GLY n 
1 128 LEU n 
1 129 LYS n 
# 
_entity_src_gen.entity_id                          1 
_entity_src_gen.pdbx_src_id                        1 
_entity_src_gen.pdbx_alt_source_flag               sample 
_entity_src_gen.pdbx_seq_type                      ? 
_entity_src_gen.pdbx_beg_seq_num                   ? 
_entity_src_gen.pdbx_end_seq_num                   ? 
_entity_src_gen.gene_src_common_name               ? 
_entity_src_gen.gene_src_genus                     ? 
_entity_src_gen.pdbx_gene_src_gene                 cycA 
_entity_src_gen.gene_src_species                   ? 
_entity_src_gen.gene_src_strain                    ? 
_entity_src_gen.gene_src_tissue                    ? 
_entity_src_gen.gene_src_tissue_fraction           ? 
_entity_src_gen.gene_src_details                   ? 
_entity_src_gen.pdbx_gene_src_fragment             ? 
_entity_src_gen.pdbx_gene_src_scientific_name      'Thermus thermophilus' 
_entity_src_gen.pdbx_gene_src_ncbi_taxonomy_id     274 
_entity_src_gen.pdbx_gene_src_variant              ? 
_entity_src_gen.pdbx_gene_src_cell_line            ? 
_entity_src_gen.pdbx_gene_src_atcc                 ? 
_entity_src_gen.pdbx_gene_src_organ                ? 
_entity_src_gen.pdbx_gene_src_organelle            ? 
_entity_src_gen.pdbx_gene_src_cell                 ? 
_entity_src_gen.pdbx_gene_src_cellular_location    ? 
_entity_src_gen.host_org_common_name               ? 
_entity_src_gen.pdbx_host_org_scientific_name      'Escherichia coli' 
_entity_src_gen.pdbx_host_org_ncbi_taxonomy_id     562 
_entity_src_gen.host_org_genus                     ? 
_entity_src_gen.pdbx_host_org_gene                 ? 
_entity_src_gen.pdbx_host_org_organ                ? 
_entity_src_gen.host_org_species                   ? 
_entity_src_gen.pdbx_host_org_tissue               ? 
_entity_src_gen.pdbx_host_org_tissue_fraction      ? 
_entity_src_gen.pdbx_host_org_strain               'BL21(DE3)' 
_entity_src_gen.pdbx_host_org_variant              ? 
_entity_src_gen.pdbx_host_org_cell_line            ? 
_entity_src_gen.pdbx_host_org_atcc                 ? 
_entity_src_gen.pdbx_host_org_culture_collection   ? 
_entity_src_gen.pdbx_host_org_cell                 ? 
_entity_src_gen.pdbx_host_org_organelle            ? 
_entity_src_gen.pdbx_host_org_cellular_location    ? 
_entity_src_gen.pdbx_host_org_vector_type          PLASMID 
_entity_src_gen.pdbx_host_org_vector               ? 
_entity_src_gen.host_org_details                   ? 
_entity_src_gen.expression_system_id               ? 
_entity_src_gen.plasmid_name                       pET17b 
_entity_src_gen.plasmid_details                    ? 
_entity_src_gen.pdbx_description                   ? 
# 
_struct_ref.id                         1 
_struct_ref.db_name                    UNP 
_struct_ref.db_code                    CY552_THETH 
_struct_ref.pdbx_db_accession          P04164 
_struct_ref.entity_id                  1 
_struct_ref.pdbx_seq_one_letter_code   
;DGAKIYAQCAGCHQQNGQGIPGAFPPLAGHVAEILAKEGGREYLILVLLYGLQGQIEVKGMKYNGVMSSFAQLKDEEIAA
VLNHIATAWGDAKKVKGFKPFTAEEVKKLRAKKLTPQQVLAERKKLGLK
;
_struct_ref.pdbx_align_begin           3 
_struct_ref.pdbx_db_isoform            ? 
# 
_struct_ref_seq.align_id                      1 
_struct_ref_seq.ref_id                        1 
_struct_ref_seq.pdbx_PDB_id_code              3VNW 
_struct_ref_seq.pdbx_strand_id                A 
_struct_ref_seq.seq_align_beg                 1 
_struct_ref_seq.pdbx_seq_align_beg_ins_code   ? 
_struct_ref_seq.seq_align_end                 129 
_struct_ref_seq.pdbx_seq_align_end_ins_code   ? 
_struct_ref_seq.pdbx_db_accession             P04164 
_struct_ref_seq.db_align_beg                  3 
_struct_ref_seq.pdbx_db_align_beg_ins_code    ? 
_struct_ref_seq.db_align_end                  131 
_struct_ref_seq.pdbx_db_align_end_ins_code    ? 
_struct_ref_seq.pdbx_auth_seq_align_beg       3 
_struct_ref_seq.pdbx_auth_seq_align_end       131 
# 
loop_
_chem_comp.id 
_chem_comp.type 
_chem_comp.mon_nstd_flag 
_chem_comp.name 
_chem_comp.pdbx_synonyms 
_chem_comp.formula 
_chem_comp.formula_weight 
ALA 'L-peptide linking' y ALANINE                           ?    'C3 H7 N O2'       89.093  
ARG 'L-peptide linking' y ARGININE                          ?    'C6 H15 N4 O2 1'   175.209 
ASN 'L-peptide linking' y ASPARAGINE                        ?    'C4 H8 N2 O3'      132.118 
ASP 'L-peptide linking' y 'ASPARTIC ACID'                   ?    'C4 H7 N O4'       133.103 
CYS 'L-peptide linking' y CYSTEINE                          ?    'C3 H7 N O2 S'     121.158 
GLN 'L-peptide linking' y GLUTAMINE                         ?    'C5 H10 N2 O3'     146.144 
GLU 'L-peptide linking' y 'GLUTAMIC ACID'                   ?    'C5 H9 N O4'       147.129 
GLY 'peptide linking'   y GLYCINE                           ?    'C2 H5 N O2'       75.067  
HEM non-polymer         . 'PROTOPORPHYRIN IX CONTAINING FE' HEME 'C34 H32 Fe N4 O4' 616.487 
HIS 'L-peptide linking' y HISTIDINE                         ?    'C6 H10 N3 O2 1'   156.162 
HOH non-polymer         . WATER                             ?    'H2 O'             18.015  
ILE 'L-peptide linking' y ISOLEUCINE                        ?    'C6 H13 N O2'      131.173 
LEU 'L-peptide linking' y LEUCINE                           ?    'C6 H13 N O2'      131.173 
LYS 'L-peptide linking' y LYSINE                            ?    'C6 H15 N2 O2 1'   147.195 
MET 'L-peptide linking' y METHIONINE                        ?    'C5 H11 N O2 S'    149.211 
PHE 'L-peptide linking' y PHENYLALANINE                     ?    'C9 H11 N O2'      165.189 
PRO 'L-peptide linking' y PROLINE                           ?    'C5 H9 N O2'       115.130 
SER 'L-peptide linking' y SERINE                            ?    'C3 H7 N O3'       105.093 
THR 'L-peptide linking' y THREONINE                         ?    'C4 H9 N O3'       119.119 
TRP 'L-peptide linking' y TRYPTOPHAN                        ?    'C11 H12 N2 O2'    204.225 
TYR 'L-peptide linking' y TYROSINE                          ?    'C9 H11 N O3'      181.189 
VAL 'L-peptide linking' y VALINE                            ?    'C5 H11 N O2'      117.146 
# 
_exptl.entry_id          3VNW 
_exptl.method            'X-RAY DIFFRACTION' 
_exptl.crystals_number   1 
# 
_exptl_crystal.id                    1 
_exptl_crystal.density_meas          ? 
_exptl_crystal.density_Matthews      2.45 
_exptl_crystal.density_percent_sol   49.75 
_exptl_crystal.description           ? 
_exptl_crystal.F_000                 ? 
_exptl_crystal.preparation           ? 
# 
_exptl_crystal_grow.crystal_id      1 
_exptl_crystal_grow.method          'VAPOR DIFFUSION, SITTING DROP' 
_exptl_crystal_grow.temp            298 
_exptl_crystal_grow.temp_details    ? 
_exptl_crystal_grow.pH              5.44 
_exptl_crystal_grow.pdbx_details    '0.2M Imidazole-Malate, 42% MPEG 5K, pH 5.44, VAPOR DIFFUSION, SITTING DROP, temperature 298K' 
_exptl_crystal_grow.pdbx_pH_range   ? 
# 
_diffrn.id                     1 
_diffrn.ambient_temp           100 
_diffrn.ambient_temp_details   ? 
_diffrn.crystal_id             1 
# 
_diffrn_detector.diffrn_id              1 
_diffrn_detector.detector               'IMAGE PLATE' 
_diffrn_detector.type                   'RIGAKU RAXIS IV' 
_diffrn_detector.pdbx_collection_date   2011-07-15 
_diffrn_detector.details                ? 
# 
_diffrn_radiation.diffrn_id                        1 
_diffrn_radiation.wavelength_id                    1 
_diffrn_radiation.pdbx_monochromatic_or_laue_m_l   M 
_diffrn_radiation.monochromator                    ? 
_diffrn_radiation.pdbx_diffrn_protocol             'SINGLE WAVELENGTH' 
_diffrn_radiation.pdbx_scattering_type             x-ray 
# 
_diffrn_radiation_wavelength.id           1 
_diffrn_radiation_wavelength.wavelength   1.5418 
_diffrn_radiation_wavelength.wt           1.0 
# 
_diffrn_source.diffrn_id                   1 
_diffrn_source.source                      'ROTATING ANODE' 
_diffrn_source.type                        'RIGAKU MICROMAX-007 HF' 
_diffrn_source.pdbx_synchrotron_site       ? 
_diffrn_source.pdbx_synchrotron_beamline   ? 
_diffrn_source.pdbx_wavelength             ? 
_diffrn_source.pdbx_wavelength_list        1.5418 
# 
_reflns.entry_id                     3VNW 
_reflns.observed_criterion_sigma_I   2.0 
_reflns.observed_criterion_sigma_F   2.0 
_reflns.d_resolution_low             25.68 
_reflns.d_resolution_high            1.97 
_reflns.number_obs                   9814 
_reflns.number_all                   9951 
_reflns.percent_possible_obs         98.6 
_reflns.pdbx_Rmerge_I_obs            0.088 
_reflns.pdbx_Rsym_value              ? 
_reflns.pdbx_netI_over_sigmaI        9.7 
_reflns.B_iso_Wilson_estimate        ? 
_reflns.pdbx_redundancy              4.80 
_reflns.R_free_details               ? 
_reflns.limit_h_max                  ? 
_reflns.limit_h_min                  ? 
_reflns.limit_k_max                  ? 
_reflns.limit_k_min                  ? 
_reflns.limit_l_max                  ? 
_reflns.limit_l_min                  ? 
_reflns.observed_criterion_F_max     ? 
_reflns.observed_criterion_F_min     ? 
_reflns.pdbx_chi_squared             ? 
_reflns.pdbx_scaling_rejects         ? 
_reflns.pdbx_ordinal                 1 
_reflns.pdbx_diffrn_id               1 
# 
_reflns_shell.d_res_high                  1.97 
_reflns_shell.d_res_low                   2.04 
_reflns_shell.percent_possible_all        98.4 
_reflns_shell.Rmerge_I_obs                0.312 
_reflns_shell.pdbx_Rsym_value             ? 
_reflns_shell.meanI_over_sigI_obs         3.6 
_reflns_shell.pdbx_redundancy             4.80 
_reflns_shell.percent_possible_obs        ? 
_reflns_shell.number_unique_all           956 
_reflns_shell.number_measured_all         ? 
_reflns_shell.number_measured_obs         ? 
_reflns_shell.number_unique_obs           ? 
_reflns_shell.pdbx_chi_squared            ? 
_reflns_shell.pdbx_rejects                ? 
_reflns_shell.pdbx_netI_over_sigmaI_obs   ? 
_reflns_shell.number_possible             ? 
_reflns_shell.Rmerge_F_all                ? 
_reflns_shell.Rmerge_F_obs                ? 
_reflns_shell.Rmerge_I_all                ? 
_reflns_shell.meanI_over_sigI_all         ? 
_reflns_shell.pdbx_Rrim_I_all             ? 
_reflns_shell.pdbx_Rpim_I_all             ? 
_reflns_shell.pdbx_ordinal                1 
_reflns_shell.pdbx_diffrn_id              1 
# 
_refine.entry_id                                 3VNW 
_refine.ls_number_reflns_obs                     9333 
_refine.ls_number_reflns_all                     9800 
_refine.pdbx_ls_sigma_I                          ? 
_refine.pdbx_ls_sigma_F                          ? 
_refine.pdbx_data_cutoff_high_absF               ? 
_refine.pdbx_data_cutoff_low_absF                ? 
_refine.pdbx_data_cutoff_high_rms_absF           ? 
_refine.ls_d_res_low                             20.00 
_refine.ls_d_res_high                            1.97 
_refine.ls_percent_reflns_obs                    98.58 
_refine.ls_R_factor_obs                          0.21406 
_refine.ls_R_factor_all                          ? 
_refine.ls_R_factor_R_work                       0.21315 
_refine.ls_R_factor_R_free                       0.23243 
_refine.ls_R_factor_R_free_error                 ? 
_refine.ls_R_factor_R_free_error_details         ? 
_refine.ls_percent_reflns_R_free                 4.8 
_refine.ls_number_reflns_R_free                  467 
_refine.ls_number_parameters                     ? 
_refine.ls_number_restraints                     ? 
_refine.occupancy_min                            ? 
_refine.occupancy_max                            ? 
_refine.correlation_coeff_Fo_to_Fc               0.939 
_refine.correlation_coeff_Fo_to_Fc_free          0.934 
_refine.B_iso_mean                               22.245 
_refine.aniso_B[1][1]                            ? 
_refine.aniso_B[2][2]                            ? 
_refine.aniso_B[3][3]                            ? 
_refine.aniso_B[1][2]                            ? 
_refine.aniso_B[1][3]                            ? 
_refine.aniso_B[2][3]                            ? 
_refine.solvent_model_details                    MASK 
_refine.solvent_model_param_ksol                 ? 
_refine.solvent_model_param_bsol                 ? 
_refine.pdbx_solvent_vdw_probe_radii             1.40 
_refine.pdbx_solvent_ion_probe_radii             0.80 
_refine.pdbx_solvent_shrinkage_radii             0.80 
_refine.pdbx_ls_cross_valid_method               THROUGHOUT 
_refine.details                                  ? 
_refine.pdbx_starting_model                      'PDB ENTRY 1DT1' 
_refine.pdbx_method_to_determine_struct          'MOLECULAR REPLACEMENT' 
_refine.pdbx_isotropic_thermal_model             ? 
_refine.pdbx_stereochemistry_target_values       'MAXIMUM LIKELIHOOD' 
_refine.pdbx_stereochem_target_val_spec_case     ? 
_refine.pdbx_R_Free_selection_details            RANDOM 
_refine.pdbx_overall_ESU_R                       0.202 
_refine.pdbx_overall_ESU_R_Free                  0.160 
_refine.overall_SU_ML                            0.114 
_refine.pdbx_overall_phase_error                 ? 
_refine.overall_SU_B                             3.903 
_refine.overall_SU_R_Cruickshank_DPI             ? 
_refine.ls_redundancy_reflns_obs                 ? 
_refine.B_iso_min                                ? 
_refine.B_iso_max                                ? 
_refine.overall_SU_R_free                        ? 
_refine.ls_wR_factor_R_free                      ? 
_refine.ls_wR_factor_R_work                      ? 
_refine.overall_FOM_free_R_set                   ? 
_refine.overall_FOM_work_R_set                   ? 
_refine.pdbx_diffrn_id                           1 
_refine.pdbx_refine_id                           'X-RAY DIFFRACTION' 
_refine.pdbx_TLS_residual_ADP_flag               ? 
_refine.pdbx_overall_SU_R_free_Cruickshank_DPI   ? 
_refine.pdbx_overall_SU_R_Blow_DPI               ? 
_refine.pdbx_overall_SU_R_free_Blow_DPI          ? 
# 
_refine_hist.pdbx_refine_id                   'X-RAY DIFFRACTION' 
_refine_hist.cycle_id                         LAST 
_refine_hist.pdbx_number_atoms_protein        984 
_refine_hist.pdbx_number_atoms_nucleic_acid   0 
_refine_hist.pdbx_number_atoms_ligand         43 
_refine_hist.number_atoms_solvent             71 
_refine_hist.number_atoms_total               1098 
_refine_hist.d_res_high                       1.97 
_refine_hist.d_res_low                        20.00 
# 
loop_
_refine_ls_restr.type 
_refine_ls_restr.dev_ideal 
_refine_ls_restr.dev_ideal_target 
_refine_ls_restr.weight 
_refine_ls_restr.number 
_refine_ls_restr.pdbx_restraint_function 
_refine_ls_restr.pdbx_refine_id 
r_bond_refined_d       0.014  0.022  ? 1051 ? 'X-RAY DIFFRACTION' 
r_angle_refined_deg    1.275  2.111  ? 1425 ? 'X-RAY DIFFRACTION' 
r_dihedral_angle_1_deg 5.545  5.000  ? 128  ? 'X-RAY DIFFRACTION' 
r_dihedral_angle_2_deg 39.328 25.385 ? 39   ? 'X-RAY DIFFRACTION' 
r_dihedral_angle_3_deg 16.399 15.000 ? 190  ? 'X-RAY DIFFRACTION' 
r_dihedral_angle_4_deg 23.904 15.000 ? 3    ? 'X-RAY DIFFRACTION' 
r_chiral_restr         0.083  0.200  ? 146  ? 'X-RAY DIFFRACTION' 
r_gen_planes_refined   0.006  0.021  ? 779  ? 'X-RAY DIFFRACTION' 
r_mcbond_it            0.688  1.500  ? 635  ? 'X-RAY DIFFRACTION' 
r_mcangle_it           1.292  2.000  ? 1003 ? 'X-RAY DIFFRACTION' 
r_scbond_it            2.110  3.000  ? 416  ? 'X-RAY DIFFRACTION' 
r_scangle_it           3.390  4.500  ? 422  ? 'X-RAY DIFFRACTION' 
# 
_refine_ls_shell.pdbx_refine_id                   'X-RAY DIFFRACTION' 
_refine_ls_shell.pdbx_total_number_of_bins_used   20 
_refine_ls_shell.d_res_high                       1.970 
_refine_ls_shell.d_res_low                        2.021 
_refine_ls_shell.number_reflns_R_work             661 
_refine_ls_shell.R_factor_R_work                  0.272 
_refine_ls_shell.percent_reflns_obs               97.77 
_refine_ls_shell.R_factor_R_free                  0.334 
_refine_ls_shell.R_factor_R_free_error            ? 
_refine_ls_shell.percent_reflns_R_free            ? 
_refine_ls_shell.number_reflns_R_free             41 
_refine_ls_shell.number_reflns_all                ? 
_refine_ls_shell.R_factor_all                     ? 
_refine_ls_shell.number_reflns_obs                956 
_refine_ls_shell.redundancy_reflns_obs            ? 
# 
_struct.entry_id                  3VNW 
_struct.title                     'Crystal structure of cytochrome c552 from Thermus thermophilus at pH 5.44' 
_struct.pdbx_model_details        ? 
_struct.pdbx_CASP_flag            ? 
_struct.pdbx_model_type_details   ? 
# 
_struct_keywords.entry_id        3VNW 
_struct_keywords.pdbx_keywords   'ELECTRON TRANSPORT' 
_struct_keywords.text            'Cytochrome c, Electron Transfer, ELECTRON TRANSPORT' 
# 
loop_
_struct_asym.id 
_struct_asym.pdbx_blank_PDB_chainid_flag 
_struct_asym.pdbx_modified 
_struct_asym.entity_id 
_struct_asym.details 
A N N 1 ? 
B N N 2 ? 
C N N 3 ? 
# 
_struct_biol.id        1 
_struct_biol.details   ? 
# 
loop_
_struct_conf.conf_type_id 
_struct_conf.id 
_struct_conf.pdbx_PDB_helix_id 
_struct_conf.beg_label_comp_id 
_struct_conf.beg_label_asym_id 
_struct_conf.beg_label_seq_id 
_struct_conf.pdbx_beg_PDB_ins_code 
_struct_conf.end_label_comp_id 
_struct_conf.end_label_asym_id 
_struct_conf.end_label_seq_id 
_struct_conf.pdbx_end_PDB_ins_code 
_struct_conf.beg_auth_comp_id 
_struct_conf.beg_auth_asym_id 
_struct_conf.beg_auth_seq_id 
_struct_conf.end_auth_comp_id 
_struct_conf.end_auth_asym_id 
_struct_conf.end_auth_seq_id 
_struct_conf.pdbx_PDB_helix_class 
_struct_conf.details 
_struct_conf.pdbx_PDB_helix_length 
HELX_P HELX_P1 1 ASP A 1   ? TYR A 6   ? ASP A 3   TYR A 8   1 ? 6  
HELX_P HELX_P2 2 TYR A 6   ? GLN A 14  ? TYR A 8   GLN A 16  1 ? 9  
HELX_P HELX_P3 3 HIS A 30  ? ALA A 36  ? HIS A 32  ALA A 38  1 ? 7  
HELX_P HELX_P4 4 GLY A 39  ? GLY A 51  ? GLY A 41  GLY A 53  1 ? 13 
HELX_P HELX_P5 5 LYS A 74  ? ALA A 88  ? LYS A 76  ALA A 90  1 ? 15 
HELX_P HELX_P6 6 GLY A 90  ? LYS A 94  ? GLY A 92  LYS A 96  5 ? 5  
HELX_P HELX_P7 7 THR A 102 ? ALA A 111 ? THR A 104 ALA A 113 1 ? 10 
HELX_P HELX_P8 8 THR A 115 ? LEU A 126 ? THR A 117 LEU A 128 1 ? 12 
# 
_struct_conf_type.id          HELX_P 
_struct_conf_type.criteria    ? 
_struct_conf_type.reference   ? 
# 
loop_
_struct_conn.id 
_struct_conn.conn_type_id 
_struct_conn.pdbx_leaving_atom_flag 
_struct_conn.pdbx_PDB_id 
_struct_conn.ptnr1_label_asym_id 
_struct_conn.ptnr1_label_comp_id 
_struct_conn.ptnr1_label_seq_id 
_struct_conn.ptnr1_label_atom_id 
_struct_conn.pdbx_ptnr1_label_alt_id 
_struct_conn.pdbx_ptnr1_PDB_ins_code 
_struct_conn.pdbx_ptnr1_standard_comp_id 
_struct_conn.ptnr1_symmetry 
_struct_conn.ptnr2_label_asym_id 
_struct_conn.ptnr2_label_comp_id 
_struct_conn.ptnr2_label_seq_id 
_struct_conn.ptnr2_label_atom_id 
_struct_conn.pdbx_ptnr2_label_alt_id 
_struct_conn.pdbx_ptnr2_PDB_ins_code 
_struct_conn.ptnr1_auth_asym_id 
_struct_conn.ptnr1_auth_comp_id 
_struct_conn.ptnr1_auth_seq_id 
_struct_conn.ptnr2_auth_asym_id 
_struct_conn.ptnr2_auth_comp_id 
_struct_conn.ptnr2_auth_seq_id 
_struct_conn.ptnr2_symmetry 
_struct_conn.pdbx_ptnr3_label_atom_id 
_struct_conn.pdbx_ptnr3_label_seq_id 
_struct_conn.pdbx_ptnr3_label_comp_id 
_struct_conn.pdbx_ptnr3_label_asym_id 
_struct_conn.pdbx_ptnr3_label_alt_id 
_struct_conn.pdbx_ptnr3_PDB_ins_code 
_struct_conn.details 
_struct_conn.pdbx_dist_value 
_struct_conn.pdbx_value_order 
_struct_conn.pdbx_role 
metalc1 metalc ? ? A HIS 13 NE2 ? ? ? 1_555 B HEM . FE ? ? A HIS 15 A HEM 200 1_555 ? ? ? ? ? ? ? 2.080 ? ? 
metalc2 metalc ? ? A MET 67 SD  ? ? ? 1_555 B HEM . FE ? ? A MET 69 A HEM 200 1_555 ? ? ? ? ? ? ? 2.336 ? ? 
# 
_struct_conn_type.id          metalc 
_struct_conn_type.criteria    ? 
_struct_conn_type.reference   ? 
# 
loop_
_struct_sheet.id 
_struct_sheet.type 
_struct_sheet.number_strands 
_struct_sheet.details 
A ? 2 ? 
B ? 2 ? 
# 
loop_
_struct_sheet_order.sheet_id 
_struct_sheet_order.range_id_1 
_struct_sheet_order.range_id_2 
_struct_sheet_order.offset 
_struct_sheet_order.sense 
A 1 2 ? anti-parallel 
B 1 2 ? anti-parallel 
# 
loop_
_struct_sheet_range.sheet_id 
_struct_sheet_range.id 
_struct_sheet_range.beg_label_comp_id 
_struct_sheet_range.beg_label_asym_id 
_struct_sheet_range.beg_label_seq_id 
_struct_sheet_range.pdbx_beg_PDB_ins_code 
_struct_sheet_range.end_label_comp_id 
_struct_sheet_range.end_label_asym_id 
_struct_sheet_range.end_label_seq_id 
_struct_sheet_range.pdbx_end_PDB_ins_code 
_struct_sheet_range.beg_auth_comp_id 
_struct_sheet_range.beg_auth_asym_id 
_struct_sheet_range.beg_auth_seq_id 
_struct_sheet_range.end_auth_comp_id 
_struct_sheet_range.end_auth_asym_id 
_struct_sheet_range.end_auth_seq_id 
A 1 LEU A 52 ? GLN A 53 ? LEU A 54 GLN A 55 
A 2 VAL A 66 ? MET A 67 ? VAL A 68 MET A 69 
B 1 ILE A 56 ? VAL A 58 ? ILE A 58 VAL A 60 
B 2 MET A 61 ? TYR A 63 ? MET A 63 TYR A 65 
# 
loop_
_pdbx_struct_sheet_hbond.sheet_id 
_pdbx_struct_sheet_hbond.range_id_1 
_pdbx_struct_sheet_hbond.range_id_2 
_pdbx_struct_sheet_hbond.range_1_label_atom_id 
_pdbx_struct_sheet_hbond.range_1_label_comp_id 
_pdbx_struct_sheet_hbond.range_1_label_asym_id 
_pdbx_struct_sheet_hbond.range_1_label_seq_id 
_pdbx_struct_sheet_hbond.range_1_PDB_ins_code 
_pdbx_struct_sheet_hbond.range_1_auth_atom_id 
_pdbx_struct_sheet_hbond.range_1_auth_comp_id 
_pdbx_struct_sheet_hbond.range_1_auth_asym_id 
_pdbx_struct_sheet_hbond.range_1_auth_seq_id 
_pdbx_struct_sheet_hbond.range_2_label_atom_id 
_pdbx_struct_sheet_hbond.range_2_label_comp_id 
_pdbx_struct_sheet_hbond.range_2_label_asym_id 
_pdbx_struct_sheet_hbond.range_2_label_seq_id 
_pdbx_struct_sheet_hbond.range_2_PDB_ins_code 
_pdbx_struct_sheet_hbond.range_2_auth_atom_id 
_pdbx_struct_sheet_hbond.range_2_auth_comp_id 
_pdbx_struct_sheet_hbond.range_2_auth_asym_id 
_pdbx_struct_sheet_hbond.range_2_auth_seq_id 
A 1 2 N LEU A 52 ? N LEU A 54 O MET A 67 ? O MET A 69 
B 1 2 N VAL A 58 ? N VAL A 60 O MET A 61 ? O MET A 63 
# 
_struct_site.id                   AC1 
_struct_site.pdbx_evidence_code   Software 
_struct_site.pdbx_auth_asym_id    A 
_struct_site.pdbx_auth_comp_id    HEM 
_struct_site.pdbx_auth_seq_id     200 
_struct_site.pdbx_auth_ins_code   ? 
_struct_site.pdbx_num_residues    18 
_struct_site.details              'BINDING SITE FOR RESIDUE HEM A 200' 
# 
loop_
_struct_site_gen.id 
_struct_site_gen.site_id 
_struct_site_gen.pdbx_num_res 
_struct_site_gen.label_comp_id 
_struct_site_gen.label_asym_id 
_struct_site_gen.label_seq_id 
_struct_site_gen.pdbx_auth_ins_code 
_struct_site_gen.auth_comp_id 
_struct_site_gen.auth_asym_id 
_struct_site_gen.auth_seq_id 
_struct_site_gen.label_atom_id 
_struct_site_gen.label_alt_id 
_struct_site_gen.symmetry 
_struct_site_gen.details 
1  AC1 18 GLN A 8   ? GLN A 10  . ? 1_555 ? 
2  AC1 18 CYS A 9   ? CYS A 11  . ? 1_555 ? 
3  AC1 18 CYS A 12  ? CYS A 14  . ? 1_555 ? 
4  AC1 18 HIS A 13  ? HIS A 15  . ? 1_555 ? 
5  AC1 18 ALA A 23  ? ALA A 25  . ? 1_555 ? 
6  AC1 18 PRO A 25  ? PRO A 27  . ? 1_555 ? 
7  AC1 18 HIS A 30  ? HIS A 32  . ? 1_555 ? 
8  AC1 18 TYR A 43  ? TYR A 45  . ? 1_555 ? 
9  AC1 18 LEU A 44  ? LEU A 46  . ? 1_555 ? 
10 AC1 18 VAL A 47  ? VAL A 49  . ? 1_555 ? 
11 AC1 18 GLN A 53  ? GLN A 55  . ? 1_555 ? 
12 AC1 18 GLY A 54  ? GLY A 56  . ? 1_555 ? 
13 AC1 18 VAL A 58  ? VAL A 60  . ? 1_555 ? 
14 AC1 18 GLY A 65  ? GLY A 67  . ? 1_555 ? 
15 AC1 18 VAL A 66  ? VAL A 68  . ? 1_555 ? 
16 AC1 18 MET A 67  ? MET A 69  . ? 1_555 ? 
17 AC1 18 PHE A 70  ? PHE A 72  . ? 1_555 ? 
18 AC1 18 ARG A 123 ? ARG A 125 . ? 1_555 ? 
# 
_atom_sites.entry_id                    3VNW 
_atom_sites.fract_transf_matrix[1][1]   -0.00777071 
_atom_sites.fract_transf_matrix[1][2]   -0.00733244 
_atom_sites.fract_transf_matrix[1][3]   0.00788007 
_atom_sites.fract_transf_matrix[2][1]   0.00518729 
_atom_sites.fract_transf_matrix[2][2]   -0.00619680 
_atom_sites.fract_transf_matrix[2][3]   0.01053173 
_atom_sites.fract_transf_matrix[3][1]   -0.00584631 
_atom_sites.fract_transf_matrix[3][2]   0.02526866 
_atom_sites.fract_transf_matrix[3][3]   0.01774744 
_atom_sites.fract_transf_vector[1]      0.293261 
_atom_sites.fract_transf_vector[2]      -0.119607 
_atom_sites.fract_transf_vector[3]      -0.029620 
# 
loop_
_atom_type.symbol 
C  
FE 
N  
O  
S  
# 
loop_
_atom_site.group_PDB 
_atom_site.id 
_atom_site.type_symbol 
_atom_site.label_atom_id 
_atom_site.label_alt_id 
_atom_site.label_comp_id 
_atom_site.label_asym_id 
_atom_site.label_entity_id 
_atom_site.label_seq_id 
_atom_site.pdbx_PDB_ins_code 
_atom_site.Cartn_x 
_atom_site.Cartn_y 
_atom_site.Cartn_z 
_atom_site.occupancy 
_atom_site.B_iso_or_equiv 
_atom_site.pdbx_formal_charge 
_atom_site.auth_seq_id 
_atom_site.auth_comp_id 
_atom_site.auth_asym_id 
_atom_site.auth_atom_id 
_atom_site.pdbx_PDB_model_num 
ATOM   1    N  N   . ASP A 1 1   ? -10.182 4.145   -14.089 1.00 25.06 ? 3   ASP A N   1 
ATOM   2    C  CA  . ASP A 1 1   ? -8.716  3.875   -13.948 1.00 24.46 ? 3   ASP A CA  1 
ATOM   3    C  C   . ASP A 1 1   ? -8.183  4.021   -12.514 1.00 23.61 ? 3   ASP A C   1 
ATOM   4    O  O   . ASP A 1 1   ? -8.922  4.362   -11.577 1.00 22.63 ? 3   ASP A O   1 
ATOM   5    C  CB  . ASP A 1 1   ? -7.906  4.782   -14.893 1.00 25.35 ? 3   ASP A CB  1 
ATOM   6    C  CG  . ASP A 1 1   ? -8.076  6.279   -14.592 1.00 26.56 ? 3   ASP A CG  1 
ATOM   7    O  OD1 . ASP A 1 1   ? -8.680  6.654   -13.557 1.00 27.73 ? 3   ASP A OD1 1 
ATOM   8    O  OD2 . ASP A 1 1   ? -7.575  7.090   -15.408 1.00 28.28 ? 3   ASP A OD2 1 
ATOM   9    N  N   . GLY A 1 2   ? -6.883  3.774   -12.371 1.00 23.13 ? 4   GLY A N   1 
ATOM   10   C  CA  . GLY A 1 2   ? -6.175  3.920   -11.100 1.00 22.77 ? 4   GLY A CA  1 
ATOM   11   C  C   . GLY A 1 2   ? -6.331  5.262   -10.407 1.00 22.45 ? 4   GLY A C   1 
ATOM   12   O  O   . GLY A 1 2   ? -6.562  5.308   -9.198  1.00 21.43 ? 4   GLY A O   1 
ATOM   13   N  N   . ALA A 1 3   ? -6.194  6.349   -11.173 1.00 22.10 ? 5   ALA A N   1 
ATOM   14   C  CA  . ALA A 1 3   ? -6.411  7.724   -10.673 1.00 21.80 ? 5   ALA A CA  1 
ATOM   15   C  C   . ALA A 1 3   ? -7.811  7.938   -10.062 1.00 22.42 ? 5   ALA A C   1 
ATOM   16   O  O   . ALA A 1 3   ? -7.945  8.534   -8.991  1.00 21.82 ? 5   ALA A O   1 
ATOM   17   C  CB  . ALA A 1 3   ? -6.153  8.742   -11.806 1.00 22.45 ? 5   ALA A CB  1 
ATOM   18   N  N   . LYS A 1 4   ? -8.846  7.406   -10.720 1.00 22.38 ? 6   LYS A N   1 
ATOM   19   C  CA  . LYS A 1 4   ? -10.217 7.515   -10.204 1.00 22.87 ? 6   LYS A CA  1 
ATOM   20   C  C   . LYS A 1 4   ? -10.421 6.732   -8.897  1.00 21.98 ? 6   LYS A C   1 
ATOM   21   O  O   . LYS A 1 4   ? -11.069 7.237   -7.983  1.00 22.32 ? 6   LYS A O   1 
ATOM   22   C  CB  . LYS A 1 4   ? -11.244 7.100   -11.267 1.00 23.63 ? 6   LYS A CB  1 
ATOM   23   C  CG  . LYS A 1 4   ? -12.682 7.646   -11.063 1.00 26.49 ? 6   LYS A CG  1 
ATOM   24   C  CD  . LYS A 1 4   ? -13.471 6.894   -9.978  1.00 30.04 ? 6   LYS A CD  1 
ATOM   25   C  CE  . LYS A 1 4   ? -13.910 5.442   -10.359 1.00 33.08 ? 6   LYS A CE  1 
ATOM   26   N  NZ  . LYS A 1 4   ? -14.396 4.657   -9.130  1.00 30.84 ? 6   LYS A NZ  1 
ATOM   27   N  N   . ILE A 1 5   ? -9.875  5.518   -8.801  1.00 20.75 ? 7   ILE A N   1 
ATOM   28   C  CA  . ILE A 1 5   ? -9.981  4.745   -7.553  1.00 19.77 ? 7   ILE A CA  1 
ATOM   29   C  C   . ILE A 1 5   ? -9.276  5.480   -6.419  1.00 19.09 ? 7   ILE A C   1 
ATOM   30   O  O   . ILE A 1 5   ? -9.786  5.519   -5.290  1.00 18.56 ? 7   ILE A O   1 
ATOM   31   C  CB  . ILE A 1 5   ? -9.450  3.273   -7.671  1.00 20.18 ? 7   ILE A CB  1 
ATOM   32   C  CG1 . ILE A 1 5   ? -10.067 2.533   -8.862  1.00 19.58 ? 7   ILE A CG1 1 
ATOM   33   C  CG2 . ILE A 1 5   ? -9.730  2.475   -6.365  1.00 19.86 ? 7   ILE A CG2 1 
ATOM   34   C  CD1 . ILE A 1 5   ? -11.607 2.490   -8.859  1.00 22.28 ? 7   ILE A CD1 1 
ATOM   35   N  N   . TYR A 1 6   ? -8.134  6.101   -6.731  1.00 17.87 ? 8   TYR A N   1 
ATOM   36   C  CA  . TYR A 1 6   ? -7.355  6.827   -5.730  1.00 18.06 ? 8   TYR A CA  1 
ATOM   37   C  C   . TYR A 1 6   ? -8.132  7.947   -5.000  1.00 18.64 ? 8   TYR A C   1 
ATOM   38   O  O   . TYR A 1 6   ? -7.729  8.380   -3.894  1.00 17.97 ? 8   TYR A O   1 
ATOM   39   C  CB  . TYR A 1 6   ? -6.010  7.326   -6.297  1.00 17.99 ? 8   TYR A CB  1 
ATOM   40   C  CG  . TYR A 1 6   ? -5.120  7.908   -5.218  1.00 17.76 ? 8   TYR A CG  1 
ATOM   41   C  CD1 . TYR A 1 6   ? -4.432  7.082   -4.337  1.00 16.35 ? 8   TYR A CD1 1 
ATOM   42   C  CD2 . TYR A 1 6   ? -5.000  9.297   -5.047  1.00 18.11 ? 8   TYR A CD2 1 
ATOM   43   C  CE1 . TYR A 1 6   ? -3.625  7.620   -3.323  1.00 14.28 ? 8   TYR A CE1 1 
ATOM   44   C  CE2 . TYR A 1 6   ? -4.204  9.841   -4.028  1.00 15.53 ? 8   TYR A CE2 1 
ATOM   45   C  CZ  . TYR A 1 6   ? -3.531  8.987   -3.163  1.00 15.23 ? 8   TYR A CZ  1 
ATOM   46   O  OH  . TYR A 1 6   ? -2.726  9.494   -2.150  1.00 15.13 ? 8   TYR A OH  1 
ATOM   47   N  N   . ALA A 1 7   ? -9.256  8.388   -5.579  1.00 18.94 ? 9   ALA A N   1 
ATOM   48   C  CA  . ALA A 1 7   ? -10.114 9.362   -4.889  1.00 19.54 ? 9   ALA A CA  1 
ATOM   49   C  C   . ALA A 1 7   ? -10.609 8.813   -3.535  1.00 20.05 ? 9   ALA A C   1 
ATOM   50   O  O   . ALA A 1 7   ? -10.808 9.572   -2.585  1.00 19.43 ? 9   ALA A O   1 
ATOM   51   C  CB  . ALA A 1 7   ? -11.289 9.828   -5.786  1.00 20.60 ? 9   ALA A CB  1 
ATOM   52   N  N   . GLN A 1 8   ? -10.739 7.489   -3.438  1.00 19.08 ? 10  GLN A N   1 
ATOM   53   C  CA  . GLN A 1 8   ? -11.144 6.833   -2.212  1.00 19.82 ? 10  GLN A CA  1 
ATOM   54   C  C   . GLN A 1 8   ? -10.015 6.779   -1.170  1.00 19.50 ? 10  GLN A C   1 
ATOM   55   O  O   . GLN A 1 8   ? -10.231 6.298   -0.058  1.00 20.40 ? 10  GLN A O   1 
ATOM   56   C  CB  . GLN A 1 8   ? -11.632 5.408   -2.515  1.00 19.57 ? 10  GLN A CB  1 
ATOM   57   C  CG  . GLN A 1 8   ? -12.878 5.379   -3.392  1.00 22.26 ? 10  GLN A CG  1 
ATOM   58   C  CD  . GLN A 1 8   ? -13.329 3.983   -3.704  1.00 24.12 ? 10  GLN A CD  1 
ATOM   59   O  OE1 . GLN A 1 8   ? -13.423 3.126   -2.809  1.00 26.27 ? 10  GLN A OE1 1 
ATOM   60   N  NE2 . GLN A 1 8   ? -13.604 3.727   -4.976  1.00 25.81 ? 10  GLN A NE2 1 
ATOM   61   N  N   . CYS A 1 9   ? -8.830  7.249   -1.547  1.00 19.45 ? 11  CYS A N   1 
ATOM   62   C  CA  . CYS A 1 9   ? -7.636  7.239   -0.693  1.00 19.39 ? 11  CYS A CA  1 
ATOM   63   C  C   . CYS A 1 9   ? -7.174  8.639   -0.357  1.00 19.16 ? 11  CYS A C   1 
ATOM   64   O  O   . CYS A 1 9   ? -6.483  8.850   0.652   1.00 18.59 ? 11  CYS A O   1 
ATOM   65   C  CB  . CYS A 1 9   ? -6.452  6.560   -1.387  1.00 19.45 ? 11  CYS A CB  1 
ATOM   66   S  SG  . CYS A 1 9   ? -6.806  5.056   -2.292  1.00 19.88 ? 11  CYS A SG  1 
ATOM   67   N  N   . ALA A 1 10  ? -7.532  9.577   -1.228  1.00 19.15 ? 12  ALA A N   1 
ATOM   68   C  CA  . ALA A 1 10  ? -6.916  10.911  -1.231  1.00 19.43 ? 12  ALA A CA  1 
ATOM   69   C  C   . ALA A 1 10  ? -7.323  11.735  -0.002  1.00 19.24 ? 12  ALA A C   1 
ATOM   70   O  O   . ALA A 1 10  ? -6.587  12.628  0.416   1.00 19.29 ? 12  ALA A O   1 
ATOM   71   C  CB  . ALA A 1 10  ? -7.260  11.636  -2.514  1.00 19.30 ? 12  ALA A CB  1 
ATOM   72   N  N   . GLY A 1 11  ? -8.483  11.423  0.581   1.00 19.08 ? 13  GLY A N   1 
ATOM   73   C  CA  . GLY A 1 11  ? -8.940  12.113  1.794   1.00 19.31 ? 13  GLY A CA  1 
ATOM   74   C  C   . GLY A 1 11  ? -7.908  11.989  2.906   1.00 19.30 ? 13  GLY A C   1 
ATOM   75   O  O   . GLY A 1 11  ? -7.747  12.889  3.715   1.00 18.56 ? 13  GLY A O   1 
ATOM   76   N  N   . CYS A 1 12  ? -7.191  10.858  2.927   1.00 19.27 ? 14  CYS A N   1 
ATOM   77   C  CA  . CYS A 1 12  ? -6.200  10.598  3.966   1.00 19.40 ? 14  CYS A CA  1 
ATOM   78   C  C   . CYS A 1 12  ? -4.786  10.794  3.487   1.00 19.36 ? 14  CYS A C   1 
ATOM   79   O  O   . CYS A 1 12  ? -4.070  11.639  4.020   1.00 19.54 ? 14  CYS A O   1 
ATOM   80   C  CB  . CYS A 1 12  ? -6.374  9.186   4.522   1.00 19.47 ? 14  CYS A CB  1 
ATOM   81   S  SG  . CYS A 1 12  ? -8.004  8.994   5.270   1.00 19.38 ? 14  CYS A SG  1 
ATOM   82   N  N   . HIS A 1 13  ? -4.396  10.028  2.461   1.00 19.59 ? 15  HIS A N   1 
ATOM   83   C  CA  . HIS A 1 13  ? -3.042  10.086  1.918   1.00 20.02 ? 15  HIS A CA  1 
ATOM   84   C  C   . HIS A 1 13  ? -2.781  11.295  1.014   1.00 20.79 ? 15  HIS A C   1 
ATOM   85   O  O   . HIS A 1 13  ? -1.636  11.533  0.641   1.00 20.40 ? 15  HIS A O   1 
ATOM   86   C  CB  . HIS A 1 13  ? -2.664  8.772   1.216   1.00 18.80 ? 15  HIS A CB  1 
ATOM   87   C  CG  . HIS A 1 13  ? -2.677  7.587   2.135   1.00 17.66 ? 15  HIS A CG  1 
ATOM   88   N  ND1 . HIS A 1 13  ? -1.684  7.352   3.065   1.00 18.77 ? 15  HIS A ND1 1 
ATOM   89   C  CD2 . HIS A 1 13  ? -3.580  6.592   2.289   1.00 17.04 ? 15  HIS A CD2 1 
ATOM   90   C  CE1 . HIS A 1 13  ? -1.965  6.249   3.739   1.00 18.69 ? 15  HIS A CE1 1 
ATOM   91   N  NE2 . HIS A 1 13  ? -3.119  5.776   3.296   1.00 16.89 ? 15  HIS A NE2 1 
ATOM   92   N  N   . GLN A 1 14  ? -3.841  12.032  0.677   1.00 21.94 ? 16  GLN A N   1 
ATOM   93   C  CA  . GLN A 1 14  ? -3.752  13.331  -0.031  1.00 23.43 ? 16  GLN A CA  1 
ATOM   94   C  C   . GLN A 1 14  ? -3.577  13.199  -1.550  1.00 24.24 ? 16  GLN A C   1 
ATOM   95   O  O   . GLN A 1 14  ? -3.099  12.170  -2.053  1.00 24.10 ? 16  GLN A O   1 
ATOM   96   C  CB  . GLN A 1 14  ? -2.672  14.241  0.581   1.00 22.67 ? 16  GLN A CB  1 
ATOM   97   C  CG  . GLN A 1 14  ? -2.839  14.501  2.072   1.00 24.21 ? 16  GLN A CG  1 
ATOM   98   C  CD  . GLN A 1 14  ? -4.192  15.098  2.406   1.00 26.31 ? 16  GLN A CD  1 
ATOM   99   O  OE1 . GLN A 1 14  ? -4.564  16.149  1.868   1.00 27.95 ? 16  GLN A OE1 1 
ATOM   100  N  NE2 . GLN A 1 14  ? -4.935  14.441  3.296   1.00 23.05 ? 16  GLN A NE2 1 
ATOM   101  N  N   . GLN A 1 15  ? -3.975  14.242  -2.279  1.00 25.08 ? 17  GLN A N   1 
ATOM   102  C  CA  . GLN A 1 15  ? -3.902  14.218  -3.755  1.00 26.43 ? 17  GLN A CA  1 
ATOM   103  C  C   . GLN A 1 15  ? -2.505  13.998  -4.299  1.00 25.77 ? 17  GLN A C   1 
ATOM   104  O  O   . GLN A 1 15  ? -2.328  13.311  -5.294  1.00 25.81 ? 17  GLN A O   1 
ATOM   105  C  CB  . GLN A 1 15  ? -4.500  15.488  -4.388  1.00 27.20 ? 17  GLN A CB  1 
ATOM   106  C  CG  . GLN A 1 15  ? -5.735  15.182  -5.239  1.00 30.35 ? 17  GLN A CG  1 
ATOM   107  C  CD  . GLN A 1 15  ? -6.954  14.867  -4.390  1.00 32.69 ? 17  GLN A CD  1 
ATOM   108  O  OE1 . GLN A 1 15  ? -7.203  15.521  -3.372  1.00 38.24 ? 17  GLN A OE1 1 
ATOM   109  N  NE2 . GLN A 1 15  ? -7.714  13.867  -4.796  1.00 33.61 ? 17  GLN A NE2 1 
ATOM   110  N  N   . ASN A 1 16  ? -1.524  14.597  -3.645  1.00 25.94 ? 18  ASN A N   1 
ATOM   111  C  CA  . ASN A 1 16  ? -0.124  14.471  -4.035  1.00 26.14 ? 18  ASN A CA  1 
ATOM   112  C  C   . ASN A 1 16  ? 0.564   13.255  -3.375  1.00 25.22 ? 18  ASN A C   1 
ATOM   113  O  O   . ASN A 1 16  ? 1.769   13.066  -3.521  1.00 24.79 ? 18  ASN A O   1 
ATOM   114  C  CB  . ASN A 1 16  ? 0.606   15.752  -3.626  1.00 26.09 ? 18  ASN A CB  1 
ATOM   115  C  CG  . ASN A 1 16  ? 0.581   15.978  -2.107  1.00 28.90 ? 18  ASN A CG  1 
ATOM   116  O  OD1 . ASN A 1 16  ? 0.023   15.169  -1.349  1.00 26.70 ? 18  ASN A OD1 1 
ATOM   117  N  ND2 . ASN A 1 16  ? 1.180   17.083  -1.661  1.00 31.24 ? 18  ASN A ND2 1 
ATOM   118  N  N   . GLY A 1 17  ? -0.196  12.465  -2.612  1.00 24.94 ? 19  GLY A N   1 
ATOM   119  C  CA  . GLY A 1 17  ? 0.334   11.236  -2.006  1.00 23.99 ? 19  GLY A CA  1 
ATOM   120  C  C   . GLY A 1 17  ? 1.336   11.437  -0.883  1.00 23.79 ? 19  GLY A C   1 
ATOM   121  O  O   . GLY A 1 17  ? 1.986   10.489  -0.439  1.00 23.02 ? 19  GLY A O   1 
ATOM   122  N  N   . GLN A 1 18  ? 1.481   12.670  -0.417  1.00 23.43 ? 20  GLN A N   1 
ATOM   123  C  CA  . GLN A 1 18  ? 2.489   12.954  0.600   1.00 23.97 ? 20  GLN A CA  1 
ATOM   124  C  C   . GLN A 1 18  ? 1.981   12.748  2.029   1.00 23.31 ? 20  GLN A C   1 
ATOM   125  O  O   . GLN A 1 18  ? 2.739   12.888  2.987   1.00 23.35 ? 20  GLN A O   1 
ATOM   126  C  CB  . GLN A 1 18  ? 3.069   14.347  0.411   1.00 24.52 ? 20  GLN A CB  1 
ATOM   127  C  CG  . GLN A 1 18  ? 3.927   14.487  -0.850  1.00 28.44 ? 20  GLN A CG  1 
ATOM   128  C  CD  . GLN A 1 18  ? 4.299   15.937  -1.108  1.00 34.08 ? 20  GLN A CD  1 
ATOM   129  O  OE1 . GLN A 1 18  ? 4.665   16.666  -0.182  1.00 35.34 ? 20  GLN A OE1 1 
ATOM   130  N  NE2 . GLN A 1 18  ? 4.203   16.366  -2.363  1.00 36.82 ? 20  GLN A NE2 1 
ATOM   131  N  N   . GLY A 1 19  ? 0.706   12.400  2.170   1.00 23.17 ? 21  GLY A N   1 
ATOM   132  C  CA  . GLY A 1 19  ? 0.149   12.059  3.486   1.00 22.93 ? 21  GLY A CA  1 
ATOM   133  C  C   . GLY A 1 19  ? -0.023  13.288  4.371   1.00 23.41 ? 21  GLY A C   1 
ATOM   134  O  O   . GLY A 1 19  ? -0.038  14.406  3.877   1.00 23.08 ? 21  GLY A O   1 
ATOM   135  N  N   . ILE A 1 20  ? -0.204  13.071  5.670   1.00 23.48 ? 22  ILE A N   1 
ATOM   136  C  CA  . ILE A 1 20  ? -0.281  14.150  6.663   1.00 24.37 ? 22  ILE A CA  1 
ATOM   137  C  C   . ILE A 1 20  ? 0.583   13.731  7.854   1.00 25.53 ? 22  ILE A C   1 
ATOM   138  O  O   . ILE A 1 20  ? 0.345   12.664  8.426   1.00 25.84 ? 22  ILE A O   1 
ATOM   139  C  CB  . ILE A 1 20  ? -1.733  14.406  7.143   1.00 23.75 ? 22  ILE A CB  1 
ATOM   140  C  CG1 . ILE A 1 20  ? -2.628  14.882  5.988   1.00 22.16 ? 22  ILE A CG1 1 
ATOM   141  C  CG2 . ILE A 1 20  ? -1.757  15.375  8.358   1.00 25.64 ? 22  ILE A CG2 1 
ATOM   142  C  CD1 . ILE A 1 20  ? -2.389  16.311  5.520   1.00 18.53 ? 22  ILE A CD1 1 
ATOM   143  N  N   . PRO A 1 21  ? 1.583   14.565  8.235   1.00 26.58 ? 23  PRO A N   1 
ATOM   144  C  CA  . PRO A 1 21  ? 2.504   14.123  9.302   1.00 27.38 ? 23  PRO A CA  1 
ATOM   145  C  C   . PRO A 1 21  ? 1.763   13.695  10.564  1.00 27.82 ? 23  PRO A C   1 
ATOM   146  O  O   . PRO A 1 21  ? 0.823   14.384  11.005  1.00 27.90 ? 23  PRO A O   1 
ATOM   147  C  CB  . PRO A 1 21  ? 3.390   15.351  9.584   1.00 28.09 ? 23  PRO A CB  1 
ATOM   148  C  CG  . PRO A 1 21  ? 2.876   16.475  8.755   1.00 27.13 ? 23  PRO A CG  1 
ATOM   149  C  CD  . PRO A 1 21  ? 1.829   15.954  7.793   1.00 26.67 ? 23  PRO A CD  1 
ATOM   150  N  N   . GLY A 1 22  ? 2.158   12.540  11.100  1.00 27.82 ? 24  GLY A N   1 
ATOM   151  C  CA  . GLY A 1 22  ? 1.590   12.017  12.323  1.00 27.78 ? 24  GLY A CA  1 
ATOM   152  C  C   . GLY A 1 22  ? 0.307   11.238  12.135  1.00 27.86 ? 24  GLY A C   1 
ATOM   153  O  O   . GLY A 1 22  ? 0.001   10.355  12.938  1.00 29.13 ? 24  GLY A O   1 
ATOM   154  N  N   . ALA A 1 23  ? -0.444  11.536  11.075  1.00 26.41 ? 25  ALA A N   1 
ATOM   155  C  CA  . ALA A 1 23  ? -1.784  10.961  10.919  1.00 24.91 ? 25  ALA A CA  1 
ATOM   156  C  C   . ALA A 1 23  ? -1.862  9.908   9.820   1.00 23.78 ? 25  ALA A C   1 
ATOM   157  O  O   . ALA A 1 23  ? -2.310  8.788   10.065  1.00 23.50 ? 25  ALA A O   1 
ATOM   158  C  CB  . ALA A 1 23  ? -2.808  12.064  10.669  1.00 24.47 ? 25  ALA A CB  1 
ATOM   159  N  N   . PHE A 1 24  ? -1.454  10.273  8.606   1.00 22.28 ? 26  PHE A N   1 
ATOM   160  C  CA  . PHE A 1 24  ? -1.593  9.381   7.445   1.00 21.52 ? 26  PHE A CA  1 
ATOM   161  C  C   . PHE A 1 24  ? -0.252  9.288   6.715   1.00 21.15 ? 26  PHE A C   1 
ATOM   162  O  O   . PHE A 1 24  ? 0.255   10.316  6.241   1.00 21.54 ? 26  PHE A O   1 
ATOM   163  C  CB  . PHE A 1 24  ? -2.696  9.903   6.496   1.00 21.03 ? 26  PHE A CB  1 
ATOM   164  C  CG  . PHE A 1 24  ? -4.002  10.228  7.197   1.00 20.76 ? 26  PHE A CG  1 
ATOM   165  C  CD1 . PHE A 1 24  ? -4.729  9.224   7.851   1.00 20.13 ? 26  PHE A CD1 1 
ATOM   166  C  CD2 . PHE A 1 24  ? -4.502  11.534  7.210   1.00 19.90 ? 26  PHE A CD2 1 
ATOM   167  C  CE1 . PHE A 1 24  ? -5.927  9.506   8.520   1.00 18.75 ? 26  PHE A CE1 1 
ATOM   168  C  CE2 . PHE A 1 24  ? -5.709  11.833  7.860   1.00 19.46 ? 26  PHE A CE2 1 
ATOM   169  C  CZ  . PHE A 1 24  ? -6.429  10.801  8.527   1.00 18.48 ? 26  PHE A CZ  1 
ATOM   170  N  N   . PRO A 1 25  ? 0.364   8.077   6.656   1.00 20.27 ? 27  PRO A N   1 
ATOM   171  C  CA  . PRO A 1 25  ? 1.721   8.009   6.077   1.00 19.76 ? 27  PRO A CA  1 
ATOM   172  C  C   . PRO A 1 25  ? 1.777   8.488   4.623   1.00 18.95 ? 27  PRO A C   1 
ATOM   173  O  O   . PRO A 1 25  ? 0.786   8.362   3.898   1.00 18.29 ? 27  PRO A O   1 
ATOM   174  C  CB  . PRO A 1 25  ? 2.072   6.502   6.139   1.00 19.83 ? 27  PRO A CB  1 
ATOM   175  C  CG  . PRO A 1 25  ? 0.789   5.811   6.380   1.00 20.20 ? 27  PRO A CG  1 
ATOM   176  C  CD  . PRO A 1 25  ? -0.073  6.762   7.162   1.00 20.05 ? 27  PRO A CD  1 
ATOM   177  N  N   . PRO A 1 26  ? 2.935   9.024   4.191   1.00 18.93 ? 28  PRO A N   1 
ATOM   178  C  CA  . PRO A 1 26  ? 3.070   9.303   2.762   1.00 18.84 ? 28  PRO A CA  1 
ATOM   179  C  C   . PRO A 1 26  ? 3.088   8.007   1.951   1.00 18.82 ? 28  PRO A C   1 
ATOM   180  O  O   . PRO A 1 26  ? 3.565   6.971   2.439   1.00 18.28 ? 28  PRO A O   1 
ATOM   181  C  CB  . PRO A 1 26  ? 4.456   9.972   2.656   1.00 19.58 ? 28  PRO A CB  1 
ATOM   182  C  CG  . PRO A 1 26  ? 5.199   9.503   3.840   1.00 19.53 ? 28  PRO A CG  1 
ATOM   183  C  CD  . PRO A 1 26  ? 4.161   9.364   4.941   1.00 18.80 ? 28  PRO A CD  1 
ATOM   184  N  N   . LEU A 1 27  ? 2.576   8.089   0.727   1.00 18.41 ? 29  LEU A N   1 
ATOM   185  C  CA  . LEU A 1 27  ? 2.789   7.067   -0.294  1.00 18.41 ? 29  LEU A CA  1 
ATOM   186  C  C   . LEU A 1 27  ? 3.859   7.484   -1.307  1.00 19.05 ? 29  LEU A C   1 
ATOM   187  O  O   . LEU A 1 27  ? 4.705   6.671   -1.673  1.00 18.65 ? 29  LEU A O   1 
ATOM   188  C  CB  . LEU A 1 27  ? 1.485   6.725   -0.997  1.00 18.08 ? 29  LEU A CB  1 
ATOM   189  C  CG  . LEU A 1 27  ? 0.335   6.318   -0.074  1.00 16.63 ? 29  LEU A CG  1 
ATOM   190  C  CD1 . LEU A 1 27  ? -0.926  6.129   -0.881  1.00 17.05 ? 29  LEU A CD1 1 
ATOM   191  C  CD2 . LEU A 1 27  ? 0.693   5.051   0.723   1.00 15.62 ? 29  LEU A CD2 1 
ATOM   192  N  N   . ALA A 1 28  ? 3.819   8.745   -1.749  1.00 19.46 ? 30  ALA A N   1 
ATOM   193  C  CA  . ALA A 1 28  ? 4.859   9.314   -2.606  1.00 19.76 ? 30  ALA A CA  1 
ATOM   194  C  C   . ALA A 1 28  ? 6.241   9.188   -1.953  1.00 21.01 ? 30  ALA A C   1 
ATOM   195  O  O   . ALA A 1 28  ? 6.440   9.611   -0.802  1.00 20.80 ? 30  ALA A O   1 
ATOM   196  C  CB  . ALA A 1 28  ? 4.544   10.812  -2.932  1.00 19.74 ? 30  ALA A CB  1 
ATOM   197  N  N   . GLY A 1 29  ? 7.186   8.593   -2.681  1.00 20.75 ? 31  GLY A N   1 
ATOM   198  C  CA  . GLY A 1 29  ? 8.549   8.418   -2.183  1.00 21.57 ? 31  GLY A CA  1 
ATOM   199  C  C   . GLY A 1 29  ? 8.698   7.240   -1.229  1.00 21.78 ? 31  GLY A C   1 
ATOM   200  O  O   . GLY A 1 29  ? 9.812   6.808   -0.964  1.00 22.75 ? 31  GLY A O   1 
ATOM   201  N  N   . HIS A 1 30  ? 7.575   6.707   -0.739  1.00 21.40 ? 32  HIS A N   1 
ATOM   202  C  CA  . HIS A 1 30  ? 7.575   5.635   0.259   1.00 20.68 ? 32  HIS A CA  1 
ATOM   203  C  C   . HIS A 1 30  ? 7.202   4.266   -0.321  1.00 20.21 ? 32  HIS A C   1 
ATOM   204  O  O   . HIS A 1 30  ? 7.646   3.237   0.181   1.00 20.80 ? 32  HIS A O   1 
ATOM   205  C  CB  . HIS A 1 30  ? 6.648   5.993   1.444   1.00 20.62 ? 32  HIS A CB  1 
ATOM   206  C  CG  . HIS A 1 30  ? 6.485   4.891   2.460   1.00 19.21 ? 32  HIS A CG  1 
ATOM   207  N  ND1 . HIS A 1 30  ? 7.548   4.177   2.978   1.00 19.38 ? 32  HIS A ND1 1 
ATOM   208  C  CD2 . HIS A 1 30  ? 5.377   4.410   3.079   1.00 18.77 ? 32  HIS A CD2 1 
ATOM   209  C  CE1 . HIS A 1 30  ? 7.104   3.283   3.845   1.00 16.35 ? 32  HIS A CE1 1 
ATOM   210  N  NE2 . HIS A 1 30  ? 5.790   3.411   3.933   1.00 17.45 ? 32  HIS A NE2 1 
ATOM   211  N  N   . VAL A 1 31  ? 6.376   4.257   -1.364  1.00 19.65 ? 33  VAL A N   1 
ATOM   212  C  CA  . VAL A 1 31  ? 5.993   3.019   -2.047  1.00 18.73 ? 33  VAL A CA  1 
ATOM   213  C  C   . VAL A 1 31  ? 7.245   2.312   -2.600  1.00 18.54 ? 33  VAL A C   1 
ATOM   214  O  O   . VAL A 1 31  ? 7.375   1.092   -2.492  1.00 18.02 ? 33  VAL A O   1 
ATOM   215  C  CB  . VAL A 1 31  ? 4.943   3.300   -3.164  1.00 18.49 ? 33  VAL A CB  1 
ATOM   216  C  CG1 . VAL A 1 31  ? 4.731   2.097   -4.081  1.00 17.86 ? 33  VAL A CG1 1 
ATOM   217  C  CG2 . VAL A 1 31  ? 3.620   3.741   -2.543  1.00 17.72 ? 33  VAL A CG2 1 
ATOM   218  N  N   . ALA A 1 32  ? 8.183   3.084   -3.146  1.00 18.55 ? 34  ALA A N   1 
ATOM   219  C  CA  . ALA A 1 32  ? 9.443   2.514   -3.636  1.00 18.74 ? 34  ALA A CA  1 
ATOM   220  C  C   . ALA A 1 32  ? 10.206  1.752   -2.540  1.00 18.84 ? 34  ALA A C   1 
ATOM   221  O  O   . ALA A 1 32  ? 10.787  0.689   -2.798  1.00 18.84 ? 34  ALA A O   1 
ATOM   222  C  CB  . ALA A 1 32  ? 10.318  3.606   -4.254  1.00 19.37 ? 34  ALA A CB  1 
ATOM   223  N  N   . GLU A 1 33  ? 10.181  2.302   -1.324  1.00 19.10 ? 35  GLU A N   1 
ATOM   224  C  CA  . GLU A 1 33  ? 10.833  1.711   -0.148  1.00 19.68 ? 35  GLU A CA  1 
ATOM   225  C  C   . GLU A 1 33  ? 10.242  0.340   0.167   1.00 19.49 ? 35  GLU A C   1 
ATOM   226  O  O   . GLU A 1 33  ? 10.972  -0.615  0.466   1.00 19.80 ? 35  GLU A O   1 
ATOM   227  C  CB  . GLU A 1 33  ? 10.683  2.647   1.056   1.00 19.57 ? 35  GLU A CB  1 
ATOM   228  C  CG  . GLU A 1 33  ? 11.426  3.976   0.867   1.00 22.55 ? 35  GLU A CG  1 
ATOM   229  C  CD  . GLU A 1 33  ? 11.222  4.976   2.007   1.00 24.99 ? 35  GLU A CD  1 
ATOM   230  O  OE1 . GLU A 1 33  ? 10.125  5.009   2.625   1.00 22.50 ? 35  GLU A OE1 1 
ATOM   231  O  OE2 . GLU A 1 33  ? 12.172  5.764   2.260   1.00 28.19 ? 35  GLU A OE2 1 
ATOM   232  N  N   . ILE A 1 34  ? 8.920   0.247   0.086   1.00 18.82 ? 36  ILE A N   1 
ATOM   233  C  CA  . ILE A 1 34  ? 8.208   -1.016  0.327   1.00 18.67 ? 36  ILE A CA  1 
ATOM   234  C  C   . ILE A 1 34  ? 8.505   -2.028  -0.803  1.00 19.42 ? 36  ILE A C   1 
ATOM   235  O  O   . ILE A 1 34  ? 8.865   -3.183  -0.546  1.00 19.24 ? 36  ILE A O   1 
ATOM   236  C  CB  . ILE A 1 34  ? 6.689   -0.748  0.499   1.00 17.55 ? 36  ILE A CB  1 
ATOM   237  C  CG1 . ILE A 1 34  ? 6.436   0.101   1.760   1.00 18.15 ? 36  ILE A CG1 1 
ATOM   238  C  CG2 . ILE A 1 34  ? 5.888   -2.056  0.530   1.00 17.68 ? 36  ILE A CG2 1 
ATOM   239  C  CD1 . ILE A 1 34  ? 4.999   0.638   1.864   1.00 14.85 ? 36  ILE A CD1 1 
ATOM   240  N  N   . LEU A 1 35  ? 8.371   -1.574  -2.047  1.00 20.16 ? 37  LEU A N   1 
ATOM   241  C  CA  . LEU A 1 35  ? 8.628   -2.390  -3.242  1.00 20.34 ? 37  LEU A CA  1 
ATOM   242  C  C   . LEU A 1 35  ? 10.046  -2.959  -3.281  1.00 21.14 ? 37  LEU A C   1 
ATOM   243  O  O   . LEU A 1 35  ? 10.257  -4.070  -3.798  1.00 21.27 ? 37  LEU A O   1 
ATOM   244  C  CB  . LEU A 1 35  ? 8.368   -1.557  -4.507  1.00 20.12 ? 37  LEU A CB  1 
ATOM   245  C  CG  . LEU A 1 35  ? 6.893   -1.343  -4.857  1.00 20.05 ? 37  LEU A CG  1 
ATOM   246  C  CD1 . LEU A 1 35  ? 6.761   -0.414  -6.073  1.00 20.41 ? 37  LEU A CD1 1 
ATOM   247  C  CD2 . LEU A 1 35  ? 6.205   -2.690  -5.128  1.00 19.93 ? 37  LEU A CD2 1 
ATOM   248  N  N   . ALA A 1 36  ? 10.996  -2.218  -2.707  1.00 21.51 ? 38  ALA A N   1 
ATOM   249  C  CA  . ALA A 1 36  ? 12.401  -2.644  -2.643  1.00 21.98 ? 38  ALA A CA  1 
ATOM   250  C  C   . ALA A 1 36  ? 12.587  -3.915  -1.798  1.00 22.82 ? 38  ALA A C   1 
ATOM   251  O  O   . ALA A 1 36  ? 13.552  -4.686  -1.998  1.00 22.97 ? 38  ALA A O   1 
ATOM   252  C  CB  . ALA A 1 36  ? 13.261  -1.515  -2.106  1.00 21.98 ? 38  ALA A CB  1 
ATOM   253  N  N   . LYS A 1 37  ? 11.661  -4.144  -0.868  1.00 21.61 ? 39  LYS A N   1 
ATOM   254  C  CA  . LYS A 1 37  ? 11.719  -5.334  -0.014  1.00 21.62 ? 39  LYS A CA  1 
ATOM   255  C  C   . LYS A 1 37  ? 11.127  -6.562  -0.686  1.00 21.62 ? 39  LYS A C   1 
ATOM   256  O  O   . LYS A 1 37  ? 10.131  -6.487  -1.423  1.00 20.70 ? 39  LYS A O   1 
ATOM   257  C  CB  . LYS A 1 37  ? 11.002  -5.088  1.322   1.00 21.01 ? 39  LYS A CB  1 
ATOM   258  C  CG  . LYS A 1 37  ? 11.513  -3.878  2.110   1.00 22.03 ? 39  LYS A CG  1 
ATOM   259  C  CD  . LYS A 1 37  ? 13.000  -4.018  2.426   1.00 23.36 ? 39  LYS A CD  1 
ATOM   260  C  CE  . LYS A 1 37  ? 13.422  -3.087  3.564   1.00 27.52 ? 39  LYS A CE  1 
ATOM   261  N  NZ  . LYS A 1 37  ? 14.912  -3.136  3.738   1.00 30.52 ? 39  LYS A NZ  1 
ATOM   262  N  N   . GLU A 1 38  ? 11.747  -7.704  -0.411  1.00 21.69 ? 40  GLU A N   1 
ATOM   263  C  CA  . GLU A 1 38  ? 11.221  -8.988  -0.830  1.00 22.20 ? 40  GLU A CA  1 
ATOM   264  C  C   . GLU A 1 38  ? 9.904   -9.250  -0.102  1.00 21.44 ? 40  GLU A C   1 
ATOM   265  O  O   . GLU A 1 38  ? 9.884   -9.353  1.134   1.00 21.84 ? 40  GLU A O   1 
ATOM   266  C  CB  . GLU A 1 38  ? 12.242  -10.071 -0.483  1.00 23.03 ? 40  GLU A CB  1 
ATOM   267  C  CG  . GLU A 1 38  ? 11.993  -11.398 -1.147  1.00 27.74 ? 40  GLU A CG  1 
ATOM   268  C  CD  . GLU A 1 38  ? 13.283  -12.181 -1.328  1.00 34.94 ? 40  GLU A CD  1 
ATOM   269  O  OE1 . GLU A 1 38  ? 14.244  -11.971 -0.541  1.00 35.78 ? 40  GLU A OE1 1 
ATOM   270  O  OE2 . GLU A 1 38  ? 13.338  -13.003 -2.274  1.00 39.64 ? 40  GLU A OE2 1 
ATOM   271  N  N   . GLY A 1 39  ? 8.819   -9.368  -0.872  1.00 20.60 ? 41  GLY A N   1 
ATOM   272  C  CA  . GLY A 1 39  ? 7.461   -9.468  -0.331  1.00 19.40 ? 41  GLY A CA  1 
ATOM   273  C  C   . GLY A 1 39  ? 6.746   -8.122  -0.251  1.00 18.71 ? 41  GLY A C   1 
ATOM   274  O  O   . GLY A 1 39  ? 5.609   -8.031  0.216   1.00 17.55 ? 41  GLY A O   1 
ATOM   275  N  N   . GLY A 1 40  ? 7.428   -7.068  -0.701  1.00 18.83 ? 42  GLY A N   1 
ATOM   276  C  CA  . GLY A 1 40  ? 6.896   -5.708  -0.636  1.00 18.33 ? 42  GLY A CA  1 
ATOM   277  C  C   . GLY A 1 40  ? 5.617   -5.532  -1.425  1.00 17.95 ? 42  GLY A C   1 
ATOM   278  O  O   . GLY A 1 40  ? 4.666   -4.927  -0.927  1.00 16.93 ? 42  GLY A O   1 
ATOM   279  N  N   . ARG A 1 41  ? 5.582   -6.041  -2.656  1.00 17.74 ? 43  ARG A N   1 
ATOM   280  C  CA  . ARG A 1 41  ? 4.391   -5.839  -3.504  1.00 17.53 ? 43  ARG A CA  1 
ATOM   281  C  C   . ARG A 1 41  ? 3.186   -6.620  -2.960  1.00 17.55 ? 43  ARG A C   1 
ATOM   282  O  O   . ARG A 1 41  ? 2.073   -6.103  -2.962  1.00 16.17 ? 43  ARG A O   1 
ATOM   283  C  CB  . ARG A 1 41  ? 4.650   -6.118  -4.996  1.00 18.72 ? 43  ARG A CB  1 
ATOM   284  C  CG  . ARG A 1 41  ? 4.796   -7.546  -5.410  1.00 19.14 ? 43  ARG A CG  1 
ATOM   285  C  CD  . ARG A 1 41  ? 5.251   -7.601  -6.879  1.00 20.85 ? 43  ARG A CD  1 
ATOM   286  N  NE  . ARG A 1 41  ? 4.186   -7.348  -7.868  1.00 18.76 ? 43  ARG A NE  1 
ATOM   287  C  CZ  . ARG A 1 41  ? 4.295   -6.497  -8.884  1.00 19.60 ? 43  ARG A CZ  1 
ATOM   288  N  NH1 . ARG A 1 41  ? 5.392   -5.755  -9.018  1.00 21.12 ? 43  ARG A NH1 1 
ATOM   289  N  NH2 . ARG A 1 41  ? 3.310   -6.370  -9.767  1.00 18.97 ? 43  ARG A NH2 1 
ATOM   290  N  N   . GLU A 1 42  ? 3.433   -7.840  -2.466  1.00 16.60 ? 44  GLU A N   1 
ATOM   291  C  CA  . GLU A 1 42  ? 2.376   -8.640  -1.801  1.00 17.26 ? 44  GLU A CA  1 
ATOM   292  C  C   . GLU A 1 42  ? 1.835   -7.862  -0.602  1.00 16.12 ? 44  GLU A C   1 
ATOM   293  O  O   . GLU A 1 42  ? 0.634   -7.786  -0.384  1.00 15.06 ? 44  GLU A O   1 
ATOM   294  C  CB  . GLU A 1 42  ? 2.930   -10.010 -1.337  1.00 17.79 ? 44  GLU A CB  1 
ATOM   295  C  CG  . GLU A 1 42  ? 3.200   -11.023 -2.476  1.00 20.79 ? 44  GLU A CG  1 
ATOM   296  C  CD  . GLU A 1 42  ? 4.415   -10.690 -3.380  1.00 25.40 ? 44  GLU A CD  1 
ATOM   297  O  OE1 . GLU A 1 42  ? 5.421   -10.073 -2.908  1.00 25.61 ? 44  GLU A OE1 1 
ATOM   298  O  OE2 . GLU A 1 42  ? 4.352   -11.068 -4.590  1.00 26.72 ? 44  GLU A OE2 1 
ATOM   299  N  N   . TYR A 1 43  ? 2.743   -7.261  0.156   1.00 16.22 ? 45  TYR A N   1 
ATOM   300  C  CA  . TYR A 1 43  ? 2.364   -6.538  1.357   1.00 15.74 ? 45  TYR A CA  1 
ATOM   301  C  C   . TYR A 1 43  ? 1.402   -5.404  1.026   1.00 15.56 ? 45  TYR A C   1 
ATOM   302  O  O   . TYR A 1 43  ? 0.395   -5.237  1.705   1.00 14.92 ? 45  TYR A O   1 
ATOM   303  C  CB  . TYR A 1 43  ? 3.581   -6.000  2.120   1.00 15.78 ? 45  TYR A CB  1 
ATOM   304  C  CG  . TYR A 1 43  ? 3.181   -4.978  3.163   1.00 15.90 ? 45  TYR A CG  1 
ATOM   305  C  CD1 . TYR A 1 43  ? 2.551   -5.374  4.360   1.00 18.33 ? 45  TYR A CD1 1 
ATOM   306  C  CD2 . TYR A 1 43  ? 3.380   -3.615  2.938   1.00 15.66 ? 45  TYR A CD2 1 
ATOM   307  C  CE1 . TYR A 1 43  ? 2.155   -4.432  5.308   1.00 16.36 ? 45  TYR A CE1 1 
ATOM   308  C  CE2 . TYR A 1 43  ? 2.992   -2.668  3.883   1.00 15.58 ? 45  TYR A CE2 1 
ATOM   309  C  CZ  . TYR A 1 43  ? 2.379   -3.082  5.052   1.00 16.25 ? 45  TYR A CZ  1 
ATOM   310  O  OH  . TYR A 1 43  ? 1.993   -2.139  5.968   1.00 16.85 ? 45  TYR A OH  1 
ATOM   311  N  N   . LEU A 1 44  ? 1.709   -4.638  -0.020  1.00 15.08 ? 46  LEU A N   1 
ATOM   312  C  CA  . LEU A 1 44  ? 0.812   -3.555  -0.469  1.00 15.03 ? 46  LEU A CA  1 
ATOM   313  C  C   . LEU A 1 44  ? -0.604  -4.047  -0.788  1.00 14.65 ? 46  LEU A C   1 
ATOM   314  O  O   . LEU A 1 44  ? -1.582  -3.394  -0.426  1.00 14.65 ? 46  LEU A O   1 
ATOM   315  C  CB  . LEU A 1 44  ? 1.415   -2.833  -1.688  1.00 14.75 ? 46  LEU A CB  1 
ATOM   316  C  CG  . LEU A 1 44  ? 2.653   -1.999  -1.337  1.00 14.64 ? 46  LEU A CG  1 
ATOM   317  C  CD1 . LEU A 1 44  ? 3.390   -1.571  -2.606  1.00 14.46 ? 46  LEU A CD1 1 
ATOM   318  C  CD2 . LEU A 1 44  ? 2.292   -0.805  -0.448  1.00 15.01 ? 46  LEU A CD2 1 
ATOM   319  N  N   . ILE A 1 45  ? -0.706  -5.192  -1.467  1.00 14.90 ? 47  ILE A N   1 
ATOM   320  C  CA  . ILE A 1 45  ? -2.001  -5.850  -1.695  1.00 14.61 ? 47  ILE A CA  1 
ATOM   321  C  C   . ILE A 1 45  ? -2.703  -6.217  -0.386  1.00 15.36 ? 47  ILE A C   1 
ATOM   322  O  O   . ILE A 1 45  ? -3.904  -6.009  -0.241  1.00 15.46 ? 47  ILE A O   1 
ATOM   323  C  CB  . ILE A 1 45  ? -1.878  -7.086  -2.608  1.00 15.80 ? 47  ILE A CB  1 
ATOM   324  C  CG1 . ILE A 1 45  ? -1.355  -6.671  -4.001  1.00 15.65 ? 47  ILE A CG1 1 
ATOM   325  C  CG2 . ILE A 1 45  ? -3.227  -7.814  -2.694  1.00 13.60 ? 47  ILE A CG2 1 
ATOM   326  C  CD1 . ILE A 1 45  ? -0.794  -7.829  -4.856  1.00 17.05 ? 47  ILE A CD1 1 
ATOM   327  N  N   . LEU A 1 46  ? -1.962  -6.758  0.575   1.00 15.45 ? 48  LEU A N   1 
ATOM   328  C  CA  . LEU A 1 46  ? -2.585  -7.140  1.846   1.00 15.61 ? 48  LEU A CA  1 
ATOM   329  C  C   . LEU A 1 46  ? -3.167  -5.942  2.581   1.00 14.93 ? 48  LEU A C   1 
ATOM   330  O  O   . LEU A 1 46  ? -4.217  -6.056  3.195   1.00 14.23 ? 48  LEU A O   1 
ATOM   331  C  CB  . LEU A 1 46  ? -1.596  -7.870  2.749   1.00 15.62 ? 48  LEU A CB  1 
ATOM   332  C  CG  . LEU A 1 46  ? -1.050  -9.187  2.189   1.00 15.48 ? 48  LEU A CG  1 
ATOM   333  C  CD1 . LEU A 1 46  ? 0.049   -9.704  3.117   1.00 15.96 ? 48  LEU A CD1 1 
ATOM   334  C  CD2 . LEU A 1 46  ? -2.180  -10.194 2.028   1.00 15.93 ? 48  LEU A CD2 1 
ATOM   335  N  N   . VAL A 1 47  ? -2.480  -4.804  2.522   1.00 15.23 ? 49  VAL A N   1 
ATOM   336  C  CA  . VAL A 1 47  ? -2.991  -3.579  3.152   1.00 14.62 ? 49  VAL A CA  1 
ATOM   337  C  C   . VAL A 1 47  ? -4.367  -3.237  2.581   1.00 14.99 ? 49  VAL A C   1 
ATOM   338  O  O   . VAL A 1 47  ? -5.318  -2.950  3.335   1.00 14.25 ? 49  VAL A O   1 
ATOM   339  C  CB  . VAL A 1 47  ? -1.997  -2.393  3.025   1.00 15.14 ? 49  VAL A CB  1 
ATOM   340  C  CG1 . VAL A 1 47  ? -2.614  -1.083  3.474   1.00 13.12 ? 49  VAL A CG1 1 
ATOM   341  C  CG2 . VAL A 1 47  ? -0.748  -2.663  3.840   1.00 14.20 ? 49  VAL A CG2 1 
ATOM   342  N  N   . LEU A 1 48  ? -4.499  -3.293  1.256   1.00 14.49 ? 50  LEU A N   1 
ATOM   343  C  CA  . LEU A 1 48  ? -5.778  -2.929  0.645   1.00 15.21 ? 50  LEU A CA  1 
ATOM   344  C  C   . LEU A 1 48  ? -6.867  -3.971  0.874   1.00 14.89 ? 50  LEU A C   1 
ATOM   345  O  O   . LEU A 1 48  ? -8.040  -3.630  1.050   1.00 14.99 ? 50  LEU A O   1 
ATOM   346  C  CB  . LEU A 1 48  ? -5.618  -2.638  -0.857  1.00 15.51 ? 50  LEU A CB  1 
ATOM   347  C  CG  . LEU A 1 48  ? -5.234  -1.173  -1.127  1.00 16.70 ? 50  LEU A CG  1 
ATOM   348  C  CD1 . LEU A 1 48  ? -3.875  -0.780  -0.495  1.00 17.10 ? 50  LEU A CD1 1 
ATOM   349  C  CD2 . LEU A 1 48  ? -5.213  -0.931  -2.606  1.00 19.40 ? 50  LEU A CD2 1 
ATOM   350  N  N   . LEU A 1 49  ? -6.484  -5.238  0.866   1.00 14.07 ? 51  LEU A N   1 
ATOM   351  C  CA  . LEU A 1 49  ? -7.449  -6.303  1.118   1.00 14.51 ? 51  LEU A CA  1 
ATOM   352  C  C   . LEU A 1 49  ? -7.918  -6.354  2.572   1.00 14.10 ? 51  LEU A C   1 
ATOM   353  O  O   . LEU A 1 49  ? -9.086  -6.604  2.830   1.00 14.84 ? 51  LEU A O   1 
ATOM   354  C  CB  . LEU A 1 49  ? -6.857  -7.652  0.732   1.00 14.40 ? 51  LEU A CB  1 
ATOM   355  C  CG  . LEU A 1 49  ? -6.770  -7.982  -0.754  1.00 14.34 ? 51  LEU A CG  1 
ATOM   356  C  CD1 . LEU A 1 49  ? -6.004  -9.307  -0.935  1.00 15.47 ? 51  LEU A CD1 1 
ATOM   357  C  CD2 . LEU A 1 49  ? -8.139  -8.094  -1.374  1.00 15.77 ? 51  LEU A CD2 1 
ATOM   358  N  N   . TYR A 1 50  ? -7.007  -6.101  3.512   1.00 14.21 ? 52  TYR A N   1 
ATOM   359  C  CA  . TYR A 1 50  ? -7.246  -6.458  4.913   1.00 13.85 ? 52  TYR A CA  1 
ATOM   360  C  C   . TYR A 1 50  ? -7.059  -5.327  5.906   1.00 14.42 ? 52  TYR A C   1 
ATOM   361  O  O   . TYR A 1 50  ? -7.400  -5.491  7.084   1.00 14.61 ? 52  TYR A O   1 
ATOM   362  C  CB  . TYR A 1 50  ? -6.372  -7.676  5.298   1.00 13.99 ? 52  TYR A CB  1 
ATOM   363  C  CG  . TYR A 1 50  ? -6.605  -8.859  4.359   1.00 12.22 ? 52  TYR A CG  1 
ATOM   364  C  CD1 . TYR A 1 50  ? -7.880  -9.411  4.215   1.00 14.77 ? 52  TYR A CD1 1 
ATOM   365  C  CD2 . TYR A 1 50  ? -5.562  -9.408  3.613   1.00 12.03 ? 52  TYR A CD2 1 
ATOM   366  C  CE1 . TYR A 1 50  ? -8.121  -10.470 3.365   1.00 13.40 ? 52  TYR A CE1 1 
ATOM   367  C  CE2 . TYR A 1 50  ? -5.792  -10.473 2.741   1.00 12.95 ? 52  TYR A CE2 1 
ATOM   368  C  CZ  . TYR A 1 50  ? -7.067  -11.001 2.630   1.00 15.78 ? 52  TYR A CZ  1 
ATOM   369  O  OH  . TYR A 1 50  ? -7.310  -12.061 1.762   1.00 15.50 ? 52  TYR A OH  1 
ATOM   370  N  N   . GLY A 1 51  ? -6.548  -4.183  5.444   1.00 14.18 ? 53  GLY A N   1 
ATOM   371  C  CA  . GLY A 1 51  ? -6.352  -3.034  6.328   1.00 14.30 ? 53  GLY A CA  1 
ATOM   372  C  C   . GLY A 1 51  ? -5.071  -3.140  7.118   1.00 14.69 ? 53  GLY A C   1 
ATOM   373  O  O   . GLY A 1 51  ? -4.288  -4.075  6.914   1.00 14.60 ? 53  GLY A O   1 
ATOM   374  N  N   . LEU A 1 52  ? -4.837  -2.163  7.994   1.00 14.70 ? 54  LEU A N   1 
ATOM   375  C  CA  . LEU A 1 52  ? -3.589  -2.096  8.754   1.00 14.91 ? 54  LEU A CA  1 
ATOM   376  C  C   . LEU A 1 52  ? -3.843  -1.446  10.103  1.00 15.62 ? 54  LEU A C   1 
ATOM   377  O  O   . LEU A 1 52  ? -4.718  -0.569  10.211  1.00 15.08 ? 54  LEU A O   1 
ATOM   378  C  CB  . LEU A 1 52  ? -2.511  -1.307  7.964   1.00 14.74 ? 54  LEU A CB  1 
ATOM   379  C  CG  . LEU A 1 52  ? -1.083  -1.147  8.522   1.00 15.42 ? 54  LEU A CG  1 
ATOM   380  C  CD1 . LEU A 1 52  ? -0.365  -2.499  8.803   1.00 14.83 ? 54  LEU A CD1 1 
ATOM   381  C  CD2 . LEU A 1 52  ? -0.216  -0.293  7.595   1.00 12.71 ? 54  LEU A CD2 1 
ATOM   382  N  N   . GLN A 1 53  ? -3.088  -1.878  11.121  1.00 16.04 ? 55  GLN A N   1 
ATOM   383  C  CA  . GLN A 1 53  ? -3.056  -1.215  12.426  1.00 16.74 ? 55  GLN A CA  1 
ATOM   384  C  C   . GLN A 1 53  ? -1.655  -1.300  13.026  1.00 17.83 ? 55  GLN A C   1 
ATOM   385  O  O   . GLN A 1 53  ? -0.800  -2.049  12.528  1.00 17.89 ? 55  GLN A O   1 
ATOM   386  C  CB  . GLN A 1 53  ? -4.089  -1.836  13.393  1.00 16.41 ? 55  GLN A CB  1 
ATOM   387  C  CG  . GLN A 1 53  ? -3.777  -3.309  13.774  1.00 15.95 ? 55  GLN A CG  1 
ATOM   388  C  CD  . GLN A 1 53  ? -4.913  -4.000  14.508  1.00 17.58 ? 55  GLN A CD  1 
ATOM   389  O  OE1 . GLN A 1 53  ? -6.083  -3.848  14.160  1.00 17.19 ? 55  GLN A OE1 1 
ATOM   390  N  NE2 . GLN A 1 53  ? -4.568  -4.762  15.549  1.00 16.23 ? 55  GLN A NE2 1 
ATOM   391  N  N   . GLY A 1 54  ? -1.433  -0.541  14.100  1.00 18.41 ? 56  GLY A N   1 
ATOM   392  C  CA  . GLY A 1 54  ? -0.211  -0.620  14.881  1.00 19.54 ? 56  GLY A CA  1 
ATOM   393  C  C   . GLY A 1 54  ? 0.790   0.485   14.602  1.00 20.46 ? 56  GLY A C   1 
ATOM   394  O  O   . GLY A 1 54  ? 0.684   1.226   13.619  1.00 19.98 ? 56  GLY A O   1 
ATOM   395  N  N   . GLN A 1 55  ? 1.784   0.596   15.471  1.00 21.08 ? 57  GLN A N   1 
ATOM   396  C  CA  . GLN A 1 55  ? 2.809   1.609   15.303  1.00 22.61 ? 57  GLN A CA  1 
ATOM   397  C  C   . GLN A 1 55  ? 3.781   1.252   14.186  1.00 22.51 ? 57  GLN A C   1 
ATOM   398  O  O   . GLN A 1 55  ? 4.303   0.144   14.136  1.00 22.18 ? 57  GLN A O   1 
ATOM   399  C  CB  . GLN A 1 55  ? 3.571   1.825   16.612  1.00 23.30 ? 57  GLN A CB  1 
ATOM   400  C  CG  . GLN A 1 55  ? 4.606   2.927   16.524  1.00 26.52 ? 57  GLN A CG  1 
ATOM   401  C  CD  . GLN A 1 55  ? 5.058   3.396   17.891  1.00 32.22 ? 57  GLN A CD  1 
ATOM   402  O  OE1 . GLN A 1 55  ? 4.321   4.078   18.606  1.00 35.56 ? 57  GLN A OE1 1 
ATOM   403  N  NE2 . GLN A 1 55  ? 6.271   3.030   18.263  1.00 33.23 ? 57  GLN A NE2 1 
ATOM   404  N  N   . ILE A 1 56  ? 3.984   2.198   13.271  1.00 22.67 ? 58  ILE A N   1 
ATOM   405  C  CA  . ILE A 1 56  ? 4.907   2.013   12.159  1.00 23.23 ? 58  ILE A CA  1 
ATOM   406  C  C   . ILE A 1 56  ? 5.763   3.257   12.018  1.00 24.15 ? 58  ILE A C   1 
ATOM   407  O  O   . ILE A 1 56  ? 5.428   4.306   12.564  1.00 25.26 ? 58  ILE A O   1 
ATOM   408  C  CB  . ILE A 1 56  ? 4.177   1.700   10.804  1.00 22.64 ? 58  ILE A CB  1 
ATOM   409  C  CG1 . ILE A 1 56  ? 3.215   2.833   10.421  1.00 21.55 ? 58  ILE A CG1 1 
ATOM   410  C  CG2 . ILE A 1 56  ? 3.469   0.358   10.878  1.00 21.59 ? 58  ILE A CG2 1 
ATOM   411  C  CD1 . ILE A 1 56  ? 2.818   2.875   8.963   1.00 22.32 ? 58  ILE A CD1 1 
ATOM   412  N  N   . GLU A 1 57  ? 6.862   3.136   11.287  1.00 24.44 ? 59  GLU A N   1 
ATOM   413  C  CA  . GLU A 1 57  ? 7.726   4.265   11.004  1.00 25.24 ? 59  GLU A CA  1 
ATOM   414  C  C   . GLU A 1 57  ? 7.773   4.500   9.497   1.00 24.43 ? 59  GLU A C   1 
ATOM   415  O  O   . GLU A 1 57  ? 7.935   3.561   8.710   1.00 23.50 ? 59  GLU A O   1 
ATOM   416  C  CB  . GLU A 1 57  ? 9.126   3.974   11.537  1.00 25.95 ? 59  GLU A CB  1 
ATOM   417  C  CG  . GLU A 1 57  ? 9.923   5.196   11.927  1.00 30.46 ? 59  GLU A CG  1 
ATOM   418  C  CD  . GLU A 1 57  ? 11.267  4.821   12.538  1.00 35.85 ? 59  GLU A CD  1 
ATOM   419  O  OE1 . GLU A 1 57  ? 11.294  3.962   13.452  1.00 37.32 ? 59  GLU A OE1 1 
ATOM   420  O  OE2 . GLU A 1 57  ? 12.298  5.383   12.093  1.00 38.69 ? 59  GLU A OE2 1 
ATOM   421  N  N   . VAL A 1 58  ? 7.602   5.751   9.089   1.00 24.21 ? 60  VAL A N   1 
ATOM   422  C  CA  . VAL A 1 58  ? 7.760   6.103   7.681   1.00 24.43 ? 60  VAL A CA  1 
ATOM   423  C  C   . VAL A 1 58  ? 8.584   7.391   7.607   1.00 25.77 ? 60  VAL A C   1 
ATOM   424  O  O   . VAL A 1 58  ? 8.193   8.411   8.204   1.00 25.58 ? 60  VAL A O   1 
ATOM   425  C  CB  . VAL A 1 58  ? 6.399   6.268   6.978   1.00 24.01 ? 60  VAL A CB  1 
ATOM   426  C  CG1 . VAL A 1 58  ? 6.593   6.744   5.556   1.00 23.06 ? 60  VAL A CG1 1 
ATOM   427  C  CG2 . VAL A 1 58  ? 5.587   4.966   7.019   1.00 23.58 ? 60  VAL A CG2 1 
ATOM   428  N  N   . LYS A 1 59  ? 9.719   7.323   6.895   1.00 26.61 ? 61  LYS A N   1 
ATOM   429  C  CA  . LYS A 1 59  ? 10.726  8.404   6.831   1.00 28.17 ? 61  LYS A CA  1 
ATOM   430  C  C   . LYS A 1 59  ? 11.136  8.863   8.239   1.00 28.99 ? 61  LYS A C   1 
ATOM   431  O  O   . LYS A 1 59  ? 11.259  10.065  8.519   1.00 29.53 ? 61  LYS A O   1 
ATOM   432  C  CB  . LYS A 1 59  ? 10.228  9.583   5.983   1.00 28.18 ? 61  LYS A CB  1 
ATOM   433  C  CG  . LYS A 1 59  ? 9.704   9.213   4.585   1.00 30.76 ? 61  LYS A CG  1 
ATOM   434  C  CD  . LYS A 1 59  ? 10.795  9.202   3.517   1.00 32.38 ? 61  LYS A CD  1 
ATOM   435  C  CE  . LYS A 1 59  ? 10.230  8.783   2.137   1.00 34.75 ? 61  LYS A CE  1 
ATOM   436  N  NZ  . LYS A 1 59  ? 8.762   9.132   1.928   1.00 34.45 ? 61  LYS A NZ  1 
ATOM   437  N  N   . GLY A 1 60  ? 11.325  7.903   9.131   1.00 29.67 ? 62  GLY A N   1 
ATOM   438  C  CA  . GLY A 1 60  ? 11.686  8.219   10.519  1.00 30.36 ? 62  GLY A CA  1 
ATOM   439  C  C   . GLY A 1 60  ? 10.587  8.815   11.396  1.00 30.90 ? 62  GLY A C   1 
ATOM   440  O  O   . GLY A 1 60  ? 10.840  9.161   12.552  1.00 31.51 ? 62  GLY A O   1 
ATOM   441  N  N   . MET A 1 61  ? 9.375   8.952   10.863  1.00 30.41 ? 63  MET A N   1 
ATOM   442  C  CA  . MET A 1 61  ? 8.244   9.506   11.627  1.00 30.44 ? 63  MET A CA  1 
ATOM   443  C  C   . MET A 1 61  ? 7.362   8.355   12.087  1.00 29.42 ? 63  MET A C   1 
ATOM   444  O  O   . MET A 1 61  ? 7.224   7.385   11.360  1.00 28.24 ? 63  MET A O   1 
ATOM   445  C  CB  . MET A 1 61  ? 7.412   10.436  10.747  1.00 31.18 ? 63  MET A CB  1 
ATOM   446  C  CG  . MET A 1 61  ? 8.168   11.592  10.093  1.00 35.72 ? 63  MET A CG  1 
ATOM   447  S  SD  . MET A 1 61  ? 7.705   13.193  10.821  1.00 45.22 ? 63  MET A SD  1 
ATOM   448  C  CE  . MET A 1 61  ? 5.900   13.111  10.700  1.00 42.35 ? 63  MET A CE  1 
ATOM   449  N  N   . LYS A 1 62  ? 6.778   8.458   13.286  1.00 28.78 ? 64  LYS A N   1 
ATOM   450  C  CA  . LYS A 1 62  ? 5.873   7.414   13.802  1.00 28.07 ? 64  LYS A CA  1 
ATOM   451  C  C   . LYS A 1 62  ? 4.389   7.629   13.454  1.00 27.07 ? 64  LYS A C   1 
ATOM   452  O  O   . LYS A 1 62  ? 3.872   8.748   13.506  1.00 26.68 ? 64  LYS A O   1 
ATOM   453  C  CB  . LYS A 1 62  ? 6.049   7.240   15.322  1.00 28.50 ? 64  LYS A CB  1 
ATOM   454  C  CG  . LYS A 1 62  ? 6.847   6.010   15.785  1.00 30.60 ? 64  LYS A CG  1 
ATOM   455  C  CD  . LYS A 1 62  ? 8.018   5.636   14.873  1.00 31.96 ? 64  LYS A CD  1 
ATOM   456  C  CE  . LYS A 1 62  ? 9.197   5.021   15.655  1.00 35.34 ? 64  LYS A CE  1 
ATOM   457  N  NZ  . LYS A 1 62  ? 9.068   3.548   15.916  1.00 34.41 ? 64  LYS A NZ  1 
ATOM   458  N  N   . TYR A 1 63  ? 3.715   6.539   13.084  1.00 25.88 ? 65  TYR A N   1 
ATOM   459  C  CA  . TYR A 1 63  ? 2.268   6.547   12.884  1.00 24.61 ? 65  TYR A CA  1 
ATOM   460  C  C   . TYR A 1 63  ? 1.681   5.489   13.770  1.00 24.54 ? 65  TYR A C   1 
ATOM   461  O  O   . TYR A 1 63  ? 2.287   4.443   13.993  1.00 24.53 ? 65  TYR A O   1 
ATOM   462  C  CB  . TYR A 1 63  ? 1.888   6.304   11.413  1.00 24.41 ? 65  TYR A CB  1 
ATOM   463  C  CG  . TYR A 1 63  ? 2.436   7.389   10.529  1.00 22.18 ? 65  TYR A CG  1 
ATOM   464  C  CD1 . TYR A 1 63  ? 3.781   7.389   10.149  1.00 21.98 ? 65  TYR A CD1 1 
ATOM   465  C  CD2 . TYR A 1 63  ? 1.629   8.432   10.102  1.00 22.30 ? 65  TYR A CD2 1 
ATOM   466  C  CE1 . TYR A 1 63  ? 4.309   8.407   9.360   1.00 22.35 ? 65  TYR A CE1 1 
ATOM   467  C  CE2 . TYR A 1 63  ? 2.143   9.461   9.313   1.00 22.12 ? 65  TYR A CE2 1 
ATOM   468  C  CZ  . TYR A 1 63  ? 3.481   9.436   8.948   1.00 22.49 ? 65  TYR A CZ  1 
ATOM   469  O  OH  . TYR A 1 63  ? 3.987   10.443  8.177   1.00 23.48 ? 65  TYR A OH  1 
ATOM   470  N  N   . ASN A 1 64  ? 0.503   5.776   14.305  1.00 24.28 ? 66  ASN A N   1 
ATOM   471  C  CA  . ASN A 1 64  ? -0.155  4.814   15.151  1.00 24.30 ? 66  ASN A CA  1 
ATOM   472  C  C   . ASN A 1 64  ? -1.655  4.783   14.955  1.00 23.59 ? 66  ASN A C   1 
ATOM   473  O  O   . ASN A 1 64  ? -2.435  4.901   15.923  1.00 23.93 ? 66  ASN A O   1 
ATOM   474  C  CB  . ASN A 1 64  ? 0.174   5.089   16.598  1.00 24.96 ? 66  ASN A CB  1 
ATOM   475  C  CG  . ASN A 1 64  ? 0.275   3.840   17.387  1.00 27.98 ? 66  ASN A CG  1 
ATOM   476  O  OD1 . ASN A 1 64  ? -0.605  2.972   17.349  1.00 31.66 ? 66  ASN A OD1 1 
ATOM   477  N  ND2 . ASN A 1 64  ? 1.381   3.707   18.093  1.00 31.59 ? 66  ASN A ND2 1 
ATOM   478  N  N   . GLY A 1 65  ? -2.060  4.593   13.705  1.00 22.26 ? 67  GLY A N   1 
ATOM   479  C  CA  . GLY A 1 65  ? -3.453  4.651   13.355  1.00 20.45 ? 67  GLY A CA  1 
ATOM   480  C  C   . GLY A 1 65  ? -3.997  3.326   12.879  1.00 20.22 ? 67  GLY A C   1 
ATOM   481  O  O   . GLY A 1 65  ? -3.426  2.244   13.125  1.00 20.70 ? 67  GLY A O   1 
ATOM   482  N  N   . VAL A 1 66  ? -5.137  3.424   12.224  1.00 19.73 ? 68  VAL A N   1 
ATOM   483  C  CA  . VAL A 1 66  ? -5.839  2.284   11.683  1.00 19.78 ? 68  VAL A CA  1 
ATOM   484  C  C   . VAL A 1 66  ? -6.244  2.637   10.251  1.00 19.77 ? 68  VAL A C   1 
ATOM   485  O  O   . VAL A 1 66  ? -6.764  3.740   9.982   1.00 19.62 ? 68  VAL A O   1 
ATOM   486  C  CB  . VAL A 1 66  ? -7.077  1.902   12.583  1.00 19.96 ? 68  VAL A CB  1 
ATOM   487  C  CG1 . VAL A 1 66  ? -7.988  0.912   11.908  1.00 21.30 ? 68  VAL A CG1 1 
ATOM   488  C  CG2 . VAL A 1 66  ? -6.599  1.327   13.964  1.00 19.94 ? 68  VAL A CG2 1 
ATOM   489  N  N   . MET A 1 67  ? -5.970  1.712   9.335   1.00 18.70 ? 69  MET A N   1 
ATOM   490  C  CA  . MET A 1 67  ? -6.559  1.758   8.002   1.00 18.67 ? 69  MET A CA  1 
ATOM   491  C  C   . MET A 1 67  ? -7.577  0.642   7.830   1.00 18.77 ? 69  MET A C   1 
ATOM   492  O  O   . MET A 1 67  ? -7.307  -0.523  8.118   1.00 17.80 ? 69  MET A O   1 
ATOM   493  C  CB  . MET A 1 67  ? -5.497  1.656   6.898   1.00 18.81 ? 69  MET A CB  1 
ATOM   494  C  CG  . MET A 1 67  ? -6.084  1.686   5.487   1.00 18.00 ? 69  MET A CG  1 
ATOM   495  S  SD  . MET A 1 67  ? -4.771  1.814   4.270   1.00 15.84 ? 69  MET A SD  1 
ATOM   496  C  CE  . MET A 1 67  ? -5.583  1.129   2.822   1.00 17.03 ? 69  MET A CE  1 
ATOM   497  N  N   . SER A 1 68  ? -8.761  1.025   7.372   1.00 18.57 ? 70  SER A N   1 
ATOM   498  C  CA  . SER A 1 68  ? -9.762  0.063   6.958   1.00 20.03 ? 70  SER A CA  1 
ATOM   499  C  C   . SER A 1 68  ? -9.339  -0.829  5.782   1.00 19.95 ? 70  SER A C   1 
ATOM   500  O  O   . SER A 1 68  ? -8.464  -0.465  4.963   1.00 18.98 ? 70  SER A O   1 
ATOM   501  C  CB  . SER A 1 68  ? -11.059 0.798   6.621   1.00 21.06 ? 70  SER A CB  1 
ATOM   502  O  OG  . SER A 1 68  ? -11.889 -0.045  5.837   1.00 25.77 ? 70  SER A OG  1 
ATOM   503  N  N   . SER A 1 69  ? -9.971  -2.002  5.715   1.00 19.35 ? 71  SER A N   1 
ATOM   504  C  CA  . SER A 1 69  ? -9.969  -2.872  4.528   1.00 19.74 ? 71  SER A CA  1 
ATOM   505  C  C   . SER A 1 69  ? -10.691 -2.238  3.327   1.00 19.49 ? 71  SER A C   1 
ATOM   506  O  O   . SER A 1 69  ? -11.716 -1.557  3.498   1.00 18.44 ? 71  SER A O   1 
ATOM   507  C  CB  . SER A 1 69  ? -10.648 -4.206  4.907   1.00 20.23 ? 71  SER A CB  1 
ATOM   508  O  OG  . SER A 1 69  ? -11.210 -4.868  3.785   1.00 22.47 ? 71  SER A OG  1 
ATOM   509  N  N   . PHE A 1 70  ? -10.174 -2.491  2.125   1.00 19.40 ? 72  PHE A N   1 
ATOM   510  C  CA  . PHE A 1 70  ? -10.818 -2.077  0.861   1.00 19.04 ? 72  PHE A CA  1 
ATOM   511  C  C   . PHE A 1 70  ? -11.156 -3.272  -0.011  1.00 19.50 ? 72  PHE A C   1 
ATOM   512  O  O   . PHE A 1 70  ? -11.125 -3.177  -1.241  1.00 19.54 ? 72  PHE A O   1 
ATOM   513  C  CB  . PHE A 1 70  ? -9.941  -1.070  0.087   1.00 18.62 ? 72  PHE A CB  1 
ATOM   514  C  CG  . PHE A 1 70  ? -10.007 0.337   0.647   1.00 18.77 ? 72  PHE A CG  1 
ATOM   515  C  CD1 . PHE A 1 70  ? -9.326  0.669   1.829   1.00 19.16 ? 72  PHE A CD1 1 
ATOM   516  C  CD2 . PHE A 1 70  ? -10.762 1.317   0.007   1.00 19.25 ? 72  PHE A CD2 1 
ATOM   517  C  CE1 . PHE A 1 70  ? -9.399  1.963   2.375   1.00 20.35 ? 72  PHE A CE1 1 
ATOM   518  C  CE2 . PHE A 1 70  ? -10.850 2.630   0.548   1.00 20.08 ? 72  PHE A CE2 1 
ATOM   519  C  CZ  . PHE A 1 70  ? -10.159 2.944   1.730   1.00 18.50 ? 72  PHE A CZ  1 
ATOM   520  N  N   . ALA A 1 71  ? -11.511 -4.387  0.629   1.00 20.22 ? 73  ALA A N   1 
ATOM   521  C  CA  . ALA A 1 71  ? -11.798 -5.630  -0.081  1.00 20.86 ? 73  ALA A CA  1 
ATOM   522  C  C   . ALA A 1 71  ? -13.052 -5.560  -0.941  1.00 20.91 ? 73  ALA A C   1 
ATOM   523  O  O   . ALA A 1 71  ? -13.306 -6.460  -1.741  1.00 20.35 ? 73  ALA A O   1 
ATOM   524  C  CB  . ALA A 1 71  ? -11.908 -6.788  0.899   1.00 21.21 ? 73  ALA A CB  1 
ATOM   525  N  N   . GLN A 1 72  ? -13.848 -4.510  -0.766  1.00 21.14 ? 74  GLN A N   1 
ATOM   526  C  CA  . GLN A 1 72  ? -15.016 -4.322  -1.632  1.00 21.76 ? 74  GLN A CA  1 
ATOM   527  C  C   . GLN A 1 72  ? -14.604 -3.920  -3.056  1.00 21.73 ? 74  GLN A C   1 
ATOM   528  O  O   . GLN A 1 72  ? -15.379 -4.083  -3.994  1.00 21.46 ? 74  GLN A O   1 
ATOM   529  C  CB  . GLN A 1 72  ? -15.983 -3.294  -1.040  1.00 22.01 ? 74  GLN A CB  1 
ATOM   530  C  CG  . GLN A 1 72  ? -15.521 -1.854  -1.186  1.00 22.76 ? 74  GLN A CG  1 
ATOM   531  C  CD  . GLN A 1 72  ? -14.589 -1.418  -0.081  1.00 25.00 ? 74  GLN A CD  1 
ATOM   532  O  OE1 . GLN A 1 72  ? -14.215 -2.206  0.805   1.00 22.72 ? 74  GLN A OE1 1 
ATOM   533  N  NE2 . GLN A 1 72  ? -14.224 -0.131  -0.106  1.00 26.00 ? 74  GLN A NE2 1 
ATOM   534  N  N   . LEU A 1 73  ? -13.408 -3.348  -3.203  1.00 21.74 ? 75  LEU A N   1 
ATOM   535  C  CA  . LEU A 1 73  ? -12.845 -3.101  -4.531  1.00 22.31 ? 75  LEU A CA  1 
ATOM   536  C  C   . LEU A 1 73  ? -12.567 -4.436  -5.198  1.00 22.82 ? 75  LEU A C   1 
ATOM   537  O  O   . LEU A 1 73  ? -12.149 -5.401  -4.539  1.00 22.67 ? 75  LEU A O   1 
ATOM   538  C  CB  . LEU A 1 73  ? -11.545 -2.290  -4.438  1.00 22.12 ? 75  LEU A CB  1 
ATOM   539  C  CG  . LEU A 1 73  ? -11.587 -0.887  -3.820  1.00 21.22 ? 75  LEU A CG  1 
ATOM   540  C  CD1 . LEU A 1 73  ? -10.157 -0.346  -3.667  1.00 19.59 ? 75  LEU A CD1 1 
ATOM   541  C  CD2 . LEU A 1 73  ? -12.424 0.025   -4.696  1.00 21.30 ? 75  LEU A CD2 1 
ATOM   542  N  N   . LYS A 1 74  ? -12.790 -4.492  -6.506  1.00 23.28 ? 76  LYS A N   1 
ATOM   543  C  CA  . LYS A 1 74  ? -12.531 -5.702  -7.268  1.00 23.99 ? 76  LYS A CA  1 
ATOM   544  C  C   . LYS A 1 74  ? -11.040 -5.915  -7.443  1.00 23.91 ? 76  LYS A C   1 
ATOM   545  O  O   . LYS A 1 74  ? -10.250 -4.992  -7.244  1.00 23.15 ? 76  LYS A O   1 
ATOM   546  C  CB  . LYS A 1 74  ? -13.193 -5.596  -8.631  1.00 24.78 ? 76  LYS A CB  1 
ATOM   547  C  CG  . LYS A 1 74  ? -14.719 -5.730  -8.580  1.00 26.81 ? 76  LYS A CG  1 
ATOM   548  C  CD  . LYS A 1 74  ? -15.358 -5.444  -9.934  1.00 33.34 ? 76  LYS A CD  1 
ATOM   549  C  CE  . LYS A 1 74  ? -14.521 -5.937  -11.126 1.00 36.92 ? 76  LYS A CE  1 
ATOM   550  N  NZ  . LYS A 1 74  ? -13.573 -4.861  -11.618 1.00 41.35 ? 76  LYS A NZ  1 
ATOM   551  N  N   . ASP A 1 75  ? -10.657 -7.131  -7.837  1.00 24.46 ? 77  ASP A N   1 
ATOM   552  C  CA  . ASP A 1 75  ? -9.245  -7.457  -8.074  1.00 24.36 ? 77  ASP A CA  1 
ATOM   553  C  C   . ASP A 1 75  ? -8.592  -6.451  -9.029  1.00 24.46 ? 77  ASP A C   1 
ATOM   554  O  O   . ASP A 1 75  ? -7.499  -5.957  -8.747  1.00 23.11 ? 77  ASP A O   1 
ATOM   555  C  CB  . ASP A 1 75  ? -9.092  -8.882  -8.602  1.00 24.64 ? 77  ASP A CB  1 
ATOM   556  C  CG  . ASP A 1 75  ? -9.409  -9.942  -7.552  1.00 24.77 ? 77  ASP A CG  1 
ATOM   557  O  OD1 . ASP A 1 75  ? -9.398  -9.652  -6.332  1.00 22.55 ? 77  ASP A OD1 1 
ATOM   558  O  OD2 . ASP A 1 75  ? -9.663  -11.090 -7.961  1.00 25.57 ? 77  ASP A OD2 1 
ATOM   559  N  N   . GLU A 1 76  ? -9.285  -6.098  -10.116 1.00 24.56 ? 78  GLU A N   1 
ATOM   560  C  CA  . GLU A 1 76  ? -8.733  -5.121  -11.068 1.00 25.81 ? 78  GLU A CA  1 
ATOM   561  C  C   . GLU A 1 76  ? -8.634  -3.690  -10.532 1.00 24.35 ? 78  GLU A C   1 
ATOM   562  O  O   . GLU A 1 76  ? -7.721  -2.962  -10.901 1.00 24.23 ? 78  GLU A O   1 
ATOM   563  C  CB  . GLU A 1 76  ? -9.515  -5.127  -12.373 1.00 26.69 ? 78  GLU A CB  1 
ATOM   564  C  CG  . GLU A 1 76  ? -8.955  -6.110  -13.355 1.00 33.35 ? 78  GLU A CG  1 
ATOM   565  C  CD  . GLU A 1 76  ? -10.003 -6.640  -14.291 1.00 40.51 ? 78  GLU A CD  1 
ATOM   566  O  OE1 . GLU A 1 76  ? -10.406 -5.887  -15.215 1.00 42.55 ? 78  GLU A OE1 1 
ATOM   567  O  OE2 . GLU A 1 76  ? -10.422 -7.812  -14.096 1.00 45.69 ? 78  GLU A OE2 1 
ATOM   568  N  N   . GLU A 1 77  ? -9.569  -3.300  -9.667  1.00 23.69 ? 79  GLU A N   1 
ATOM   569  C  CA  . GLU A 1 77  ? -9.550  -1.969  -9.024  1.00 22.64 ? 79  GLU A CA  1 
ATOM   570  C  C   . GLU A 1 77  ? -8.399  -1.819  -8.037  1.00 21.83 ? 79  GLU A C   1 
ATOM   571  O  O   . GLU A 1 77  ? -7.776  -0.760  -7.983  1.00 21.43 ? 79  GLU A O   1 
ATOM   572  C  CB  . GLU A 1 77  ? -10.874 -1.678  -8.312  1.00 22.91 ? 79  GLU A CB  1 
ATOM   573  C  CG  . GLU A 1 77  ? -12.094 -1.658  -9.251  1.00 24.08 ? 79  GLU A CG  1 
ATOM   574  C  CD  . GLU A 1 77  ? -13.388 -1.382  -8.521  1.00 26.95 ? 79  GLU A CD  1 
ATOM   575  O  OE1 . GLU A 1 77  ? -13.761 -2.175  -7.625  1.00 27.75 ? 79  GLU A OE1 1 
ATOM   576  O  OE2 . GLU A 1 77  ? -14.048 -0.377  -8.861  1.00 27.82 ? 79  GLU A OE2 1 
ATOM   577  N  N   . ILE A 1 78  ? -8.127  -2.877  -7.261  1.00 21.17 ? 80  ILE A N   1 
ATOM   578  C  CA  . ILE A 1 78  ? -6.976  -2.901  -6.350  1.00 19.79 ? 80  ILE A CA  1 
ATOM   579  C  C   . ILE A 1 78  ? -5.674  -2.846  -7.169  1.00 19.57 ? 80  ILE A C   1 
ATOM   580  O  O   . ILE A 1 78  ? -4.789  -2.019  -6.880  1.00 18.68 ? 80  ILE A O   1 
ATOM   581  C  CB  . ILE A 1 78  ? -7.047  -4.078  -5.308  1.00 19.91 ? 80  ILE A CB  1 
ATOM   582  C  CG1 . ILE A 1 78  ? -8.193  -3.824  -4.307  1.00 19.70 ? 80  ILE A CG1 1 
ATOM   583  C  CG2 . ILE A 1 78  ? -5.730  -4.231  -4.529  1.00 19.11 ? 80  ILE A CG2 1 
ATOM   584  C  CD1 . ILE A 1 78  ? -8.484  -4.992  -3.300  1.00 17.82 ? 80  ILE A CD1 1 
ATOM   585  N  N   . ALA A 1 79  ? -5.587  -3.659  -8.231  1.00 18.81 ? 81  ALA A N   1 
ATOM   586  C  CA  . ALA A 1 79  ? -4.414  -3.602  -9.118  1.00 18.97 ? 81  ALA A CA  1 
ATOM   587  C  C   . ALA A 1 79  ? -4.246  -2.187  -9.677  1.00 18.94 ? 81  ALA A C   1 
ATOM   588  O  O   . ALA A 1 79  ? -3.131  -1.673  -9.693  1.00 18.85 ? 81  ALA A O   1 
ATOM   589  C  CB  . ALA A 1 79  ? -4.510  -4.604  -10.230 1.00 19.05 ? 81  ALA A CB  1 
ATOM   590  N  N   . ALA A 1 80  ? -5.353  -1.559  -10.102 1.00 18.93 ? 82  ALA A N   1 
ATOM   591  C  CA  . ALA A 1 80  ? -5.305  -0.197  -10.683 1.00 19.23 ? 82  ALA A CA  1 
ATOM   592  C  C   . ALA A 1 80  ? -4.818  0.878   -9.704  1.00 18.34 ? 82  ALA A C   1 
ATOM   593  O  O   . ALA A 1 80  ? -3.971  1.699   -10.058 1.00 18.71 ? 82  ALA A O   1 
ATOM   594  C  CB  . ALA A 1 80  ? -6.649  0.207   -11.290 1.00 19.23 ? 82  ALA A CB  1 
ATOM   595  N  N   . VAL A 1 81  ? -5.352  0.894   -8.485  1.00 18.01 ? 83  VAL A N   1 
ATOM   596  C  CA  . VAL A 1 81  ? -4.940  1.931   -7.530  1.00 17.08 ? 83  VAL A CA  1 
ATOM   597  C  C   . VAL A 1 81  ? -3.487  1.718   -7.070  1.00 16.50 ? 83  VAL A C   1 
ATOM   598  O  O   . VAL A 1 81  ? -2.736  2.677   -6.846  1.00 15.14 ? 83  VAL A O   1 
ATOM   599  C  CB  . VAL A 1 81  ? -5.923  2.085   -6.337  1.00 17.71 ? 83  VAL A CB  1 
ATOM   600  C  CG1 . VAL A 1 81  ? -5.846  0.896   -5.364  1.00 16.42 ? 83  VAL A CG1 1 
ATOM   601  C  CG2 . VAL A 1 81  ? -5.665  3.421   -5.596  1.00 18.35 ? 83  VAL A CG2 1 
ATOM   602  N  N   . LEU A 1 82  ? -3.085  0.456   -6.960  1.00 15.36 ? 84  LEU A N   1 
ATOM   603  C  CA  . LEU A 1 82  ? -1.705  0.154   -6.591  1.00 15.86 ? 84  LEU A CA  1 
ATOM   604  C  C   . LEU A 1 82  ? -0.737  0.627   -7.671  1.00 15.69 ? 84  LEU A C   1 
ATOM   605  O  O   . LEU A 1 82  ? 0.315   1.187   -7.345  1.00 15.97 ? 84  LEU A O   1 
ATOM   606  C  CB  . LEU A 1 82  ? -1.513  -1.321  -6.237  1.00 15.14 ? 84  LEU A CB  1 
ATOM   607  C  CG  . LEU A 1 82  ? -2.171  -1.703  -4.902  1.00 16.29 ? 84  LEU A CG  1 
ATOM   608  C  CD1 . LEU A 1 82  ? -2.054  -3.191  -4.689  1.00 14.16 ? 84  LEU A CD1 1 
ATOM   609  C  CD2 . LEU A 1 82  ? -1.552  -0.909  -3.696  1.00 15.77 ? 84  LEU A CD2 1 
ATOM   610  N  N   . ASN A 1 83  ? -1.094  0.425   -8.939  1.00 15.85 ? 85  ASN A N   1 
ATOM   611  C  CA  . ASN A 1 83  ? -0.294  0.976   -10.051 1.00 15.65 ? 85  ASN A CA  1 
ATOM   612  C  C   . ASN A 1 83  ? -0.261  2.508   -10.027 1.00 15.34 ? 85  ASN A C   1 
ATOM   613  O  O   . ASN A 1 83  ? 0.761   3.119   -10.306 1.00 14.44 ? 85  ASN A O   1 
ATOM   614  C  CB  . ASN A 1 83  ? -0.802  0.468   -11.411 1.00 15.76 ? 85  ASN A CB  1 
ATOM   615  C  CG  . ASN A 1 83  ? -0.387  -0.957  -11.687 1.00 15.74 ? 85  ASN A CG  1 
ATOM   616  O  OD1 . ASN A 1 83  ? 0.714   -1.360  -11.342 1.00 17.59 ? 85  ASN A OD1 1 
ATOM   617  N  ND2 . ASN A 1 83  ? -1.275  -1.734  -12.295 1.00 16.70 ? 85  ASN A ND2 1 
ATOM   618  N  N   . HIS A 1 84  ? -1.381  3.124   -9.674  1.00 16.11 ? 86  HIS A N   1 
ATOM   619  C  CA  . HIS A 1 84  ? -1.393  4.575   -9.505  1.00 16.17 ? 86  HIS A CA  1 
ATOM   620  C  C   . HIS A 1 84  ? -0.437  5.032   -8.418  1.00 16.55 ? 86  HIS A C   1 
ATOM   621  O  O   . HIS A 1 84  ? 0.407   5.911   -8.656  1.00 16.57 ? 86  HIS A O   1 
ATOM   622  C  CB  . HIS A 1 84  ? -2.804  5.080   -9.238  1.00 17.02 ? 86  HIS A CB  1 
ATOM   623  C  CG  . HIS A 1 84  ? -2.886  6.572   -9.086  1.00 17.71 ? 86  HIS A CG  1 
ATOM   624  N  ND1 . HIS A 1 84  ? -2.829  7.429   -10.163 1.00 18.06 ? 86  HIS A ND1 1 
ATOM   625  C  CD2 . HIS A 1 84  ? -3.015  7.352   -7.985  1.00 18.23 ? 86  HIS A CD2 1 
ATOM   626  C  CE1 . HIS A 1 84  ? -2.929  8.678   -9.733  1.00 19.55 ? 86  HIS A CE1 1 
ATOM   627  N  NE2 . HIS A 1 84  ? -3.040  8.661   -8.415  1.00 20.47 ? 86  HIS A NE2 1 
ATOM   628  N  N   . ILE A 1 85  ? -0.514  4.424   -7.227  1.00 16.26 ? 87  ILE A N   1 
ATOM   629  C  CA  . ILE A 1 85  ? 0.388   4.859   -6.153  1.00 15.67 ? 87  ILE A CA  1 
ATOM   630  C  C   . ILE A 1 85  ? 1.855   4.512   -6.456  1.00 16.15 ? 87  ILE A C   1 
ATOM   631  O  O   . ILE A 1 85  ? 2.746   5.217   -6.009  1.00 14.79 ? 87  ILE A O   1 
ATOM   632  C  CB  . ILE A 1 85  ? -0.074  4.473   -4.698  1.00 15.28 ? 87  ILE A CB  1 
ATOM   633  C  CG1 . ILE A 1 85  ? 0.155   2.976   -4.396  1.00 15.56 ? 87  ILE A CG1 1 
ATOM   634  C  CG2 . ILE A 1 85  ? -1.535  4.878   -4.479  1.00 14.52 ? 87  ILE A CG2 1 
ATOM   635  C  CD1 . ILE A 1 85  ? -0.021  2.630   -2.861  1.00 13.43 ? 87  ILE A CD1 1 
ATOM   636  N  N   . ALA A 1 86  ? 2.094   3.457   -7.249  1.00 16.31 ? 88  ALA A N   1 
ATOM   637  C  CA  . ALA A 1 86  ? 3.468   3.114   -7.642  1.00 16.92 ? 88  ALA A CA  1 
ATOM   638  C  C   . ALA A 1 86  ? 4.059   4.056   -8.699  1.00 16.86 ? 88  ALA A C   1 
ATOM   639  O  O   . ALA A 1 86  ? 5.271   4.242   -8.735  1.00 17.81 ? 88  ALA A O   1 
ATOM   640  C  CB  . ALA A 1 86  ? 3.560   1.667   -8.120  1.00 16.16 ? 88  ALA A CB  1 
ATOM   641  N  N   . THR A 1 87  ? 3.214   4.652   -9.541  1.00 17.45 ? 89  THR A N   1 
ATOM   642  C  CA  . THR A 1 87  ? 3.695   5.435   -10.699 1.00 17.98 ? 89  THR A CA  1 
ATOM   643  C  C   . THR A 1 87  ? 3.448   6.947   -10.635 1.00 18.12 ? 89  THR A C   1 
ATOM   644  O  O   . THR A 1 87  ? 4.205   7.707   -11.249 1.00 18.60 ? 89  THR A O   1 
ATOM   645  C  CB  . THR A 1 87  ? 3.082   4.924   -12.024 1.00 17.17 ? 89  THR A CB  1 
ATOM   646  O  OG1 . THR A 1 87  ? 1.661   5.100   -11.983 1.00 17.28 ? 89  THR A OG1 1 
ATOM   647  C  CG2 . THR A 1 87  ? 3.400   3.428   -12.254 1.00 19.24 ? 89  THR A CG2 1 
ATOM   648  N  N   . ALA A 1 88  ? 2.394   7.377   -9.936  1.00 18.05 ? 90  ALA A N   1 
ATOM   649  C  CA  . ALA A 1 88  ? 1.954   8.785   -9.990  1.00 18.73 ? 90  ALA A CA  1 
ATOM   650  C  C   . ALA A 1 88  ? 3.039   9.732   -9.507  1.00 19.34 ? 90  ALA A C   1 
ATOM   651  O  O   . ALA A 1 88  ? 3.134   10.859  -10.012 1.00 19.51 ? 90  ALA A O   1 
ATOM   652  C  CB  . ALA A 1 88  ? 0.664   9.005   -9.195  1.00 17.79 ? 90  ALA A CB  1 
ATOM   653  N  N   . TRP A 1 89  ? 3.847   9.273   -8.546  1.00 19.01 ? 91  TRP A N   1 
ATOM   654  C  CA  . TRP A 1 89  ? 4.884   10.112  -7.929  1.00 19.64 ? 91  TRP A CA  1 
ATOM   655  C  C   . TRP A 1 89  ? 6.320   9.614   -8.186  1.00 20.26 ? 91  TRP A C   1 
ATOM   656  O  O   . TRP A 1 89  ? 7.274   10.053  -7.528  1.00 20.75 ? 91  TRP A O   1 
ATOM   657  C  CB  . TRP A 1 89  ? 4.577   10.322  -6.432  1.00 19.07 ? 91  TRP A CB  1 
ATOM   658  C  CG  . TRP A 1 89  ? 3.153   10.700  -6.246  1.00 19.43 ? 91  TRP A CG  1 
ATOM   659  C  CD1 . TRP A 1 89  ? 2.552   11.860  -6.675  1.00 20.01 ? 91  TRP A CD1 1 
ATOM   660  C  CD2 . TRP A 1 89  ? 2.107   9.897   -5.672  1.00 18.99 ? 91  TRP A CD2 1 
ATOM   661  N  NE1 . TRP A 1 89  ? 1.211   11.832  -6.385  1.00 20.78 ? 91  TRP A NE1 1 
ATOM   662  C  CE2 . TRP A 1 89  ? 0.910   10.646  -5.764  1.00 21.03 ? 91  TRP A CE2 1 
ATOM   663  C  CE3 . TRP A 1 89  ? 2.068   8.621   -5.077  1.00 20.76 ? 91  TRP A CE3 1 
ATOM   664  C  CZ2 . TRP A 1 89  ? -0.326  10.166  -5.278  1.00 21.49 ? 91  TRP A CZ2 1 
ATOM   665  C  CZ3 . TRP A 1 89  ? 0.835   8.140   -4.601  1.00 19.95 ? 91  TRP A CZ3 1 
ATOM   666  C  CH2 . TRP A 1 89  ? -0.336  8.914   -4.702  1.00 20.35 ? 91  TRP A CH2 1 
ATOM   667  N  N   . GLY A 1 90  ? 6.454   8.701   -9.149  1.00 20.57 ? 92  GLY A N   1 
ATOM   668  C  CA  . GLY A 1 90  ? 7.749   8.260   -9.639  1.00 21.41 ? 92  GLY A CA  1 
ATOM   669  C  C   . GLY A 1 90  ? 8.408   7.210   -8.773  1.00 22.62 ? 92  GLY A C   1 
ATOM   670  O  O   . GLY A 1 90  ? 9.608   6.975   -8.890  1.00 22.18 ? 92  GLY A O   1 
ATOM   671  N  N   . ASP A 1 91  ? 7.633   6.557   -7.912  1.00 23.12 ? 93  ASP A N   1 
ATOM   672  C  CA  . ASP A 1 91  ? 8.198   5.515   -7.036  1.00 24.33 ? 93  ASP A CA  1 
ATOM   673  C  C   . ASP A 1 91  ? 8.708   4.317   -7.842  1.00 25.53 ? 93  ASP A C   1 
ATOM   674  O  O   . ASP A 1 91  ? 9.765   3.760   -7.533  1.00 26.12 ? 93  ASP A O   1 
ATOM   675  C  CB  . ASP A 1 91  ? 7.175   5.085   -5.982  1.00 23.24 ? 93  ASP A CB  1 
ATOM   676  C  CG  . ASP A 1 91  ? 7.080   6.073   -4.860  1.00 22.47 ? 93  ASP A CG  1 
ATOM   677  O  OD1 . ASP A 1 91  ? 6.406   7.110   -5.023  1.00 19.88 ? 93  ASP A OD1 1 
ATOM   678  O  OD2 . ASP A 1 91  ? 7.704   5.817   -3.817  1.00 20.73 ? 93  ASP A OD2 1 
ATOM   679  N  N   . ALA A 1 92  ? 7.970   3.955   -8.891  1.00 27.70 ? 94  ALA A N   1 
ATOM   680  C  CA  . ALA A 1 92  ? 8.348   2.853   -9.794  1.00 29.61 ? 94  ALA A CA  1 
ATOM   681  C  C   . ALA A 1 92  ? 9.645   3.090   -10.590 1.00 31.04 ? 94  ALA A C   1 
ATOM   682  O  O   . ALA A 1 92  ? 10.243  2.133   -11.088 1.00 31.44 ? 94  ALA A O   1 
ATOM   683  C  CB  . ALA A 1 92  ? 7.200   2.511   -10.745 1.00 29.17 ? 94  ALA A CB  1 
ATOM   684  N  N   . LYS A 1 93  ? 10.075  4.346   -10.708 1.00 33.07 ? 95  LYS A N   1 
ATOM   685  C  CA  . LYS A 1 93  ? 11.342  4.670   -11.394 1.00 35.30 ? 95  LYS A CA  1 
ATOM   686  C  C   . LYS A 1 93  ? 12.521  4.098   -10.594 1.00 37.00 ? 95  LYS A C   1 
ATOM   687  O  O   . LYS A 1 93  ? 13.443  3.503   -11.163 1.00 37.46 ? 95  LYS A O   1 
ATOM   688  C  CB  . LYS A 1 93  ? 11.521  6.193   -11.557 1.00 35.14 ? 95  LYS A CB  1 
ATOM   689  C  CG  . LYS A 1 93  ? 10.359  6.943   -12.191 1.00 35.08 ? 95  LYS A CG  1 
ATOM   690  C  CD  . LYS A 1 93  ? 10.647  7.348   -13.631 1.00 34.29 ? 95  LYS A CD  1 
ATOM   691  C  CE  . LYS A 1 93  ? 9.380   7.808   -14.328 1.00 32.53 ? 95  LYS A CE  1 
ATOM   692  N  NZ  . LYS A 1 93  ? 9.621   8.013   -15.776 1.00 32.62 ? 95  LYS A NZ  1 
ATOM   693  N  N   . LYS A 1 94  ? 12.476  4.283   -9.272  1.00 38.65 ? 96  LYS A N   1 
ATOM   694  C  CA  . LYS A 1 94  ? 13.534  3.828   -8.358  1.00 40.47 ? 96  LYS A CA  1 
ATOM   695  C  C   . LYS A 1 94  ? 13.701  2.298   -8.357  1.00 41.68 ? 96  LYS A C   1 
ATOM   696  O  O   . LYS A 1 94  ? 14.758  1.786   -7.969  1.00 42.62 ? 96  LYS A O   1 
ATOM   697  C  CB  . LYS A 1 94  ? 13.281  4.362   -6.934  1.00 40.30 ? 96  LYS A CB  1 
ATOM   698  C  CG  . LYS A 1 94  ? 13.260  5.897   -6.838  1.00 40.84 ? 96  LYS A CG  1 
ATOM   699  C  CD  . LYS A 1 94  ? 12.331  6.408   -5.733  1.00 41.83 ? 96  LYS A CD  1 
ATOM   700  C  CE  . LYS A 1 94  ? 13.108  6.909   -4.498  1.00 41.89 ? 96  LYS A CE  1 
ATOM   701  N  NZ  . LYS A 1 94  ? 12.213  7.257   -3.336  1.00 41.49 ? 96  LYS A NZ  1 
ATOM   702  N  N   . VAL A 1 95  ? 12.669  1.577   -8.805  1.00 42.76 ? 97  VAL A N   1 
ATOM   703  C  CA  . VAL A 1 95  ? 12.674  0.104   -8.791  1.00 43.30 ? 97  VAL A CA  1 
ATOM   704  C  C   . VAL A 1 95  ? 12.951  -0.514  -10.175 1.00 43.69 ? 97  VAL A C   1 
ATOM   705  O  O   . VAL A 1 95  ? 12.248  -0.254  -11.163 1.00 43.85 ? 97  VAL A O   1 
ATOM   706  C  CB  . VAL A 1 95  ? 11.399  -0.524  -8.088  1.00 43.69 ? 97  VAL A CB  1 
ATOM   707  C  CG1 . VAL A 1 95  ? 11.164  0.089   -6.693  1.00 43.90 ? 97  VAL A CG1 1 
ATOM   708  C  CG2 . VAL A 1 95  ? 10.149  -0.375  -8.943  1.00 43.91 ? 97  VAL A CG2 1 
ATOM   709  N  N   . LYS A 1 96  ? 14.000  -1.329  -10.208 1.00 43.86 ? 98  LYS A N   1 
ATOM   710  C  CA  . LYS A 1 96  ? 14.549  -1.957  -11.413 1.00 43.93 ? 98  LYS A CA  1 
ATOM   711  C  C   . LYS A 1 96  ? 13.611  -2.977  -12.089 1.00 43.17 ? 98  LYS A C   1 
ATOM   712  O  O   . LYS A 1 96  ? 13.428  -4.110  -11.593 1.00 43.57 ? 98  LYS A O   1 
ATOM   713  C  CB  . LYS A 1 96  ? 15.872  -2.635  -11.038 1.00 44.50 ? 98  LYS A CB  1 
ATOM   714  C  CG  . LYS A 1 96  ? 15.854  -3.202  -9.591  1.00 46.16 ? 98  LYS A CG  1 
ATOM   715  C  CD  . LYS A 1 96  ? 16.888  -4.299  -9.347  1.00 47.75 ? 98  LYS A CD  1 
ATOM   716  C  CE  . LYS A 1 96  ? 18.222  -3.721  -8.857  1.00 48.55 ? 98  LYS A CE  1 
ATOM   717  N  NZ  . LYS A 1 96  ? 19.055  -3.167  -9.976  1.00 49.15 ? 98  LYS A NZ  1 
ATOM   718  N  N   . GLY A 1 97  ? 13.034  -2.570  -13.223 1.00 41.95 ? 99  GLY A N   1 
ATOM   719  C  CA  . GLY A 1 97  ? 12.132  -3.431  -14.005 1.00 40.52 ? 99  GLY A CA  1 
ATOM   720  C  C   . GLY A 1 97  ? 10.787  -3.721  -13.348 1.00 39.31 ? 99  GLY A C   1 
ATOM   721  O  O   . GLY A 1 97  ? 10.285  -4.863  -13.401 1.00 39.42 ? 99  GLY A O   1 
ATOM   722  N  N   . PHE A 1 98  ? 10.213  -2.692  -12.720 1.00 37.52 ? 100 PHE A N   1 
ATOM   723  C  CA  . PHE A 1 98  ? 8.904   -2.799  -12.062 1.00 35.43 ? 100 PHE A CA  1 
ATOM   724  C  C   . PHE A 1 98  ? 7.869   -3.404  -12.983 1.00 33.70 ? 100 PHE A C   1 
ATOM   725  O  O   . PHE A 1 98  ? 7.602   -2.862  -14.065 1.00 34.36 ? 100 PHE A O   1 
ATOM   726  C  CB  . PHE A 1 98  ? 8.407   -1.418  -11.612 1.00 35.31 ? 100 PHE A CB  1 
ATOM   727  C  CG  . PHE A 1 98  ? 6.967   -1.404  -11.137 1.00 34.11 ? 100 PHE A CG  1 
ATOM   728  C  CD1 . PHE A 1 98  ? 6.604   -1.968  -9.914  1.00 33.40 ? 100 PHE A CD1 1 
ATOM   729  C  CD2 . PHE A 1 98  ? 5.981   -0.821  -11.922 1.00 33.80 ? 100 PHE A CD2 1 
ATOM   730  C  CE1 . PHE A 1 98  ? 5.274   -1.941  -9.486  1.00 32.59 ? 100 PHE A CE1 1 
ATOM   731  C  CE2 . PHE A 1 98  ? 4.655   -0.792  -11.509 1.00 32.98 ? 100 PHE A CE2 1 
ATOM   732  C  CZ  . PHE A 1 98  ? 4.301   -1.349  -10.289 1.00 32.44 ? 100 PHE A CZ  1 
ATOM   733  N  N   . LYS A 1 99  ? 7.269   -4.510  -12.558 1.00 31.40 ? 101 LYS A N   1 
ATOM   734  C  CA  . LYS A 1 99  ? 6.129   -5.049  -13.287 1.00 29.29 ? 101 LYS A CA  1 
ATOM   735  C  C   . LYS A 1 99  ? 4.811   -4.531  -12.672 1.00 27.81 ? 101 LYS A C   1 
ATOM   736  O  O   . LYS A 1 99  ? 4.647   -4.546  -11.448 1.00 27.25 ? 101 LYS A O   1 
ATOM   737  C  CB  . LYS A 1 99  ? 6.213   -6.575  -13.360 1.00 30.48 ? 101 LYS A CB  1 
ATOM   738  C  CG  . LYS A 1 99  ? 7.465   -7.057  -14.135 1.00 29.60 ? 101 LYS A CG  1 
ATOM   739  C  CD  . LYS A 1 99  ? 7.583   -8.550  -14.076 1.00 34.49 ? 101 LYS A CD  1 
ATOM   740  C  CE  . LYS A 1 99  ? 9.045   -9.018  -14.066 1.00 34.48 ? 101 LYS A CE  1 
ATOM   741  N  NZ  . LYS A 1 99  ? 9.165   -10.263 -13.219 1.00 36.96 ? 101 LYS A NZ  1 
ATOM   742  N  N   . PRO A 1 100 ? 3.897   -4.014  -13.517 1.00 26.35 ? 102 PRO A N   1 
ATOM   743  C  CA  . PRO A 1 100 ? 2.611   -3.525  -13.011 1.00 25.00 ? 102 PRO A CA  1 
ATOM   744  C  C   . PRO A 1 100 ? 1.827   -4.590  -12.231 1.00 24.24 ? 102 PRO A C   1 
ATOM   745  O  O   . PRO A 1 100 ? 1.967   -5.810  -12.482 1.00 22.75 ? 102 PRO A O   1 
ATOM   746  C  CB  . PRO A 1 100 ? 1.864   -3.115  -14.277 1.00 25.09 ? 102 PRO A CB  1 
ATOM   747  C  CG  . PRO A 1 100 ? 2.963   -2.736  -15.242 1.00 25.40 ? 102 PRO A CG  1 
ATOM   748  C  CD  . PRO A 1 100 ? 4.070   -3.716  -14.954 1.00 26.28 ? 102 PRO A CD  1 
ATOM   749  N  N   . PHE A 1 101 ? 1.043   -4.107  -11.266 1.00 22.59 ? 103 PHE A N   1 
ATOM   750  C  CA  . PHE A 1 101 ? 0.140   -4.949  -10.508 1.00 22.19 ? 103 PHE A CA  1 
ATOM   751  C  C   . PHE A 1 101 ? -0.923  -5.531  -11.444 1.00 22.48 ? 103 PHE A C   1 
ATOM   752  O  O   . PHE A 1 101 ? -1.370  -4.868  -12.375 1.00 22.36 ? 103 PHE A O   1 
ATOM   753  C  CB  . PHE A 1 101 ? -0.514  -4.145  -9.363  1.00 21.44 ? 103 PHE A CB  1 
ATOM   754  C  CG  . PHE A 1 101 ? 0.408   -3.869  -8.200  1.00 20.24 ? 103 PHE A CG  1 
ATOM   755  C  CD1 . PHE A 1 101 ? 0.519   -4.787  -7.149  1.00 20.21 ? 103 PHE A CD1 1 
ATOM   756  C  CD2 . PHE A 1 101 ? 1.194   -2.708  -8.166  1.00 16.47 ? 103 PHE A CD2 1 
ATOM   757  C  CE1 . PHE A 1 101 ? 1.384   -4.536  -6.058  1.00 19.34 ? 103 PHE A CE1 1 
ATOM   758  C  CE2 . PHE A 1 101 ? 2.062   -2.442  -7.096  1.00 17.93 ? 103 PHE A CE2 1 
ATOM   759  C  CZ  . PHE A 1 101 ? 2.160   -3.356  -6.031  1.00 19.60 ? 103 PHE A CZ  1 
ATOM   760  N  N   . THR A 1 102 ? -1.311  -6.782  -11.204 1.00 22.37 ? 104 THR A N   1 
ATOM   761  C  CA  . THR A 1 102 ? -2.343  -7.427  -12.012 1.00 22.94 ? 104 THR A CA  1 
ATOM   762  C  C   . THR A 1 102 ? -3.362  -8.130  -11.135 1.00 22.17 ? 104 THR A C   1 
ATOM   763  O  O   . THR A 1 102 ? -3.058  -8.511  -9.983  1.00 21.95 ? 104 THR A O   1 
ATOM   764  C  CB  . THR A 1 102 ? -1.768  -8.464  -13.011 1.00 23.26 ? 104 THR A CB  1 
ATOM   765  O  OG1 . THR A 1 102 ? -0.999  -9.439  -12.294 1.00 25.64 ? 104 THR A OG1 1 
ATOM   766  C  CG2 . THR A 1 102 ? -0.883  -7.792  -14.047 1.00 24.60 ? 104 THR A CG2 1 
ATOM   767  N  N   . ALA A 1 103 ? -4.557  -8.309  -11.704 1.00 21.38 ? 105 ALA A N   1 
ATOM   768  C  CA  . ALA A 1 103 ? -5.718  -8.836  -11.001 1.00 21.49 ? 105 ALA A CA  1 
ATOM   769  C  C   . ALA A 1 103 ? -5.429  -10.159 -10.313 1.00 21.27 ? 105 ALA A C   1 
ATOM   770  O  O   . ALA A 1 103 ? -5.888  -10.383 -9.198  1.00 21.32 ? 105 ALA A O   1 
ATOM   771  C  CB  . ALA A 1 103 ? -6.915  -8.974  -11.964 1.00 21.69 ? 105 ALA A CB  1 
ATOM   772  N  N   . GLU A 1 104 ? -4.678  -11.040 -10.973 1.00 21.22 ? 106 GLU A N   1 
ATOM   773  C  CA  . GLU A 1 104 ? -4.414  -12.370 -10.421 1.00 21.16 ? 106 GLU A CA  1 
ATOM   774  C  C   . GLU A 1 104 ? -3.570  -12.348 -9.147  1.00 20.25 ? 106 GLU A C   1 
ATOM   775  O  O   . GLU A 1 104 ? -3.722  -13.228 -8.305  1.00 19.77 ? 106 GLU A O   1 
ATOM   776  C  CB  . GLU A 1 104 ? -3.764  -13.308 -11.454 1.00 22.03 ? 106 GLU A CB  1 
ATOM   777  C  CG  . GLU A 1 104 ? -4.701  -13.762 -12.562 1.00 23.74 ? 106 GLU A CG  1 
ATOM   778  C  CD  . GLU A 1 104 ? -5.656  -14.867 -12.135 1.00 26.61 ? 106 GLU A CD  1 
ATOM   779  O  OE1 . GLU A 1 104 ? -5.384  -15.589 -11.145 1.00 24.35 ? 106 GLU A OE1 1 
ATOM   780  O  OE2 . GLU A 1 104 ? -6.688  -15.024 -12.806 1.00 29.81 ? 106 GLU A OE2 1 
ATOM   781  N  N   . GLU A 1 105 ? -2.671  -11.371 -9.007  1.00 19.27 ? 107 GLU A N   1 
ATOM   782  C  CA  . GLU A 1 105 ? -1.935  -11.217 -7.754  1.00 18.23 ? 107 GLU A CA  1 
ATOM   783  C  C   . GLU A 1 105 ? -2.869  -10.936 -6.592  1.00 17.94 ? 107 GLU A C   1 
ATOM   784  O  O   . GLU A 1 105 ? -2.638  -11.408 -5.462  1.00 18.44 ? 107 GLU A O   1 
ATOM   785  C  CB  . GLU A 1 105 ? -0.950  -10.054 -7.810  1.00 17.86 ? 107 GLU A CB  1 
ATOM   786  C  CG  . GLU A 1 105 ? 0.226   -10.180 -8.709  1.00 18.00 ? 107 GLU A CG  1 
ATOM   787  C  CD  . GLU A 1 105 ? 1.009   -8.883  -8.690  1.00 18.42 ? 107 GLU A CD  1 
ATOM   788  O  OE1 . GLU A 1 105 ? 1.698   -8.631  -7.672  1.00 22.26 ? 107 GLU A OE1 1 
ATOM   789  O  OE2 . GLU A 1 105 ? 0.906   -8.109  -9.657  1.00 19.11 ? 107 GLU A OE2 1 
ATOM   790  N  N   . VAL A 1 106 ? -3.907  -10.143 -6.848  1.00 17.80 ? 108 VAL A N   1 
ATOM   791  C  CA  . VAL A 1 106 ? -4.865  -9.765  -5.794  1.00 17.02 ? 108 VAL A CA  1 
ATOM   792  C  C   . VAL A 1 106 ? -5.770  -10.953 -5.491  1.00 17.87 ? 108 VAL A C   1 
ATOM   793  O  O   . VAL A 1 106 ? -5.969  -11.318 -4.331  1.00 16.71 ? 108 VAL A O   1 
ATOM   794  C  CB  . VAL A 1 106 ? -5.665  -8.484  -6.205  1.00 17.37 ? 108 VAL A CB  1 
ATOM   795  C  CG1 . VAL A 1 106 ? -6.712  -8.078  -5.138  1.00 15.18 ? 108 VAL A CG1 1 
ATOM   796  C  CG2 . VAL A 1 106 ? -4.698  -7.345  -6.468  1.00 17.18 ? 108 VAL A CG2 1 
ATOM   797  N  N   . LYS A 1 107 ? -6.272  -11.586 -6.550  1.00 18.00 ? 109 LYS A N   1 
ATOM   798  C  CA  . LYS A 1 107 ? -7.056  -12.792 -6.407  1.00 19.39 ? 109 LYS A CA  1 
ATOM   799  C  C   . LYS A 1 107 ? -6.382  -13.846 -5.525  1.00 19.62 ? 109 LYS A C   1 
ATOM   800  O  O   . LYS A 1 107 ? -7.037  -14.413 -4.639  1.00 20.00 ? 109 LYS A O   1 
ATOM   801  C  CB  . LYS A 1 107 ? -7.418  -13.379 -7.776  1.00 19.98 ? 109 LYS A CB  1 
ATOM   802  C  CG  . LYS A 1 107 ? -7.923  -14.837 -7.708  1.00 21.87 ? 109 LYS A CG  1 
ATOM   803  C  CD  . LYS A 1 107 ? -8.998  -15.146 -8.733  1.00 27.46 ? 109 LYS A CD  1 
ATOM   804  C  CE  . LYS A 1 107 ? -8.566  -14.806 -10.133 1.00 30.79 ? 109 LYS A CE  1 
ATOM   805  N  NZ  . LYS A 1 107 ? -9.458  -15.446 -11.159 1.00 35.91 ? 109 LYS A NZ  1 
ATOM   806  N  N   . LYS A 1 108 ? -5.094  -14.101 -5.774  1.00 19.07 ? 110 LYS A N   1 
ATOM   807  C  CA  . LYS A 1 108 ? -4.329  -15.105 -5.029  1.00 19.59 ? 110 LYS A CA  1 
ATOM   808  C  C   . LYS A 1 108 ? -4.327  -14.764 -3.548  1.00 18.89 ? 110 LYS A C   1 
ATOM   809  O  O   . LYS A 1 108 ? -4.489  -15.649 -2.713  1.00 18.01 ? 110 LYS A O   1 
ATOM   810  C  CB  . LYS A 1 108 ? -2.878  -15.221 -5.556  1.00 19.60 ? 110 LYS A CB  1 
ATOM   811  C  CG  . LYS A 1 108 ? -1.867  -15.853 -4.565  1.00 23.74 ? 110 LYS A CG  1 
ATOM   812  C  CD  . LYS A 1 108 ? -0.572  -16.321 -5.250  1.00 27.24 ? 110 LYS A CD  1 
ATOM   813  C  CE  . LYS A 1 108 ? 0.382   -15.176 -5.533  1.00 28.96 ? 110 LYS A CE  1 
ATOM   814  N  NZ  . LYS A 1 108 ? 1.022   -14.644 -4.277  1.00 30.04 ? 110 LYS A NZ  1 
ATOM   815  N  N   . LEU A 1 109 ? -4.180  -13.476 -3.228  1.00 18.07 ? 111 LEU A N   1 
ATOM   816  C  CA  . LEU A 1 109 ? -4.030  -13.071 -1.832  1.00 17.59 ? 111 LEU A CA  1 
ATOM   817  C  C   . LEU A 1 109 ? -5.360  -12.920 -1.097  1.00 18.05 ? 111 LEU A C   1 
ATOM   818  O  O   . LEU A 1 109 ? -5.394  -12.939 0.139   1.00 18.01 ? 111 LEU A O   1 
ATOM   819  C  CB  . LEU A 1 109 ? -3.136  -11.822 -1.707  1.00 17.49 ? 111 LEU A CB  1 
ATOM   820  C  CG  . LEU A 1 109 ? -1.660  -12.019 -2.099  1.00 17.21 ? 111 LEU A CG  1 
ATOM   821  C  CD1 . LEU A 1 109 ? -0.919  -10.670 -2.146  1.00 17.06 ? 111 LEU A CD1 1 
ATOM   822  C  CD2 . LEU A 1 109 ? -0.886  -13.027 -1.183  1.00 18.42 ? 111 LEU A CD2 1 
ATOM   823  N  N   . ARG A 1 110 ? -6.443  -12.777 -1.860  1.00 18.13 ? 112 ARG A N   1 
ATOM   824  C  CA  . ARG A 1 110 ? -7.808  -12.766 -1.324  1.00 19.44 ? 112 ARG A CA  1 
ATOM   825  C  C   . ARG A 1 110 ? -8.185  -14.150 -0.758  1.00 19.84 ? 112 ARG A C   1 
ATOM   826  O  O   . ARG A 1 110 ? -9.036  -14.262 0.140   1.00 20.39 ? 112 ARG A O   1 
ATOM   827  C  CB  . ARG A 1 110 ? -8.791  -12.352 -2.421  1.00 20.16 ? 112 ARG A CB  1 
ATOM   828  C  CG  . ARG A 1 110 ? -10.104 -11.757 -1.920  1.00 20.33 ? 112 ARG A CG  1 
ATOM   829  C  CD  . ARG A 1 110 ? -11.054 -11.457 -3.083  1.00 21.15 ? 112 ARG A CD  1 
ATOM   830  N  NE  . ARG A 1 110 ? -10.716 -10.256 -3.871  1.00 18.41 ? 112 ARG A NE  1 
ATOM   831  C  CZ  . ARG A 1 110 ? -11.093 -9.012  -3.571  1.00 19.81 ? 112 ARG A CZ  1 
ATOM   832  N  NH1 . ARG A 1 110 ? -11.790 -8.775  -2.462  1.00 17.75 ? 112 ARG A NH1 1 
ATOM   833  N  NH2 . ARG A 1 110 ? -10.765 -7.987  -4.373  1.00 18.93 ? 112 ARG A NH2 1 
ATOM   834  N  N   . ALA A 1 111 ? -7.504  -15.187 -1.262  1.00 20.02 ? 113 ALA A N   1 
ATOM   835  C  CA  . ALA A 1 111 ? -7.751  -16.591 -0.897  1.00 20.08 ? 113 ALA A CA  1 
ATOM   836  C  C   . ALA A 1 111 ? -7.306  -16.954 0.523   1.00 20.15 ? 113 ALA A C   1 
ATOM   837  O  O   . ALA A 1 111 ? -7.702  -17.994 1.057   1.00 20.76 ? 113 ALA A O   1 
ATOM   838  C  CB  . ALA A 1 111 ? -7.107  -17.527 -1.928  1.00 19.81 ? 113 ALA A CB  1 
ATOM   839  N  N   . LYS A 1 112 ? -6.495  -16.099 1.136   1.00 19.85 ? 114 LYS A N   1 
ATOM   840  C  CA  . LYS A 1 112 ? -6.102  -16.295 2.532   1.00 19.23 ? 114 LYS A CA  1 
ATOM   841  C  C   . LYS A 1 112 ? -6.313  -15.019 3.334   1.00 18.49 ? 114 LYS A C   1 
ATOM   842  O  O   . LYS A 1 112 ? -5.462  -14.112 3.354   1.00 17.47 ? 114 LYS A O   1 
ATOM   843  C  CB  . LYS A 1 112 ? -4.658  -16.809 2.654   1.00 19.51 ? 114 LYS A CB  1 
ATOM   844  C  CG  . LYS A 1 112 ? -4.245  -17.152 4.093   1.00 21.80 ? 114 LYS A CG  1 
ATOM   845  C  CD  . LYS A 1 112 ? -2.755  -17.556 4.163   1.00 25.08 ? 114 LYS A CD  1 
ATOM   846  C  CE  . LYS A 1 112 ? -2.306  -17.717 5.615   1.00 26.44 ? 114 LYS A CE  1 
ATOM   847  N  NZ  . LYS A 1 112 ? -0.793  -17.790 5.760   1.00 28.79 ? 114 LYS A NZ  1 
ATOM   848  N  N   . LYS A 1 113 ? -7.459  -14.979 4.006   1.00 17.58 ? 115 LYS A N   1 
ATOM   849  C  CA  . LYS A 1 113 ? -7.904  -13.818 4.768   1.00 18.02 ? 115 LYS A CA  1 
ATOM   850  C  C   . LYS A 1 113 ? -6.969  -13.592 5.960   1.00 17.87 ? 115 LYS A C   1 
ATOM   851  O  O   . LYS A 1 113 ? -6.691  -14.525 6.725   1.00 16.60 ? 115 LYS A O   1 
ATOM   852  C  CB  . LYS A 1 113 ? -9.346  -14.040 5.236   1.00 17.97 ? 115 LYS A CB  1 
ATOM   853  C  CG  . LYS A 1 113 ? -9.976  -12.895 6.028   1.00 21.24 ? 115 LYS A CG  1 
ATOM   854  C  CD  . LYS A 1 113 ? -11.502 -13.083 6.072   1.00 26.18 ? 115 LYS A CD  1 
ATOM   855  C  CE  . LYS A 1 113 ? -12.207 -12.010 6.918   1.00 28.34 ? 115 LYS A CE  1 
ATOM   856  N  NZ  . LYS A 1 113 ? -13.662 -11.813 6.547   1.00 30.13 ? 115 LYS A NZ  1 
ATOM   857  N  N   . LEU A 1 114 ? -6.461  -12.364 6.082   1.00 17.02 ? 116 LEU A N   1 
ATOM   858  C  CA  . LEU A 1 114 ? -5.720  -11.939 7.280   1.00 16.62 ? 116 LEU A CA  1 
ATOM   859  C  C   . LEU A 1 114 ? -6.463  -10.829 8.036   1.00 16.63 ? 116 LEU A C   1 
ATOM   860  O  O   . LEU A 1 114 ? -7.295  -10.119 7.458   1.00 15.72 ? 116 LEU A O   1 
ATOM   861  C  CB  . LEU A 1 114 ? -4.326  -11.402 6.911   1.00 16.91 ? 116 LEU A CB  1 
ATOM   862  C  CG  . LEU A 1 114 ? -3.380  -12.149 5.957   1.00 17.22 ? 116 LEU A CG  1 
ATOM   863  C  CD1 . LEU A 1 114 ? -2.025  -11.418 5.909   1.00 16.70 ? 116 LEU A CD1 1 
ATOM   864  C  CD2 . LEU A 1 114 ? -3.209  -13.608 6.341   1.00 17.73 ? 116 LEU A CD2 1 
ATOM   865  N  N   . THR A 1 115 ? -6.122  -10.683 9.320   1.00 16.10 ? 117 THR A N   1 
ATOM   866  C  CA  . THR A 1 115 ? -6.534  -9.556  10.148  1.00 16.58 ? 117 THR A CA  1 
ATOM   867  C  C   . THR A 1 115 ? -5.560  -8.370  9.956   1.00 15.90 ? 117 THR A C   1 
ATOM   868  O  O   . THR A 1 115 ? -4.445  -8.540  9.437   1.00 15.26 ? 117 THR A O   1 
ATOM   869  C  CB  . THR A 1 115 ? -6.554  -9.935  11.651  1.00 16.17 ? 117 THR A CB  1 
ATOM   870  O  OG1 . THR A 1 115 ? -5.220  -10.247 12.069  1.00 14.50 ? 117 THR A OG1 1 
ATOM   871  C  CG2 . THR A 1 115 ? -7.504  -11.134 11.930  1.00 18.54 ? 117 THR A CG2 1 
ATOM   872  N  N   . PRO A 1 116 ? -5.977  -7.157  10.356  1.00 16.35 ? 118 PRO A N   1 
ATOM   873  C  CA  . PRO A 1 116 ? -5.014  -6.046  10.259  1.00 15.98 ? 118 PRO A CA  1 
ATOM   874  C  C   . PRO A 1 116 ? -3.793  -6.240  11.166  1.00 15.90 ? 118 PRO A C   1 
ATOM   875  O  O   . PRO A 1 116 ? -2.695  -5.795  10.825  1.00 16.06 ? 118 PRO A O   1 
ATOM   876  C  CB  . PRO A 1 116 ? -5.823  -4.823  10.687  1.00 15.97 ? 118 PRO A CB  1 
ATOM   877  C  CG  . PRO A 1 116 ? -7.252  -5.214  10.582  1.00 17.51 ? 118 PRO A CG  1 
ATOM   878  C  CD  . PRO A 1 116 ? -7.352  -6.698  10.641  1.00 16.52 ? 118 PRO A CD  1 
ATOM   879  N  N   . GLN A 1 117 ? -3.978  -6.903  12.310  1.00 16.07 ? 119 GLN A N   1 
ATOM   880  C  CA  . GLN A 1 117 ? -2.830  -7.279  13.123  1.00 16.29 ? 119 GLN A CA  1 
ATOM   881  C  C   . GLN A 1 117 ? -1.845  -8.189  12.364  1.00 15.53 ? 119 GLN A C   1 
ATOM   882  O  O   . GLN A 1 117 ? -0.629  -8.020  12.475  1.00 15.16 ? 119 GLN A O   1 
ATOM   883  C  CB  . GLN A 1 117 ? -3.256  -7.916  14.455  1.00 16.71 ? 119 GLN A CB  1 
ATOM   884  C  CG  . GLN A 1 117 ? -2.069  -8.061  15.496  1.00 20.74 ? 119 GLN A CG  1 
ATOM   885  C  CD  . GLN A 1 117 ? -1.499  -6.705  15.981  1.00 26.98 ? 119 GLN A CD  1 
ATOM   886  O  OE1 . GLN A 1 117 ? -2.114  -5.645  15.794  1.00 30.98 ? 119 GLN A OE1 1 
ATOM   887  N  NE2 . GLN A 1 117 ? -0.315  -6.742  16.617  1.00 29.40 ? 119 GLN A NE2 1 
ATOM   888  N  N   . GLN A 1 118 ? -2.363  -9.158  11.617  1.00 15.32 ? 120 GLN A N   1 
ATOM   889  C  CA  . GLN A 1 118 ? -1.514  -10.027 10.813  1.00 15.82 ? 120 GLN A CA  1 
ATOM   890  C  C   . GLN A 1 118 ? -0.823  -9.242  9.683   1.00 15.29 ? 120 GLN A C   1 
ATOM   891  O  O   . GLN A 1 118 ? 0.302   -9.581  9.278   1.00 15.17 ? 120 GLN A O   1 
ATOM   892  C  CB  . GLN A 1 118 ? -2.309  -11.182 10.217  1.00 16.19 ? 120 GLN A CB  1 
ATOM   893  C  CG  . GLN A 1 118 ? -2.694  -12.242 11.222  1.00 19.28 ? 120 GLN A CG  1 
ATOM   894  C  CD  . GLN A 1 118 ? -3.594  -13.309 10.607  1.00 23.15 ? 120 GLN A CD  1 
ATOM   895  O  OE1 . GLN A 1 118 ? -4.749  -13.057 10.261  1.00 21.54 ? 120 GLN A OE1 1 
ATOM   896  N  NE2 . GLN A 1 118 ? -3.054  -14.510 10.471  1.00 24.27 ? 120 GLN A NE2 1 
ATOM   897  N  N   . VAL A 1 119 ? -1.486  -8.198  9.179   1.00 14.87 ? 121 VAL A N   1 
ATOM   898  C  CA  . VAL A 1 119 ? -0.880  -7.370  8.120   1.00 14.26 ? 121 VAL A CA  1 
ATOM   899  C  C   . VAL A 1 119 ? 0.333   -6.627  8.664   1.00 13.86 ? 121 VAL A C   1 
ATOM   900  O  O   . VAL A 1 119 ? 1.384   -6.559  7.996   1.00 14.11 ? 121 VAL A O   1 
ATOM   901  C  CB  . VAL A 1 119 ? -1.896  -6.425  7.443   1.00 14.05 ? 121 VAL A CB  1 
ATOM   902  C  CG1 . VAL A 1 119 ? -1.219  -5.578  6.366   1.00 14.37 ? 121 VAL A CG1 1 
ATOM   903  C  CG2 . VAL A 1 119 ? -2.994  -7.259  6.782   1.00 13.95 ? 121 VAL A CG2 1 
ATOM   904  N  N   . LEU A 1 120 ? 0.204   -6.095  9.885   1.00 13.90 ? 122 LEU A N   1 
ATOM   905  C  CA  . LEU A 1 120 ? 1.352   -5.480  10.563  1.00 14.27 ? 122 LEU A CA  1 
ATOM   906  C  C   . LEU A 1 120 ? 2.528   -6.469  10.687  1.00 14.72 ? 122 LEU A C   1 
ATOM   907  O  O   . LEU A 1 120 ? 3.676   -6.100  10.424  1.00 14.03 ? 122 LEU A O   1 
ATOM   908  C  CB  . LEU A 1 120 ? 0.948   -4.941  11.943  1.00 14.62 ? 122 LEU A CB  1 
ATOM   909  C  CG  . LEU A 1 120 ? 2.065   -4.295  12.784  1.00 15.67 ? 122 LEU A CG  1 
ATOM   910  C  CD1 . LEU A 1 120 ? 2.557   -2.990  12.129  1.00 15.71 ? 122 LEU A CD1 1 
ATOM   911  C  CD2 . LEU A 1 120 ? 1.605   -4.078  14.212  1.00 16.27 ? 122 LEU A CD2 1 
ATOM   912  N  N   . ALA A 1 121 ? 2.222   -7.706  11.098  1.00 15.28 ? 123 ALA A N   1 
ATOM   913  C  CA  . ALA A 1 121 ? 3.215   -8.807  11.189  1.00 15.70 ? 123 ALA A CA  1 
ATOM   914  C  C   . ALA A 1 121 ? 3.944   -8.985  9.852   1.00 15.80 ? 123 ALA A C   1 
ATOM   915  O  O   . ALA A 1 121 ? 5.165   -9.173  9.805   1.00 15.74 ? 123 ALA A O   1 
ATOM   916  C  CB  . ALA A 1 121 ? 2.504   -10.110 11.569  1.00 16.16 ? 123 ALA A CB  1 
ATOM   917  N  N   . GLU A 1 122 ? 3.181   -8.932  8.761   1.00 16.27 ? 124 GLU A N   1 
ATOM   918  C  CA  . GLU A 1 122 ? 3.753   -9.016  7.409   1.00 16.55 ? 124 GLU A CA  1 
ATOM   919  C  C   . GLU A 1 122 ? 4.695   -7.848  7.083   1.00 16.40 ? 124 GLU A C   1 
ATOM   920  O  O   . GLU A 1 122 ? 5.764   -8.047  6.509   1.00 15.93 ? 124 GLU A O   1 
ATOM   921  C  CB  . GLU A 1 122 ? 2.639   -9.161  6.359   1.00 16.37 ? 124 GLU A CB  1 
ATOM   922  C  CG  . GLU A 1 122 ? 1.879   -10.477 6.469   1.00 17.40 ? 124 GLU A CG  1 
ATOM   923  C  CD  . GLU A 1 122 ? 2.808   -11.698 6.441   1.00 22.32 ? 124 GLU A CD  1 
ATOM   924  O  OE1 . GLU A 1 122 ? 3.766   -11.740 5.635   1.00 20.84 ? 124 GLU A OE1 1 
ATOM   925  O  OE2 . GLU A 1 122 ? 2.570   -12.627 7.229   1.00 21.68 ? 124 GLU A OE2 1 
ATOM   926  N  N   . ARG A 1 123 ? 4.301   -6.641  7.478   1.00 15.90 ? 125 ARG A N   1 
ATOM   927  C  CA  . ARG A 1 123 ? 5.127   -5.463  7.299   1.00 16.69 ? 125 ARG A CA  1 
ATOM   928  C  C   . ARG A 1 123 ? 6.462   -5.649  8.023   1.00 16.78 ? 125 ARG A C   1 
ATOM   929  O  O   . ARG A 1 123 ? 7.523   -5.369  7.456   1.00 16.41 ? 125 ARG A O   1 
ATOM   930  C  CB  . ARG A 1 123 ? 4.412   -4.213  7.828   1.00 16.07 ? 125 ARG A CB  1 
ATOM   931  C  CG  . ARG A 1 123 ? 5.104   -2.889  7.449   1.00 16.79 ? 125 ARG A CG  1 
ATOM   932  C  CD  . ARG A 1 123 ? 4.445   -1.702  8.181   1.00 19.84 ? 125 ARG A CD  1 
ATOM   933  N  NE  . ARG A 1 123 ? 4.851   -0.412  7.617   1.00 15.71 ? 125 ARG A NE  1 
ATOM   934  C  CZ  . ARG A 1 123 ? 5.922   0.281   8.000   1.00 16.50 ? 125 ARG A CZ  1 
ATOM   935  N  NH1 . ARG A 1 123 ? 6.688   -0.146  8.983   1.00 15.53 ? 125 ARG A NH1 1 
ATOM   936  N  NH2 . ARG A 1 123 ? 6.209   1.433   7.414   1.00 17.06 ? 125 ARG A NH2 1 
ATOM   937  N  N   . LYS A 1 124 ? 6.399   -6.129  9.270   1.00 16.86 ? 126 LYS A N   1 
ATOM   938  C  CA  . LYS A 1 124 ? 7.610   -6.350  10.064  1.00 17.77 ? 126 LYS A CA  1 
ATOM   939  C  C   . LYS A 1 124 ? 8.485   -7.436  9.432   1.00 17.65 ? 126 LYS A C   1 
ATOM   940  O  O   . LYS A 1 124 ? 9.704   -7.334  9.507   1.00 17.39 ? 126 LYS A O   1 
ATOM   941  C  CB  . LYS A 1 124 ? 7.298   -6.696  11.529  1.00 18.39 ? 126 LYS A CB  1 
ATOM   942  C  CG  . LYS A 1 124 ? 6.534   -5.605  12.301  1.00 20.08 ? 126 LYS A CG  1 
ATOM   943  C  CD  . LYS A 1 124 ? 6.474   -5.951  13.796  1.00 22.69 ? 126 LYS A CD  1 
ATOM   944  C  CE  . LYS A 1 124 ? 5.448   -5.123  14.565  1.00 23.24 ? 126 LYS A CE  1 
ATOM   945  N  NZ  . LYS A 1 124 ? 5.975   -3.758  14.824  1.00 24.74 ? 126 LYS A NZ  1 
ATOM   946  N  N   . LYS A 1 125 ? 7.873   -8.438  8.798   1.00 17.86 ? 127 LYS A N   1 
ATOM   947  C  CA  . LYS A 1 125 ? 8.629   -9.472  8.059   1.00 19.34 ? 127 LYS A CA  1 
ATOM   948  C  C   . LYS A 1 125 ? 9.475   -8.914  6.898   1.00 19.91 ? 127 LYS A C   1 
ATOM   949  O  O   . LYS A 1 125 ? 10.451  -9.558  6.467   1.00 20.64 ? 127 LYS A O   1 
ATOM   950  C  CB  . LYS A 1 125 ? 7.722   -10.609 7.568   1.00 19.18 ? 127 LYS A CB  1 
ATOM   951  C  CG  . LYS A 1 125 ? 7.271   -11.619 8.640   1.00 20.97 ? 127 LYS A CG  1 
ATOM   952  C  CD  . LYS A 1 125 ? 6.583   -12.810 7.961   1.00 23.21 ? 127 LYS A CD  1 
ATOM   953  C  CE  . LYS A 1 125 ? 5.491   -13.427 8.823   1.00 25.20 ? 127 LYS A CE  1 
ATOM   954  N  NZ  . LYS A 1 125 ? 4.651   -14.431 8.031   1.00 24.33 ? 127 LYS A NZ  1 
ATOM   955  N  N   . LEU A 1 126 ? 9.115   -7.720  6.411   1.00 20.32 ? 128 LEU A N   1 
ATOM   956  C  CA  . LEU A 1 126 ? 9.851   -7.032  5.332   1.00 21.10 ? 128 LEU A CA  1 
ATOM   957  C  C   . LEU A 1 126 ? 11.159  -6.387  5.813   1.00 22.21 ? 128 LEU A C   1 
ATOM   958  O  O   . LEU A 1 126 ? 12.022  -6.029  4.998   1.00 21.83 ? 128 LEU A O   1 
ATOM   959  C  CB  . LEU A 1 126 ? 8.974   -5.954  4.652   1.00 20.65 ? 128 LEU A CB  1 
ATOM   960  C  CG  . LEU A 1 126 ? 7.664   -6.414  4.004   1.00 20.58 ? 128 LEU A CG  1 
ATOM   961  C  CD1 . LEU A 1 126 ? 7.031   -5.280  3.162   1.00 22.17 ? 128 LEU A CD1 1 
ATOM   962  C  CD2 . LEU A 1 126 ? 7.890   -7.648  3.144   1.00 21.29 ? 128 LEU A CD2 1 
ATOM   963  N  N   . GLY A 1 127 ? 11.306  -6.240  7.128   1.00 22.78 ? 129 GLY A N   1 
ATOM   964  C  CA  . GLY A 1 127 ? 12.445  -5.503  7.693   1.00 23.67 ? 129 GLY A CA  1 
ATOM   965  C  C   . GLY A 1 127 ? 12.078  -4.054  7.957   1.00 23.86 ? 129 GLY A C   1 
ATOM   966  O  O   . GLY A 1 127 ? 12.947  -3.220  8.212   1.00 24.75 ? 129 GLY A O   1 
ATOM   967  N  N   . LEU A 1 128 ? 10.789  -3.741  7.876   1.00 23.41 ? 130 LEU A N   1 
ATOM   968  C  CA  . LEU A 1 128 ? 10.334  -2.367  8.075   1.00 23.78 ? 130 LEU A CA  1 
ATOM   969  C  C   . LEU A 1 128 ? 9.988   -2.163  9.538   1.00 23.98 ? 130 LEU A C   1 
ATOM   970  O  O   . LEU A 1 128 ? 9.383   -3.034  10.161  1.00 23.91 ? 130 LEU A O   1 
ATOM   971  C  CB  . LEU A 1 128 ? 9.135   -2.037  7.170   1.00 23.19 ? 130 LEU A CB  1 
ATOM   972  C  CG  . LEU A 1 128 ? 9.392   -2.079  5.660   1.00 22.75 ? 130 LEU A CG  1 
ATOM   973  C  CD1 . LEU A 1 128 ? 8.126   -1.760  4.902   1.00 22.12 ? 130 LEU A CD1 1 
ATOM   974  C  CD2 . LEU A 1 128 ? 10.490  -1.064  5.303   1.00 23.31 ? 130 LEU A CD2 1 
ATOM   975  N  N   . LYS A 1 129 ? 10.385  -1.011  10.073  1.00 25.08 ? 131 LYS A N   1 
ATOM   976  C  CA  . LYS A 1 129 ? 10.197  -0.694  11.490  1.00 26.20 ? 131 LYS A CA  1 
ATOM   977  C  C   . LYS A 1 129 ? 8.948   0.162   11.689  1.00 26.22 ? 131 LYS A C   1 
ATOM   978  O  O   . LYS A 1 129 ? 8.347   0.185   12.770  1.00 25.52 ? 131 LYS A O   1 
ATOM   979  C  CB  . LYS A 1 129 ? 11.457  -0.025  12.072  1.00 26.33 ? 131 LYS A CB  1 
ATOM   980  C  CG  . LYS A 1 129 ? 12.518  -1.012  12.658  1.00 29.20 ? 131 LYS A CG  1 
ATOM   981  C  CD  . LYS A 1 129 ? 12.871  -2.213  11.746  1.00 33.44 ? 131 LYS A CD  1 
ATOM   982  C  CE  . LYS A 1 129 ? 13.180  -3.505  12.561  1.00 33.80 ? 131 LYS A CE  1 
ATOM   983  N  NZ  . LYS A 1 129 ? 13.275  -4.760  11.734  1.00 33.03 ? 131 LYS A NZ  1 
ATOM   984  O  OXT . LYS A 1 129 ? 8.497   0.827   10.749  1.00 26.12 ? 131 LYS A OXT 1 
HETATM 985  C  CHA . HEM B 2 .   ? -1.401  2.745   5.613   1.00 16.22 ? 200 HEM A CHA 1 
HETATM 986  C  CHB . HEM B 2 .   ? -2.564  2.955   0.894   1.00 14.16 ? 200 HEM A CHB 1 
HETATM 987  C  CHC . HEM B 2 .   ? -6.999  4.561   2.033   1.00 15.95 ? 200 HEM A CHC 1 
HETATM 988  C  CHD . HEM B 2 .   ? -5.270  5.668   6.397   1.00 16.23 ? 200 HEM A CHD 1 
HETATM 989  C  C1A . HEM B 2 .   ? -1.348  2.550   4.242   1.00 16.01 ? 200 HEM A C1A 1 
HETATM 990  C  C2A . HEM B 2 .   ? -0.348  1.820   3.492   1.00 16.59 ? 200 HEM A C2A 1 
HETATM 991  C  C3A . HEM B 2 .   ? -0.683  1.875   2.186   1.00 14.72 ? 200 HEM A C3A 1 
HETATM 992  C  C4A . HEM B 2 .   ? -1.905  2.635   2.066   1.00 15.76 ? 200 HEM A C4A 1 
HETATM 993  C  CMA . HEM B 2 .   ? 0.049   1.275   0.972   1.00 11.77 ? 200 HEM A CMA 1 
HETATM 994  C  CAA . HEM B 2 .   ? 0.874   1.117   4.129   1.00 14.92 ? 200 HEM A CAA 1 
HETATM 995  C  CBA . HEM B 2 .   ? 1.966   2.144   4.416   1.00 16.01 ? 200 HEM A CBA 1 
HETATM 996  C  CGA . HEM B 2 .   ? 3.106   1.506   5.181   1.00 16.42 ? 200 HEM A CGA 1 
HETATM 997  O  O1A . HEM B 2 .   ? 4.155   2.181   5.392   1.00 17.38 ? 200 HEM A O1A 1 
HETATM 998  O  O2A . HEM B 2 .   ? 2.995   0.323   5.575   1.00 14.25 ? 200 HEM A O2A 1 
HETATM 999  C  C1B . HEM B 2 .   ? -3.878  3.330   0.832   1.00 16.82 ? 200 HEM A C1B 1 
HETATM 1000 C  C2B . HEM B 2 .   ? -4.703  3.230   -0.341  1.00 14.84 ? 200 HEM A C2B 1 
HETATM 1001 C  C3B . HEM B 2 .   ? -5.922  3.656   -0.015  1.00 16.19 ? 200 HEM A C3B 1 
HETATM 1002 C  C4B . HEM B 2 .   ? -5.922  4.053   1.361   1.00 15.51 ? 200 HEM A C4B 1 
HETATM 1003 C  CMB . HEM B 2 .   ? -4.199  2.729   -1.712  1.00 16.61 ? 200 HEM A CMB 1 
HETATM 1004 C  CAB . HEM B 2 .   ? -7.162  3.701   -0.931  1.00 16.49 ? 200 HEM A CAB 1 
HETATM 1005 C  CBB . HEM B 2 .   ? -7.501  2.541   -1.540  1.00 18.41 ? 200 HEM A CBB 1 
HETATM 1006 C  C1C . HEM B 2 .   ? -6.918  5.092   3.290   1.00 17.73 ? 200 HEM A C1C 1 
HETATM 1007 C  C2C . HEM B 2 .   ? -7.915  5.915   3.947   1.00 18.00 ? 200 HEM A C2C 1 
HETATM 1008 C  C3C . HEM B 2 .   ? -7.439  6.217   5.171   1.00 17.86 ? 200 HEM A C3C 1 
HETATM 1009 C  C4C . HEM B 2 .   ? -6.113  5.614   5.304   1.00 18.08 ? 200 HEM A C4C 1 
HETATM 1010 C  CMC . HEM B 2 .   ? -9.258  6.322   3.297   1.00 17.38 ? 200 HEM A CMC 1 
HETATM 1011 C  CAC . HEM B 2 .   ? -8.157  7.062   6.260   1.00 20.36 ? 200 HEM A CAC 1 
HETATM 1012 C  CBC . HEM B 2 .   ? -9.333  6.675   6.832   1.00 17.53 ? 200 HEM A CBC 1 
HETATM 1013 C  C1D . HEM B 2 .   ? -4.120  4.944   6.635   1.00 17.05 ? 200 HEM A C1D 1 
HETATM 1014 C  C2D . HEM B 2 .   ? -3.430  4.877   7.910   1.00 15.88 ? 200 HEM A C2D 1 
HETATM 1015 C  C3D . HEM B 2 .   ? -2.232  3.967   7.671   1.00 16.99 ? 200 HEM A C3D 1 
HETATM 1016 C  C4D . HEM B 2 .   ? -2.297  3.576   6.278   1.00 17.64 ? 200 HEM A C4D 1 
HETATM 1017 C  CMD . HEM B 2 .   ? -3.824  5.579   9.229   1.00 17.32 ? 200 HEM A CMD 1 
HETATM 1018 C  CAD . HEM B 2 .   ? -1.169  3.560   8.710   1.00 18.28 ? 200 HEM A CAD 1 
HETATM 1019 C  CBD . HEM B 2 .   ? -1.843  2.534   9.635   1.00 19.94 ? 200 HEM A CBD 1 
HETATM 1020 C  CGD . HEM B 2 .   ? -1.053  2.417   10.903  1.00 19.95 ? 200 HEM A CGD 1 
HETATM 1021 O  O1D . HEM B 2 .   ? -0.783  1.273   11.346  1.00 17.45 ? 200 HEM A O1D 1 
HETATM 1022 O  O2D . HEM B 2 .   ? -0.693  3.483   11.468  1.00 21.57 ? 200 HEM A O2D 1 
HETATM 1023 N  NA  . HEM B 2 .   ? -2.271  3.032   3.330   1.00 15.93 ? 200 HEM A NA  1 
HETATM 1024 N  NB  . HEM B 2 .   ? -4.653  3.834   1.864   1.00 16.23 ? 200 HEM A NB  1 
HETATM 1025 N  NC  . HEM B 2 .   ? -5.837  4.929   4.139   1.00 16.74 ? 200 HEM A NC  1 
HETATM 1026 N  ND  . HEM B 2 .   ? -3.416  4.174   5.713   1.00 16.15 ? 200 HEM A ND  1 
HETATM 1027 FE FE  . HEM B 2 .   ? -4.058  3.969   3.718   1.00 17.02 ? 200 HEM A FE  1 
HETATM 1028 O  O   . HOH C 3 .   ? 7.941   -5.323  -7.356  1.00 19.78 ? 301 HOH A O   1 
HETATM 1029 O  O   . HOH C 3 .   ? 6.644   -2.703  10.421  1.00 18.45 ? 302 HOH A O   1 
HETATM 1030 O  O   . HOH C 3 .   ? -2.693  1.465   15.579  1.00 19.23 ? 303 HOH A O   1 
HETATM 1031 O  O   . HOH C 3 .   ? 1.732   -2.005  17.380  1.00 26.22 ? 304 HOH A O   1 
HETATM 1032 O  O   . HOH C 3 .   ? -3.274  -13.522 2.051   1.00 18.53 ? 305 HOH A O   1 
HETATM 1033 O  O   . HOH C 3 .   ? 2.242   -6.871  -14.994 1.00 26.49 ? 306 HOH A O   1 
HETATM 1034 O  O   . HOH C 3 .   ? -4.040  -10.932 -13.880 1.00 21.98 ? 307 HOH A O   1 
HETATM 1035 O  O   . HOH C 3 .   ? 0.387   7.313   -12.929 1.00 20.80 ? 308 HOH A O   1 
HETATM 1036 O  O   . HOH C 3 .   ? 0.635   -5.366  -16.880 1.00 30.38 ? 309 HOH A O   1 
HETATM 1037 O  O   . HOH C 3 .   ? 8.183   -6.378  -3.738  1.00 25.60 ? 310 HOH A O   1 
HETATM 1038 O  O   . HOH C 3 .   ? 1.381   11.882  -11.609 1.00 18.10 ? 311 HOH A O   1 
HETATM 1039 O  O   . HOH C 3 .   ? -0.989  8.332   14.174  1.00 26.97 ? 312 HOH A O   1 
HETATM 1040 O  O   . HOH C 3 .   ? -3.495  11.139  -7.475  1.00 27.04 ? 313 HOH A O   1 
HETATM 1041 O  O   . HOH C 3 .   ? 4.622   -9.732  2.127   1.00 22.57 ? 314 HOH A O   1 
HETATM 1042 O  O   . HOH C 3 .   ? -9.288  3.518   6.081   1.00 20.56 ? 315 HOH A O   1 
HETATM 1043 O  O   . HOH C 3 .   ? -8.677  -2.032  10.086  1.00 22.46 ? 316 HOH A O   1 
HETATM 1044 O  O   . HOH C 3 .   ? 4.665   7.030   -7.003  1.00 21.12 ? 317 HOH A O   1 
HETATM 1045 O  O   . HOH C 3 .   ? -9.716  -15.070 -4.597  1.00 26.90 ? 318 HOH A O   1 
HETATM 1046 O  O   . HOH C 3 .   ? -10.367 -12.782 1.885   1.00 25.12 ? 319 HOH A O   1 
HETATM 1047 O  O   . HOH C 3 .   ? -12.772 -9.034  -8.098  1.00 34.15 ? 320 HOH A O   1 
HETATM 1048 O  O   . HOH C 3 .   ? 0.161   -12.125 -5.184  1.00 23.88 ? 321 HOH A O   1 
HETATM 1049 O  O   . HOH C 3 .   ? 8.762   -8.886  -3.656  1.00 26.75 ? 322 HOH A O   1 
HETATM 1050 O  O   . HOH C 3 .   ? -2.566  6.202   -12.580 1.00 30.26 ? 323 HOH A O   1 
HETATM 1051 O  O   . HOH C 3 .   ? -7.584  -17.405 6.002   1.00 24.67 ? 324 HOH A O   1 
HETATM 1052 O  O   . HOH C 3 .   ? -12.837 6.016   1.040   1.00 28.87 ? 325 HOH A O   1 
HETATM 1053 O  O   . HOH C 3 .   ? -13.186 0.609   2.494   1.00 26.75 ? 326 HOH A O   1 
HETATM 1054 O  O   . HOH C 3 .   ? 6.350   7.244   -12.650 1.00 22.74 ? 327 HOH A O   1 
HETATM 1055 O  O   . HOH C 3 .   ? 13.337  -0.097  1.619   1.00 28.39 ? 328 HOH A O   1 
HETATM 1056 O  O   . HOH C 3 .   ? 10.536  -5.158  11.416  1.00 28.18 ? 329 HOH A O   1 
HETATM 1057 O  O   . HOH C 3 .   ? -7.143  6.648   9.862   1.00 29.67 ? 330 HOH A O   1 
HETATM 1058 O  O   . HOH C 3 .   ? -0.020  16.076  1.300   1.00 31.16 ? 331 HOH A O   1 
HETATM 1059 O  O   . HOH C 3 .   ? 1.860   -10.212 -5.478  1.00 28.31 ? 332 HOH A O   1 
HETATM 1060 O  O   . HOH C 3 .   ? 7.344   11.923  2.923   1.00 29.07 ? 333 HOH A O   1 
HETATM 1061 O  O   . HOH C 3 .   ? 14.264  -7.870  1.030   1.00 28.35 ? 334 HOH A O   1 
HETATM 1062 O  O   . HOH C 3 .   ? 5.789   -9.926  4.597   1.00 22.95 ? 335 HOH A O   1 
HETATM 1063 O  O   . HOH C 3 .   ? -0.867  13.344  -7.713  1.00 24.23 ? 336 HOH A O   1 
HETATM 1064 O  O   . HOH C 3 .   ? -14.398 3.971   -0.489  1.00 30.40 ? 337 HOH A O   1 
HETATM 1065 O  O   . HOH C 3 .   ? -11.117 -12.543 -6.528  1.00 31.95 ? 338 HOH A O   1 
HETATM 1066 O  O   . HOH C 3 .   ? 0.903   -12.556 9.432   1.00 25.30 ? 339 HOH A O   1 
HETATM 1067 O  O   . HOH C 3 .   ? 4.653   -1.823  16.029  1.00 27.13 ? 340 HOH A O   1 
HETATM 1068 O  O   . HOH C 3 .   ? 7.793   -11.638 4.044   1.00 24.13 ? 341 HOH A O   1 
HETATM 1069 O  O   . HOH C 3 .   ? 6.062   -1.596  13.075  1.00 34.64 ? 342 HOH A O   1 
HETATM 1070 O  O   . HOH C 3 .   ? -4.604  -12.002 13.920  1.00 31.41 ? 343 HOH A O   1 
HETATM 1071 O  O   . HOH C 3 .   ? 10.675  -6.634  -11.490 1.00 35.12 ? 344 HOH A O   1 
HETATM 1072 O  O   . HOH C 3 .   ? -14.577 -7.500  -4.018  1.00 33.92 ? 345 HOH A O   1 
HETATM 1073 O  O   . HOH C 3 .   ? -11.622 -10.498 2.212   1.00 29.03 ? 346 HOH A O   1 
HETATM 1074 O  O   . HOH C 3 .   ? -11.452 -7.452  -11.206 1.00 29.72 ? 347 HOH A O   1 
HETATM 1075 O  O   . HOH C 3 .   ? -2.280  17.098  -1.811  1.00 33.21 ? 348 HOH A O   1 
HETATM 1076 O  O   . HOH C 3 .   ? 6.469   10.145  7.342   1.00 24.92 ? 349 HOH A O   1 
HETATM 1077 O  O   . HOH C 3 .   ? 10.432  5.256   5.324   1.00 26.85 ? 350 HOH A O   1 
HETATM 1078 O  O   . HOH C 3 .   ? -12.897 -10.463 -0.267  1.00 30.28 ? 351 HOH A O   1 
HETATM 1079 O  O   . HOH C 3 .   ? 21.837  -2.880  -8.447  1.00 40.92 ? 352 HOH A O   1 
HETATM 1080 O  O   . HOH C 3 .   ? -9.211  9.651   -13.813 1.00 38.45 ? 353 HOH A O   1 
HETATM 1081 O  O   . HOH C 3 .   ? -13.289 6.302   -7.014  1.00 28.88 ? 354 HOH A O   1 
HETATM 1082 O  O   . HOH C 3 .   ? -6.108  6.251   12.062  1.00 29.09 ? 355 HOH A O   1 
HETATM 1083 O  O   . HOH C 3 .   ? -10.971 -8.439  3.740   1.00 24.45 ? 356 HOH A O   1 
HETATM 1084 O  O   . HOH C 3 .   ? -7.699  15.361  0.464   1.00 36.16 ? 357 HOH A O   1 
HETATM 1085 O  O   . HOH C 3 .   ? -4.468  -15.811 -8.918  1.00 26.06 ? 358 HOH A O   1 
HETATM 1086 O  O   . HOH C 3 .   ? 9.801   12.382  11.966  1.00 32.32 ? 359 HOH A O   1 
HETATM 1087 O  O   . HOH C 3 .   ? -10.815 12.417  -2.773  1.00 33.84 ? 360 HOH A O   1 
HETATM 1088 O  O   . HOH C 3 .   ? -8.940  -7.569  7.616   1.00 28.78 ? 361 HOH A O   1 
HETATM 1089 O  O   . HOH C 3 .   ? -6.877  -17.970 -11.277 1.00 31.28 ? 362 HOH A O   1 
HETATM 1090 O  O   . HOH C 3 .   ? -7.972  11.852  -6.167  1.00 32.05 ? 363 HOH A O   1 
HETATM 1091 O  O   . HOH C 3 .   ? -15.590 1.191   -2.474  1.00 33.45 ? 364 HOH A O   1 
HETATM 1092 O  O   . HOH C 3 .   ? 0.088   -14.841 4.951   1.00 35.94 ? 365 HOH A O   1 
HETATM 1093 O  O   . HOH C 3 .   ? -2.046  -12.018 14.642  1.00 43.34 ? 366 HOH A O   1 
HETATM 1094 O  O   . HOH C 3 .   ? -1.457  3.983   -12.986 1.00 37.86 ? 367 HOH A O   1 
HETATM 1095 O  O   . HOH C 3 .   ? 15.693  -10.296 0.397   1.00 33.00 ? 368 HOH A O   1 
HETATM 1096 O  O   . HOH C 3 .   ? 12.658  1.786   4.140   1.00 35.01 ? 369 HOH A O   1 
HETATM 1097 O  O   . HOH C 3 .   ? -11.516 6.455   -15.279 1.00 40.18 ? 370 HOH A O   1 
HETATM 1098 O  O   . HOH C 3 .   ? 11.903  1.117   8.689   1.00 38.29 ? 371 HOH A O   1 
# 
loop_
_pdbx_poly_seq_scheme.asym_id 
_pdbx_poly_seq_scheme.entity_id 
_pdbx_poly_seq_scheme.seq_id 
_pdbx_poly_seq_scheme.mon_id 
_pdbx_poly_seq_scheme.ndb_seq_num 
_pdbx_poly_seq_scheme.pdb_seq_num 
_pdbx_poly_seq_scheme.auth_seq_num 
_pdbx_poly_seq_scheme.pdb_mon_id 
_pdbx_poly_seq_scheme.auth_mon_id 
_pdbx_poly_seq_scheme.pdb_strand_id 
_pdbx_poly_seq_scheme.pdb_ins_code 
_pdbx_poly_seq_scheme.hetero 
A 1 1   ASP 1   3   3   ASP ASP A . n 
A 1 2   GLY 2   4   4   GLY GLY A . n 
A 1 3   ALA 3   5   5   ALA ALA A . n 
A 1 4   LYS 4   6   6   LYS LYS A . n 
A 1 5   ILE 5   7   7   ILE ILE A . n 
A 1 6   TYR 6   8   8   TYR TYR A . n 
A 1 7   ALA 7   9   9   ALA ALA A . n 
A 1 8   GLN 8   10  10  GLN GLN A . n 
A 1 9   CYS 9   11  11  CYS CYS A . n 
A 1 10  ALA 10  12  12  ALA ALA A . n 
A 1 11  GLY 11  13  13  GLY GLY A . n 
A 1 12  CYS 12  14  14  CYS CYS A . n 
A 1 13  HIS 13  15  15  HIS HIS A . n 
A 1 14  GLN 14  16  16  GLN GLN A . n 
A 1 15  GLN 15  17  17  GLN GLN A . n 
A 1 16  ASN 16  18  18  ASN ASN A . n 
A 1 17  GLY 17  19  19  GLY GLY A . n 
A 1 18  GLN 18  20  20  GLN GLN A . n 
A 1 19  GLY 19  21  21  GLY GLY A . n 
A 1 20  ILE 20  22  22  ILE ILE A . n 
A 1 21  PRO 21  23  23  PRO PRO A . n 
A 1 22  GLY 22  24  24  GLY GLY A . n 
A 1 23  ALA 23  25  25  ALA ALA A . n 
A 1 24  PHE 24  26  26  PHE PHE A . n 
A 1 25  PRO 25  27  27  PRO PRO A . n 
A 1 26  PRO 26  28  28  PRO PRO A . n 
A 1 27  LEU 27  29  29  LEU LEU A . n 
A 1 28  ALA 28  30  30  ALA ALA A . n 
A 1 29  GLY 29  31  31  GLY GLY A . n 
A 1 30  HIS 30  32  32  HIS HIS A . n 
A 1 31  VAL 31  33  33  VAL VAL A . n 
A 1 32  ALA 32  34  34  ALA ALA A . n 
A 1 33  GLU 33  35  35  GLU GLU A . n 
A 1 34  ILE 34  36  36  ILE ILE A . n 
A 1 35  LEU 35  37  37  LEU LEU A . n 
A 1 36  ALA 36  38  38  ALA ALA A . n 
A 1 37  LYS 37  39  39  LYS LYS A . n 
A 1 38  GLU 38  40  40  GLU GLU A . n 
A 1 39  GLY 39  41  41  GLY GLY A . n 
A 1 40  GLY 40  42  42  GLY GLY A . n 
A 1 41  ARG 41  43  43  ARG ARG A . n 
A 1 42  GLU 42  44  44  GLU GLU A . n 
A 1 43  TYR 43  45  45  TYR TYR A . n 
A 1 44  LEU 44  46  46  LEU LEU A . n 
A 1 45  ILE 45  47  47  ILE ILE A . n 
A 1 46  LEU 46  48  48  LEU LEU A . n 
A 1 47  VAL 47  49  49  VAL VAL A . n 
A 1 48  LEU 48  50  50  LEU LEU A . n 
A 1 49  LEU 49  51  51  LEU LEU A . n 
A 1 50  TYR 50  52  52  TYR TYR A . n 
A 1 51  GLY 51  53  53  GLY GLY A . n 
A 1 52  LEU 52  54  54  LEU LEU A . n 
A 1 53  GLN 53  55  55  GLN GLN A . n 
A 1 54  GLY 54  56  56  GLY GLY A . n 
A 1 55  GLN 55  57  57  GLN GLN A . n 
A 1 56  ILE 56  58  58  ILE ILE A . n 
A 1 57  GLU 57  59  59  GLU GLU A . n 
A 1 58  VAL 58  60  60  VAL VAL A . n 
A 1 59  LYS 59  61  61  LYS LYS A . n 
A 1 60  GLY 60  62  62  GLY GLY A . n 
A 1 61  MET 61  63  63  MET MET A . n 
A 1 62  LYS 62  64  64  LYS LYS A . n 
A 1 63  TYR 63  65  65  TYR TYR A . n 
A 1 64  ASN 64  66  66  ASN ASN A . n 
A 1 65  GLY 65  67  67  GLY GLY A . n 
A 1 66  VAL 66  68  68  VAL VAL A . n 
A 1 67  MET 67  69  69  MET MET A . n 
A 1 68  SER 68  70  70  SER SER A . n 
A 1 69  SER 69  71  71  SER SER A . n 
A 1 70  PHE 70  72  72  PHE PHE A . n 
A 1 71  ALA 71  73  73  ALA ALA A . n 
A 1 72  GLN 72  74  74  GLN GLN A . n 
A 1 73  LEU 73  75  75  LEU LEU A . n 
A 1 74  LYS 74  76  76  LYS LYS A . n 
A 1 75  ASP 75  77  77  ASP ASP A . n 
A 1 76  GLU 76  78  78  GLU GLU A . n 
A 1 77  GLU 77  79  79  GLU GLU A . n 
A 1 78  ILE 78  80  80  ILE ILE A . n 
A 1 79  ALA 79  81  81  ALA ALA A . n 
A 1 80  ALA 80  82  82  ALA ALA A . n 
A 1 81  VAL 81  83  83  VAL VAL A . n 
A 1 82  LEU 82  84  84  LEU LEU A . n 
A 1 83  ASN 83  85  85  ASN ASN A . n 
A 1 84  HIS 84  86  86  HIS HIS A . n 
A 1 85  ILE 85  87  87  ILE ILE A . n 
A 1 86  ALA 86  88  88  ALA ALA A . n 
A 1 87  THR 87  89  89  THR THR A . n 
A 1 88  ALA 88  90  90  ALA ALA A . n 
A 1 89  TRP 89  91  91  TRP TRP A . n 
A 1 90  GLY 90  92  92  GLY GLY A . n 
A 1 91  ASP 91  93  93  ASP ASP A . n 
A 1 92  ALA 92  94  94  ALA ALA A . n 
A 1 93  LYS 93  95  95  LYS LYS A . n 
A 1 94  LYS 94  96  96  LYS LYS A . n 
A 1 95  VAL 95  97  97  VAL VAL A . n 
A 1 96  LYS 96  98  98  LYS LYS A . n 
A 1 97  GLY 97  99  99  GLY GLY A . n 
A 1 98  PHE 98  100 100 PHE PHE A . n 
A 1 99  LYS 99  101 101 LYS LYS A . n 
A 1 100 PRO 100 102 102 PRO PRO A . n 
A 1 101 PHE 101 103 103 PHE PHE A . n 
A 1 102 THR 102 104 104 THR THR A . n 
A 1 103 ALA 103 105 105 ALA ALA A . n 
A 1 104 GLU 104 106 106 GLU GLU A . n 
A 1 105 GLU 105 107 107 GLU GLU A . n 
A 1 106 VAL 106 108 108 VAL VAL A . n 
A 1 107 LYS 107 109 109 LYS LYS A . n 
A 1 108 LYS 108 110 110 LYS LYS A . n 
A 1 109 LEU 109 111 111 LEU LEU A . n 
A 1 110 ARG 110 112 112 ARG ARG A . n 
A 1 111 ALA 111 113 113 ALA ALA A . n 
A 1 112 LYS 112 114 114 LYS LYS A . n 
A 1 113 LYS 113 115 115 LYS LYS A . n 
A 1 114 LEU 114 116 116 LEU LEU A . n 
A 1 115 THR 115 117 117 THR THR A . n 
A 1 116 PRO 116 118 118 PRO PRO A . n 
A 1 117 GLN 117 119 119 GLN GLN A . n 
A 1 118 GLN 118 120 120 GLN GLN A . n 
A 1 119 VAL 119 121 121 VAL VAL A . n 
A 1 120 LEU 120 122 122 LEU LEU A . n 
A 1 121 ALA 121 123 123 ALA ALA A . n 
A 1 122 GLU 122 124 124 GLU GLU A . n 
A 1 123 ARG 123 125 125 ARG ARG A . n 
A 1 124 LYS 124 126 126 LYS LYS A . n 
A 1 125 LYS 125 127 127 LYS LYS A . n 
A 1 126 LEU 126 128 128 LEU LEU A . n 
A 1 127 GLY 127 129 129 GLY GLY A . n 
A 1 128 LEU 128 130 130 LEU LEU A . n 
A 1 129 LYS 129 131 131 LYS LYS A . n 
# 
loop_
_pdbx_nonpoly_scheme.asym_id 
_pdbx_nonpoly_scheme.entity_id 
_pdbx_nonpoly_scheme.mon_id 
_pdbx_nonpoly_scheme.ndb_seq_num 
_pdbx_nonpoly_scheme.pdb_seq_num 
_pdbx_nonpoly_scheme.auth_seq_num 
_pdbx_nonpoly_scheme.pdb_mon_id 
_pdbx_nonpoly_scheme.auth_mon_id 
_pdbx_nonpoly_scheme.pdb_strand_id 
_pdbx_nonpoly_scheme.pdb_ins_code 
B 2 HEM 1  200 200 HEM HEM A . 
C 3 HOH 1  301 1   HOH HOH A . 
C 3 HOH 2  302 2   HOH HOH A . 
C 3 HOH 3  303 3   HOH HOH A . 
C 3 HOH 4  304 4   HOH HOH A . 
C 3 HOH 5  305 5   HOH HOH A . 
C 3 HOH 6  306 6   HOH HOH A . 
C 3 HOH 7  307 7   HOH HOH A . 
C 3 HOH 8  308 8   HOH HOH A . 
C 3 HOH 9  309 9   HOH HOH A . 
C 3 HOH 10 310 10  HOH HOH A . 
C 3 HOH 11 311 11  HOH HOH A . 
C 3 HOH 12 312 12  HOH HOH A . 
C 3 HOH 13 313 13  HOH HOH A . 
C 3 HOH 14 314 14  HOH HOH A . 
C 3 HOH 15 315 15  HOH HOH A . 
C 3 HOH 16 316 16  HOH HOH A . 
C 3 HOH 17 317 17  HOH HOH A . 
C 3 HOH 18 318 18  HOH HOH A . 
C 3 HOH 19 319 19  HOH HOH A . 
C 3 HOH 20 320 20  HOH HOH A . 
C 3 HOH 21 321 21  HOH HOH A . 
C 3 HOH 22 322 22  HOH HOH A . 
C 3 HOH 23 323 23  HOH HOH A . 
C 3 HOH 24 324 24  HOH HOH A . 
C 3 HOH 25 325 25  HOH HOH A . 
C 3 HOH 26 326 26  HOH HOH A . 
C 3 HOH 27 327 27  HOH HOH A . 
C 3 HOH 28 328 28  HOH HOH A . 
C 3 HOH 29 329 29  HOH HOH A . 
C 3 HOH 30 330 30  HOH HOH A . 
C 3 HOH 31 331 31  HOH HOH A . 
C 3 HOH 32 332 32  HOH HOH A . 
C 3 HOH 33 333 33  HOH HOH A . 
C 3 HOH 34 334 34  HOH HOH A . 
C 3 HOH 35 335 35  HOH HOH A . 
C 3 HOH 36 336 36  HOH HOH A . 
C 3 HOH 37 337 37  HOH HOH A . 
C 3 HOH 38 338 38  HOH HOH A . 
C 3 HOH 39 339 39  HOH HOH A . 
C 3 HOH 40 340 40  HOH HOH A . 
C 3 HOH 41 341 41  HOH HOH A . 
C 3 HOH 42 342 42  HOH HOH A . 
C 3 HOH 43 343 43  HOH HOH A . 
C 3 HOH 44 344 44  HOH HOH A . 
C 3 HOH 45 345 45  HOH HOH A . 
C 3 HOH 46 346 46  HOH HOH A . 
C 3 HOH 47 347 47  HOH HOH A . 
C 3 HOH 48 348 48  HOH HOH A . 
C 3 HOH 49 349 49  HOH HOH A . 
C 3 HOH 50 350 50  HOH HOH A . 
C 3 HOH 51 351 51  HOH HOH A . 
C 3 HOH 52 352 52  HOH HOH A . 
C 3 HOH 53 353 53  HOH HOH A . 
C 3 HOH 54 354 54  HOH HOH A . 
C 3 HOH 55 355 55  HOH HOH A . 
C 3 HOH 56 356 56  HOH HOH A . 
C 3 HOH 57 357 57  HOH HOH A . 
C 3 HOH 58 358 58  HOH HOH A . 
C 3 HOH 59 359 59  HOH HOH A . 
C 3 HOH 60 360 60  HOH HOH A . 
C 3 HOH 61 361 61  HOH HOH A . 
C 3 HOH 62 362 62  HOH HOH A . 
C 3 HOH 63 363 63  HOH HOH A . 
C 3 HOH 64 364 64  HOH HOH A . 
C 3 HOH 65 365 65  HOH HOH A . 
C 3 HOH 66 366 66  HOH HOH A . 
C 3 HOH 67 367 67  HOH HOH A . 
C 3 HOH 68 368 68  HOH HOH A . 
C 3 HOH 69 369 69  HOH HOH A . 
C 3 HOH 70 370 70  HOH HOH A . 
C 3 HOH 71 371 71  HOH HOH A . 
# 
_pdbx_struct_assembly.id                   1 
_pdbx_struct_assembly.details              author_and_software_defined_assembly 
_pdbx_struct_assembly.method_details       PISA 
_pdbx_struct_assembly.oligomeric_details   monomeric 
_pdbx_struct_assembly.oligomeric_count     1 
# 
_pdbx_struct_assembly_gen.assembly_id       1 
_pdbx_struct_assembly_gen.oper_expression   1 
_pdbx_struct_assembly_gen.asym_id_list      A,B,C 
# 
_pdbx_struct_oper_list.id                   1 
_pdbx_struct_oper_list.type                 'identity operation' 
_pdbx_struct_oper_list.name                 1_555 
_pdbx_struct_oper_list.symmetry_operation   x,y,z 
_pdbx_struct_oper_list.matrix[1][1]         1.0000000000 
_pdbx_struct_oper_list.matrix[1][2]         0.0000000000 
_pdbx_struct_oper_list.matrix[1][3]         0.0000000000 
_pdbx_struct_oper_list.vector[1]            0.0000000000 
_pdbx_struct_oper_list.matrix[2][1]         0.0000000000 
_pdbx_struct_oper_list.matrix[2][2]         1.0000000000 
_pdbx_struct_oper_list.matrix[2][3]         0.0000000000 
_pdbx_struct_oper_list.vector[2]            0.0000000000 
_pdbx_struct_oper_list.matrix[3][1]         0.0000000000 
_pdbx_struct_oper_list.matrix[3][2]         0.0000000000 
_pdbx_struct_oper_list.matrix[3][3]         1.0000000000 
_pdbx_struct_oper_list.vector[3]            0.0000000000 
# 
loop_
_pdbx_struct_conn_angle.id 
_pdbx_struct_conn_angle.ptnr1_label_atom_id 
_pdbx_struct_conn_angle.ptnr1_label_alt_id 
_pdbx_struct_conn_angle.ptnr1_label_asym_id 
_pdbx_struct_conn_angle.ptnr1_label_comp_id 
_pdbx_struct_conn_angle.ptnr1_label_seq_id 
_pdbx_struct_conn_angle.ptnr1_auth_atom_id 
_pdbx_struct_conn_angle.ptnr1_auth_asym_id 
_pdbx_struct_conn_angle.ptnr1_auth_comp_id 
_pdbx_struct_conn_angle.ptnr1_auth_seq_id 
_pdbx_struct_conn_angle.ptnr1_PDB_ins_code 
_pdbx_struct_conn_angle.ptnr1_symmetry 
_pdbx_struct_conn_angle.ptnr2_label_atom_id 
_pdbx_struct_conn_angle.ptnr2_label_alt_id 
_pdbx_struct_conn_angle.ptnr2_label_asym_id 
_pdbx_struct_conn_angle.ptnr2_label_comp_id 
_pdbx_struct_conn_angle.ptnr2_label_seq_id 
_pdbx_struct_conn_angle.ptnr2_auth_atom_id 
_pdbx_struct_conn_angle.ptnr2_auth_asym_id 
_pdbx_struct_conn_angle.ptnr2_auth_comp_id 
_pdbx_struct_conn_angle.ptnr2_auth_seq_id 
_pdbx_struct_conn_angle.ptnr2_PDB_ins_code 
_pdbx_struct_conn_angle.ptnr2_symmetry 
_pdbx_struct_conn_angle.ptnr3_label_atom_id 
_pdbx_struct_conn_angle.ptnr3_label_alt_id 
_pdbx_struct_conn_angle.ptnr3_label_asym_id 
_pdbx_struct_conn_angle.ptnr3_label_comp_id 
_pdbx_struct_conn_angle.ptnr3_label_seq_id 
_pdbx_struct_conn_angle.ptnr3_auth_atom_id 
_pdbx_struct_conn_angle.ptnr3_auth_asym_id 
_pdbx_struct_conn_angle.ptnr3_auth_comp_id 
_pdbx_struct_conn_angle.ptnr3_auth_seq_id 
_pdbx_struct_conn_angle.ptnr3_PDB_ins_code 
_pdbx_struct_conn_angle.ptnr3_symmetry 
_pdbx_struct_conn_angle.value 
_pdbx_struct_conn_angle.value_esd 
1  NE2 ? A HIS 13 ? A HIS 15  ? 1_555 FE ? B HEM . ? A HEM 200 ? 1_555 NA ? B HEM .  ? A HEM 200 ? 1_555 88.0  ? 
2  NE2 ? A HIS 13 ? A HIS 15  ? 1_555 FE ? B HEM . ? A HEM 200 ? 1_555 NB ? B HEM .  ? A HEM 200 ? 1_555 90.3  ? 
3  NA  ? B HEM .  ? A HEM 200 ? 1_555 FE ? B HEM . ? A HEM 200 ? 1_555 NB ? B HEM .  ? A HEM 200 ? 1_555 93.1  ? 
4  NE2 ? A HIS 13 ? A HIS 15  ? 1_555 FE ? B HEM . ? A HEM 200 ? 1_555 NC ? B HEM .  ? A HEM 200 ? 1_555 91.5  ? 
5  NA  ? B HEM .  ? A HEM 200 ? 1_555 FE ? B HEM . ? A HEM 200 ? 1_555 NC ? B HEM .  ? A HEM 200 ? 1_555 178.9 ? 
6  NB  ? B HEM .  ? A HEM 200 ? 1_555 FE ? B HEM . ? A HEM 200 ? 1_555 NC ? B HEM .  ? A HEM 200 ? 1_555 87.9  ? 
7  NE2 ? A HIS 13 ? A HIS 15  ? 1_555 FE ? B HEM . ? A HEM 200 ? 1_555 ND ? B HEM .  ? A HEM 200 ? 1_555 88.3  ? 
8  NA  ? B HEM .  ? A HEM 200 ? 1_555 FE ? B HEM . ? A HEM 200 ? 1_555 ND ? B HEM .  ? A HEM 200 ? 1_555 87.6  ? 
9  NB  ? B HEM .  ? A HEM 200 ? 1_555 FE ? B HEM . ? A HEM 200 ? 1_555 ND ? B HEM .  ? A HEM 200 ? 1_555 178.4 ? 
10 NC  ? B HEM .  ? A HEM 200 ? 1_555 FE ? B HEM . ? A HEM 200 ? 1_555 ND ? B HEM .  ? A HEM 200 ? 1_555 91.4  ? 
11 NE2 ? A HIS 13 ? A HIS 15  ? 1_555 FE ? B HEM . ? A HEM 200 ? 1_555 SD ? A MET 67 ? A MET 69  ? 1_555 170.8 ? 
12 NA  ? B HEM .  ? A HEM 200 ? 1_555 FE ? B HEM . ? A HEM 200 ? 1_555 SD ? A MET 67 ? A MET 69  ? 1_555 83.6  ? 
13 NB  ? B HEM .  ? A HEM 200 ? 1_555 FE ? B HEM . ? A HEM 200 ? 1_555 SD ? A MET 67 ? A MET 69  ? 1_555 93.9  ? 
14 NC  ? B HEM .  ? A HEM 200 ? 1_555 FE ? B HEM . ? A HEM 200 ? 1_555 SD ? A MET 67 ? A MET 69  ? 1_555 96.8  ? 
15 ND  ? B HEM .  ? A HEM 200 ? 1_555 FE ? B HEM . ? A HEM 200 ? 1_555 SD ? A MET 67 ? A MET 69  ? 1_555 87.6  ? 
# 
loop_
_pdbx_audit_revision_history.ordinal 
_pdbx_audit_revision_history.data_content_type 
_pdbx_audit_revision_history.major_revision 
_pdbx_audit_revision_history.minor_revision 
_pdbx_audit_revision_history.revision_date 
1 'Structure model' 1 0 2013-01-23 
2 'Structure model' 1 1 2013-02-06 
3 'Structure model' 1 2 2023-11-08 
# 
_pdbx_audit_revision_details.ordinal             1 
_pdbx_audit_revision_details.revision_ordinal    1 
_pdbx_audit_revision_details.data_content_type   'Structure model' 
_pdbx_audit_revision_details.provider            repository 
_pdbx_audit_revision_details.type                'Initial release' 
_pdbx_audit_revision_details.description         ? 
_pdbx_audit_revision_details.details             ? 
# 
loop_
_pdbx_audit_revision_group.ordinal 
_pdbx_audit_revision_group.revision_ordinal 
_pdbx_audit_revision_group.data_content_type 
_pdbx_audit_revision_group.group 
1 2 'Structure model' 'Database references'    
2 3 'Structure model' 'Data collection'        
3 3 'Structure model' 'Database references'    
4 3 'Structure model' 'Derived calculations'   
5 3 'Structure model' 'Refinement description' 
# 
loop_
_pdbx_audit_revision_category.ordinal 
_pdbx_audit_revision_category.revision_ordinal 
_pdbx_audit_revision_category.data_content_type 
_pdbx_audit_revision_category.category 
1 3 'Structure model' chem_comp_atom                
2 3 'Structure model' chem_comp_bond                
3 3 'Structure model' database_2                    
4 3 'Structure model' pdbx_initial_refinement_model 
5 3 'Structure model' struct_site                   
# 
loop_
_pdbx_audit_revision_item.ordinal 
_pdbx_audit_revision_item.revision_ordinal 
_pdbx_audit_revision_item.data_content_type 
_pdbx_audit_revision_item.item 
1 3 'Structure model' '_database_2.pdbx_DOI'                
2 3 'Structure model' '_database_2.pdbx_database_accession' 
3 3 'Structure model' '_struct_site.pdbx_auth_asym_id'      
4 3 'Structure model' '_struct_site.pdbx_auth_comp_id'      
5 3 'Structure model' '_struct_site.pdbx_auth_seq_id'       
# 
loop_
_software.name 
_software.classification 
_software.version 
_software.citation_id 
_software.pdbx_ordinal 
CrystalClear 'data collection' .   ? 1 
MOLREP       phasing           .   ? 2 
REFMAC       refinement        5.5 ? 3 
CrystalClear 'data reduction'  .   ? 4 
CrystalClear 'data scaling'    .   ? 5 
# 
loop_
_pdbx_validate_close_contact.id 
_pdbx_validate_close_contact.PDB_model_num 
_pdbx_validate_close_contact.auth_atom_id_1 
_pdbx_validate_close_contact.auth_asym_id_1 
_pdbx_validate_close_contact.auth_comp_id_1 
_pdbx_validate_close_contact.auth_seq_id_1 
_pdbx_validate_close_contact.PDB_ins_code_1 
_pdbx_validate_close_contact.label_alt_id_1 
_pdbx_validate_close_contact.auth_atom_id_2 
_pdbx_validate_close_contact.auth_asym_id_2 
_pdbx_validate_close_contact.auth_comp_id_2 
_pdbx_validate_close_contact.auth_seq_id_2 
_pdbx_validate_close_contact.PDB_ins_code_2 
_pdbx_validate_close_contact.label_alt_id_2 
_pdbx_validate_close_contact.dist 
1 1 SG A CYS 11 ? ? CAB A HEM 200 ? ? 1.95 
2 1 SG A CYS 14 ? ? CAC A HEM 200 ? ? 2.18 
# 
loop_
_pdbx_validate_torsion.id 
_pdbx_validate_torsion.PDB_model_num 
_pdbx_validate_torsion.auth_comp_id 
_pdbx_validate_torsion.auth_asym_id 
_pdbx_validate_torsion.auth_seq_id 
_pdbx_validate_torsion.PDB_ins_code 
_pdbx_validate_torsion.label_alt_id 
_pdbx_validate_torsion.phi 
_pdbx_validate_torsion.psi 
1 1 GLN A 16 ? ? 81.33   156.16 
2 1 ASN A 66 ? ? -142.08 54.33  
# 
loop_
_chem_comp_atom.comp_id 
_chem_comp_atom.atom_id 
_chem_comp_atom.type_symbol 
_chem_comp_atom.pdbx_aromatic_flag 
_chem_comp_atom.pdbx_stereo_config 
_chem_comp_atom.pdbx_ordinal 
ALA N    N  N N 1   
ALA CA   C  N S 2   
ALA C    C  N N 3   
ALA O    O  N N 4   
ALA CB   C  N N 5   
ALA OXT  O  N N 6   
ALA H    H  N N 7   
ALA H2   H  N N 8   
ALA HA   H  N N 9   
ALA HB1  H  N N 10  
ALA HB2  H  N N 11  
ALA HB3  H  N N 12  
ALA HXT  H  N N 13  
ARG N    N  N N 14  
ARG CA   C  N S 15  
ARG C    C  N N 16  
ARG O    O  N N 17  
ARG CB   C  N N 18  
ARG CG   C  N N 19  
ARG CD   C  N N 20  
ARG NE   N  N N 21  
ARG CZ   C  N N 22  
ARG NH1  N  N N 23  
ARG NH2  N  N N 24  
ARG OXT  O  N N 25  
ARG H    H  N N 26  
ARG H2   H  N N 27  
ARG HA   H  N N 28  
ARG HB2  H  N N 29  
ARG HB3  H  N N 30  
ARG HG2  H  N N 31  
ARG HG3  H  N N 32  
ARG HD2  H  N N 33  
ARG HD3  H  N N 34  
ARG HE   H  N N 35  
ARG HH11 H  N N 36  
ARG HH12 H  N N 37  
ARG HH21 H  N N 38  
ARG HH22 H  N N 39  
ARG HXT  H  N N 40  
ASN N    N  N N 41  
ASN CA   C  N S 42  
ASN C    C  N N 43  
ASN O    O  N N 44  
ASN CB   C  N N 45  
ASN CG   C  N N 46  
ASN OD1  O  N N 47  
ASN ND2  N  N N 48  
ASN OXT  O  N N 49  
ASN H    H  N N 50  
ASN H2   H  N N 51  
ASN HA   H  N N 52  
ASN HB2  H  N N 53  
ASN HB3  H  N N 54  
ASN HD21 H  N N 55  
ASN HD22 H  N N 56  
ASN HXT  H  N N 57  
ASP N    N  N N 58  
ASP CA   C  N S 59  
ASP C    C  N N 60  
ASP O    O  N N 61  
ASP CB   C  N N 62  
ASP CG   C  N N 63  
ASP OD1  O  N N 64  
ASP OD2  O  N N 65  
ASP OXT  O  N N 66  
ASP H    H  N N 67  
ASP H2   H  N N 68  
ASP HA   H  N N 69  
ASP HB2  H  N N 70  
ASP HB3  H  N N 71  
ASP HD2  H  N N 72  
ASP HXT  H  N N 73  
CYS N    N  N N 74  
CYS CA   C  N R 75  
CYS C    C  N N 76  
CYS O    O  N N 77  
CYS CB   C  N N 78  
CYS SG   S  N N 79  
CYS OXT  O  N N 80  
CYS H    H  N N 81  
CYS H2   H  N N 82  
CYS HA   H  N N 83  
CYS HB2  H  N N 84  
CYS HB3  H  N N 85  
CYS HG   H  N N 86  
CYS HXT  H  N N 87  
GLN N    N  N N 88  
GLN CA   C  N S 89  
GLN C    C  N N 90  
GLN O    O  N N 91  
GLN CB   C  N N 92  
GLN CG   C  N N 93  
GLN CD   C  N N 94  
GLN OE1  O  N N 95  
GLN NE2  N  N N 96  
GLN OXT  O  N N 97  
GLN H    H  N N 98  
GLN H2   H  N N 99  
GLN HA   H  N N 100 
GLN HB2  H  N N 101 
GLN HB3  H  N N 102 
GLN HG2  H  N N 103 
GLN HG3  H  N N 104 
GLN HE21 H  N N 105 
GLN HE22 H  N N 106 
GLN HXT  H  N N 107 
GLU N    N  N N 108 
GLU CA   C  N S 109 
GLU C    C  N N 110 
GLU O    O  N N 111 
GLU CB   C  N N 112 
GLU CG   C  N N 113 
GLU CD   C  N N 114 
GLU OE1  O  N N 115 
GLU OE2  O  N N 116 
GLU OXT  O  N N 117 
GLU H    H  N N 118 
GLU H2   H  N N 119 
GLU HA   H  N N 120 
GLU HB2  H  N N 121 
GLU HB3  H  N N 122 
GLU HG2  H  N N 123 
GLU HG3  H  N N 124 
GLU HE2  H  N N 125 
GLU HXT  H  N N 126 
GLY N    N  N N 127 
GLY CA   C  N N 128 
GLY C    C  N N 129 
GLY O    O  N N 130 
GLY OXT  O  N N 131 
GLY H    H  N N 132 
GLY H2   H  N N 133 
GLY HA2  H  N N 134 
GLY HA3  H  N N 135 
GLY HXT  H  N N 136 
HEM CHA  C  N N 137 
HEM CHB  C  N N 138 
HEM CHC  C  N N 139 
HEM CHD  C  N N 140 
HEM C1A  C  Y N 141 
HEM C2A  C  Y N 142 
HEM C3A  C  Y N 143 
HEM C4A  C  Y N 144 
HEM CMA  C  N N 145 
HEM CAA  C  N N 146 
HEM CBA  C  N N 147 
HEM CGA  C  N N 148 
HEM O1A  O  N N 149 
HEM O2A  O  N N 150 
HEM C1B  C  N N 151 
HEM C2B  C  N N 152 
HEM C3B  C  N N 153 
HEM C4B  C  N N 154 
HEM CMB  C  N N 155 
HEM CAB  C  N N 156 
HEM CBB  C  N N 157 
HEM C1C  C  Y N 158 
HEM C2C  C  Y N 159 
HEM C3C  C  Y N 160 
HEM C4C  C  Y N 161 
HEM CMC  C  N N 162 
HEM CAC  C  N N 163 
HEM CBC  C  N N 164 
HEM C1D  C  N N 165 
HEM C2D  C  N N 166 
HEM C3D  C  N N 167 
HEM C4D  C  N N 168 
HEM CMD  C  N N 169 
HEM CAD  C  N N 170 
HEM CBD  C  N N 171 
HEM CGD  C  N N 172 
HEM O1D  O  N N 173 
HEM O2D  O  N N 174 
HEM NA   N  Y N 175 
HEM NB   N  N N 176 
HEM NC   N  Y N 177 
HEM ND   N  N N 178 
HEM FE   FE N N 179 
HEM HHB  H  N N 180 
HEM HHC  H  N N 181 
HEM HHD  H  N N 182 
HEM HMA  H  N N 183 
HEM HMAA H  N N 184 
HEM HMAB H  N N 185 
HEM HAA  H  N N 186 
HEM HAAA H  N N 187 
HEM HBA  H  N N 188 
HEM HBAA H  N N 189 
HEM HMB  H  N N 190 
HEM HMBA H  N N 191 
HEM HMBB H  N N 192 
HEM HAB  H  N N 193 
HEM HBB  H  N N 194 
HEM HBBA H  N N 195 
HEM HMC  H  N N 196 
HEM HMCA H  N N 197 
HEM HMCB H  N N 198 
HEM HAC  H  N N 199 
HEM HBC  H  N N 200 
HEM HBCA H  N N 201 
HEM HMD  H  N N 202 
HEM HMDA H  N N 203 
HEM HMDB H  N N 204 
HEM HAD  H  N N 205 
HEM HADA H  N N 206 
HEM HBD  H  N N 207 
HEM HBDA H  N N 208 
HEM H2A  H  N N 209 
HEM H2D  H  N N 210 
HEM HHA  H  N N 211 
HIS N    N  N N 212 
HIS CA   C  N S 213 
HIS C    C  N N 214 
HIS O    O  N N 215 
HIS CB   C  N N 216 
HIS CG   C  Y N 217 
HIS ND1  N  Y N 218 
HIS CD2  C  Y N 219 
HIS CE1  C  Y N 220 
HIS NE2  N  Y N 221 
HIS OXT  O  N N 222 
HIS H    H  N N 223 
HIS H2   H  N N 224 
HIS HA   H  N N 225 
HIS HB2  H  N N 226 
HIS HB3  H  N N 227 
HIS HD1  H  N N 228 
HIS HD2  H  N N 229 
HIS HE1  H  N N 230 
HIS HE2  H  N N 231 
HIS HXT  H  N N 232 
HOH O    O  N N 233 
HOH H1   H  N N 234 
HOH H2   H  N N 235 
ILE N    N  N N 236 
ILE CA   C  N S 237 
ILE C    C  N N 238 
ILE O    O  N N 239 
ILE CB   C  N S 240 
ILE CG1  C  N N 241 
ILE CG2  C  N N 242 
ILE CD1  C  N N 243 
ILE OXT  O  N N 244 
ILE H    H  N N 245 
ILE H2   H  N N 246 
ILE HA   H  N N 247 
ILE HB   H  N N 248 
ILE HG12 H  N N 249 
ILE HG13 H  N N 250 
ILE HG21 H  N N 251 
ILE HG22 H  N N 252 
ILE HG23 H  N N 253 
ILE HD11 H  N N 254 
ILE HD12 H  N N 255 
ILE HD13 H  N N 256 
ILE HXT  H  N N 257 
LEU N    N  N N 258 
LEU CA   C  N S 259 
LEU C    C  N N 260 
LEU O    O  N N 261 
LEU CB   C  N N 262 
LEU CG   C  N N 263 
LEU CD1  C  N N 264 
LEU CD2  C  N N 265 
LEU OXT  O  N N 266 
LEU H    H  N N 267 
LEU H2   H  N N 268 
LEU HA   H  N N 269 
LEU HB2  H  N N 270 
LEU HB3  H  N N 271 
LEU HG   H  N N 272 
LEU HD11 H  N N 273 
LEU HD12 H  N N 274 
LEU HD13 H  N N 275 
LEU HD21 H  N N 276 
LEU HD22 H  N N 277 
LEU HD23 H  N N 278 
LEU HXT  H  N N 279 
LYS N    N  N N 280 
LYS CA   C  N S 281 
LYS C    C  N N 282 
LYS O    O  N N 283 
LYS CB   C  N N 284 
LYS CG   C  N N 285 
LYS CD   C  N N 286 
LYS CE   C  N N 287 
LYS NZ   N  N N 288 
LYS OXT  O  N N 289 
LYS H    H  N N 290 
LYS H2   H  N N 291 
LYS HA   H  N N 292 
LYS HB2  H  N N 293 
LYS HB3  H  N N 294 
LYS HG2  H  N N 295 
LYS HG3  H  N N 296 
LYS HD2  H  N N 297 
LYS HD3  H  N N 298 
LYS HE2  H  N N 299 
LYS HE3  H  N N 300 
LYS HZ1  H  N N 301 
LYS HZ2  H  N N 302 
LYS HZ3  H  N N 303 
LYS HXT  H  N N 304 
MET N    N  N N 305 
MET CA   C  N S 306 
MET C    C  N N 307 
MET O    O  N N 308 
MET CB   C  N N 309 
MET CG   C  N N 310 
MET SD   S  N N 311 
MET CE   C  N N 312 
MET OXT  O  N N 313 
MET H    H  N N 314 
MET H2   H  N N 315 
MET HA   H  N N 316 
MET HB2  H  N N 317 
MET HB3  H  N N 318 
MET HG2  H  N N 319 
MET HG3  H  N N 320 
MET HE1  H  N N 321 
MET HE2  H  N N 322 
MET HE3  H  N N 323 
MET HXT  H  N N 324 
PHE N    N  N N 325 
PHE CA   C  N S 326 
PHE C    C  N N 327 
PHE O    O  N N 328 
PHE CB   C  N N 329 
PHE CG   C  Y N 330 
PHE CD1  C  Y N 331 
PHE CD2  C  Y N 332 
PHE CE1  C  Y N 333 
PHE CE2  C  Y N 334 
PHE CZ   C  Y N 335 
PHE OXT  O  N N 336 
PHE H    H  N N 337 
PHE H2   H  N N 338 
PHE HA   H  N N 339 
PHE HB2  H  N N 340 
PHE HB3  H  N N 341 
PHE HD1  H  N N 342 
PHE HD2  H  N N 343 
PHE HE1  H  N N 344 
PHE HE2  H  N N 345 
PHE HZ   H  N N 346 
PHE HXT  H  N N 347 
PRO N    N  N N 348 
PRO CA   C  N S 349 
PRO C    C  N N 350 
PRO O    O  N N 351 
PRO CB   C  N N 352 
PRO CG   C  N N 353 
PRO CD   C  N N 354 
PRO OXT  O  N N 355 
PRO H    H  N N 356 
PRO HA   H  N N 357 
PRO HB2  H  N N 358 
PRO HB3  H  N N 359 
PRO HG2  H  N N 360 
PRO HG3  H  N N 361 
PRO HD2  H  N N 362 
PRO HD3  H  N N 363 
PRO HXT  H  N N 364 
SER N    N  N N 365 
SER CA   C  N S 366 
SER C    C  N N 367 
SER O    O  N N 368 
SER CB   C  N N 369 
SER OG   O  N N 370 
SER OXT  O  N N 371 
SER H    H  N N 372 
SER H2   H  N N 373 
SER HA   H  N N 374 
SER HB2  H  N N 375 
SER HB3  H  N N 376 
SER HG   H  N N 377 
SER HXT  H  N N 378 
THR N    N  N N 379 
THR CA   C  N S 380 
THR C    C  N N 381 
THR O    O  N N 382 
THR CB   C  N R 383 
THR OG1  O  N N 384 
THR CG2  C  N N 385 
THR OXT  O  N N 386 
THR H    H  N N 387 
THR H2   H  N N 388 
THR HA   H  N N 389 
THR HB   H  N N 390 
THR HG1  H  N N 391 
THR HG21 H  N N 392 
THR HG22 H  N N 393 
THR HG23 H  N N 394 
THR HXT  H  N N 395 
TRP N    N  N N 396 
TRP CA   C  N S 397 
TRP C    C  N N 398 
TRP O    O  N N 399 
TRP CB   C  N N 400 
TRP CG   C  Y N 401 
TRP CD1  C  Y N 402 
TRP CD2  C  Y N 403 
TRP NE1  N  Y N 404 
TRP CE2  C  Y N 405 
TRP CE3  C  Y N 406 
TRP CZ2  C  Y N 407 
TRP CZ3  C  Y N 408 
TRP CH2  C  Y N 409 
TRP OXT  O  N N 410 
TRP H    H  N N 411 
TRP H2   H  N N 412 
TRP HA   H  N N 413 
TRP HB2  H  N N 414 
TRP HB3  H  N N 415 
TRP HD1  H  N N 416 
TRP HE1  H  N N 417 
TRP HE3  H  N N 418 
TRP HZ2  H  N N 419 
TRP HZ3  H  N N 420 
TRP HH2  H  N N 421 
TRP HXT  H  N N 422 
TYR N    N  N N 423 
TYR CA   C  N S 424 
TYR C    C  N N 425 
TYR O    O  N N 426 
TYR CB   C  N N 427 
TYR CG   C  Y N 428 
TYR CD1  C  Y N 429 
TYR CD2  C  Y N 430 
TYR CE1  C  Y N 431 
TYR CE2  C  Y N 432 
TYR CZ   C  Y N 433 
TYR OH   O  N N 434 
TYR OXT  O  N N 435 
TYR H    H  N N 436 
TYR H2   H  N N 437 
TYR HA   H  N N 438 
TYR HB2  H  N N 439 
TYR HB3  H  N N 440 
TYR HD1  H  N N 441 
TYR HD2  H  N N 442 
TYR HE1  H  N N 443 
TYR HE2  H  N N 444 
TYR HH   H  N N 445 
TYR HXT  H  N N 446 
VAL N    N  N N 447 
VAL CA   C  N S 448 
VAL C    C  N N 449 
VAL O    O  N N 450 
VAL CB   C  N N 451 
VAL CG1  C  N N 452 
VAL CG2  C  N N 453 
VAL OXT  O  N N 454 
VAL H    H  N N 455 
VAL H2   H  N N 456 
VAL HA   H  N N 457 
VAL HB   H  N N 458 
VAL HG11 H  N N 459 
VAL HG12 H  N N 460 
VAL HG13 H  N N 461 
VAL HG21 H  N N 462 
VAL HG22 H  N N 463 
VAL HG23 H  N N 464 
VAL HXT  H  N N 465 
# 
loop_
_chem_comp_bond.comp_id 
_chem_comp_bond.atom_id_1 
_chem_comp_bond.atom_id_2 
_chem_comp_bond.value_order 
_chem_comp_bond.pdbx_aromatic_flag 
_chem_comp_bond.pdbx_stereo_config 
_chem_comp_bond.pdbx_ordinal 
ALA N   CA   sing N N 1   
ALA N   H    sing N N 2   
ALA N   H2   sing N N 3   
ALA CA  C    sing N N 4   
ALA CA  CB   sing N N 5   
ALA CA  HA   sing N N 6   
ALA C   O    doub N N 7   
ALA C   OXT  sing N N 8   
ALA CB  HB1  sing N N 9   
ALA CB  HB2  sing N N 10  
ALA CB  HB3  sing N N 11  
ALA OXT HXT  sing N N 12  
ARG N   CA   sing N N 13  
ARG N   H    sing N N 14  
ARG N   H2   sing N N 15  
ARG CA  C    sing N N 16  
ARG CA  CB   sing N N 17  
ARG CA  HA   sing N N 18  
ARG C   O    doub N N 19  
ARG C   OXT  sing N N 20  
ARG CB  CG   sing N N 21  
ARG CB  HB2  sing N N 22  
ARG CB  HB3  sing N N 23  
ARG CG  CD   sing N N 24  
ARG CG  HG2  sing N N 25  
ARG CG  HG3  sing N N 26  
ARG CD  NE   sing N N 27  
ARG CD  HD2  sing N N 28  
ARG CD  HD3  sing N N 29  
ARG NE  CZ   sing N N 30  
ARG NE  HE   sing N N 31  
ARG CZ  NH1  sing N N 32  
ARG CZ  NH2  doub N N 33  
ARG NH1 HH11 sing N N 34  
ARG NH1 HH12 sing N N 35  
ARG NH2 HH21 sing N N 36  
ARG NH2 HH22 sing N N 37  
ARG OXT HXT  sing N N 38  
ASN N   CA   sing N N 39  
ASN N   H    sing N N 40  
ASN N   H2   sing N N 41  
ASN CA  C    sing N N 42  
ASN CA  CB   sing N N 43  
ASN CA  HA   sing N N 44  
ASN C   O    doub N N 45  
ASN C   OXT  sing N N 46  
ASN CB  CG   sing N N 47  
ASN CB  HB2  sing N N 48  
ASN CB  HB3  sing N N 49  
ASN CG  OD1  doub N N 50  
ASN CG  ND2  sing N N 51  
ASN ND2 HD21 sing N N 52  
ASN ND2 HD22 sing N N 53  
ASN OXT HXT  sing N N 54  
ASP N   CA   sing N N 55  
ASP N   H    sing N N 56  
ASP N   H2   sing N N 57  
ASP CA  C    sing N N 58  
ASP CA  CB   sing N N 59  
ASP CA  HA   sing N N 60  
ASP C   O    doub N N 61  
ASP C   OXT  sing N N 62  
ASP CB  CG   sing N N 63  
ASP CB  HB2  sing N N 64  
ASP CB  HB3  sing N N 65  
ASP CG  OD1  doub N N 66  
ASP CG  OD2  sing N N 67  
ASP OD2 HD2  sing N N 68  
ASP OXT HXT  sing N N 69  
CYS N   CA   sing N N 70  
CYS N   H    sing N N 71  
CYS N   H2   sing N N 72  
CYS CA  C    sing N N 73  
CYS CA  CB   sing N N 74  
CYS CA  HA   sing N N 75  
CYS C   O    doub N N 76  
CYS C   OXT  sing N N 77  
CYS CB  SG   sing N N 78  
CYS CB  HB2  sing N N 79  
CYS CB  HB3  sing N N 80  
CYS SG  HG   sing N N 81  
CYS OXT HXT  sing N N 82  
GLN N   CA   sing N N 83  
GLN N   H    sing N N 84  
GLN N   H2   sing N N 85  
GLN CA  C    sing N N 86  
GLN CA  CB   sing N N 87  
GLN CA  HA   sing N N 88  
GLN C   O    doub N N 89  
GLN C   OXT  sing N N 90  
GLN CB  CG   sing N N 91  
GLN CB  HB2  sing N N 92  
GLN CB  HB3  sing N N 93  
GLN CG  CD   sing N N 94  
GLN CG  HG2  sing N N 95  
GLN CG  HG3  sing N N 96  
GLN CD  OE1  doub N N 97  
GLN CD  NE2  sing N N 98  
GLN NE2 HE21 sing N N 99  
GLN NE2 HE22 sing N N 100 
GLN OXT HXT  sing N N 101 
GLU N   CA   sing N N 102 
GLU N   H    sing N N 103 
GLU N   H2   sing N N 104 
GLU CA  C    sing N N 105 
GLU CA  CB   sing N N 106 
GLU CA  HA   sing N N 107 
GLU C   O    doub N N 108 
GLU C   OXT  sing N N 109 
GLU CB  CG   sing N N 110 
GLU CB  HB2  sing N N 111 
GLU CB  HB3  sing N N 112 
GLU CG  CD   sing N N 113 
GLU CG  HG2  sing N N 114 
GLU CG  HG3  sing N N 115 
GLU CD  OE1  doub N N 116 
GLU CD  OE2  sing N N 117 
GLU OE2 HE2  sing N N 118 
GLU OXT HXT  sing N N 119 
GLY N   CA   sing N N 120 
GLY N   H    sing N N 121 
GLY N   H2   sing N N 122 
GLY CA  C    sing N N 123 
GLY CA  HA2  sing N N 124 
GLY CA  HA3  sing N N 125 
GLY C   O    doub N N 126 
GLY C   OXT  sing N N 127 
GLY OXT HXT  sing N N 128 
HEM CHA C1A  sing N N 129 
HEM CHA C4D  doub N N 130 
HEM CHA HHA  sing N N 131 
HEM CHB C4A  sing N N 132 
HEM CHB C1B  doub N N 133 
HEM CHB HHB  sing N N 134 
HEM CHC C4B  sing N N 135 
HEM CHC C1C  doub N N 136 
HEM CHC HHC  sing N N 137 
HEM CHD C4C  doub N N 138 
HEM CHD C1D  sing N N 139 
HEM CHD HHD  sing N N 140 
HEM C1A C2A  doub Y N 141 
HEM C1A NA   sing Y N 142 
HEM C2A C3A  sing Y N 143 
HEM C2A CAA  sing N N 144 
HEM C3A C4A  doub Y N 145 
HEM C3A CMA  sing N N 146 
HEM C4A NA   sing Y N 147 
HEM CMA HMA  sing N N 148 
HEM CMA HMAA sing N N 149 
HEM CMA HMAB sing N N 150 
HEM CAA CBA  sing N N 151 
HEM CAA HAA  sing N N 152 
HEM CAA HAAA sing N N 153 
HEM CBA CGA  sing N N 154 
HEM CBA HBA  sing N N 155 
HEM CBA HBAA sing N N 156 
HEM CGA O1A  doub N N 157 
HEM CGA O2A  sing N N 158 
HEM C1B C2B  sing N N 159 
HEM C1B NB   sing N N 160 
HEM C2B C3B  doub N N 161 
HEM C2B CMB  sing N N 162 
HEM C3B C4B  sing N N 163 
HEM C3B CAB  sing N N 164 
HEM C4B NB   doub N N 165 
HEM CMB HMB  sing N N 166 
HEM CMB HMBA sing N N 167 
HEM CMB HMBB sing N N 168 
HEM CAB CBB  doub N N 169 
HEM CAB HAB  sing N N 170 
HEM CBB HBB  sing N N 171 
HEM CBB HBBA sing N N 172 
HEM C1C C2C  sing Y N 173 
HEM C1C NC   sing Y N 174 
HEM C2C C3C  doub Y N 175 
HEM C2C CMC  sing N N 176 
HEM C3C C4C  sing Y N 177 
HEM C3C CAC  sing N N 178 
HEM C4C NC   sing Y N 179 
HEM CMC HMC  sing N N 180 
HEM CMC HMCA sing N N 181 
HEM CMC HMCB sing N N 182 
HEM CAC CBC  doub N N 183 
HEM CAC HAC  sing N N 184 
HEM CBC HBC  sing N N 185 
HEM CBC HBCA sing N N 186 
HEM C1D C2D  sing N N 187 
HEM C1D ND   doub N N 188 
HEM C2D C3D  doub N N 189 
HEM C2D CMD  sing N N 190 
HEM C3D C4D  sing N N 191 
HEM C3D CAD  sing N N 192 
HEM C4D ND   sing N N 193 
HEM CMD HMD  sing N N 194 
HEM CMD HMDA sing N N 195 
HEM CMD HMDB sing N N 196 
HEM CAD CBD  sing N N 197 
HEM CAD HAD  sing N N 198 
HEM CAD HADA sing N N 199 
HEM CBD CGD  sing N N 200 
HEM CBD HBD  sing N N 201 
HEM CBD HBDA sing N N 202 
HEM CGD O1D  doub N N 203 
HEM CGD O2D  sing N N 204 
HEM O2A H2A  sing N N 205 
HEM O2D H2D  sing N N 206 
HEM FE  NA   sing N N 207 
HEM FE  NB   sing N N 208 
HEM FE  NC   sing N N 209 
HEM FE  ND   sing N N 210 
HIS N   CA   sing N N 211 
HIS N   H    sing N N 212 
HIS N   H2   sing N N 213 
HIS CA  C    sing N N 214 
HIS CA  CB   sing N N 215 
HIS CA  HA   sing N N 216 
HIS C   O    doub N N 217 
HIS C   OXT  sing N N 218 
HIS CB  CG   sing N N 219 
HIS CB  HB2  sing N N 220 
HIS CB  HB3  sing N N 221 
HIS CG  ND1  sing Y N 222 
HIS CG  CD2  doub Y N 223 
HIS ND1 CE1  doub Y N 224 
HIS ND1 HD1  sing N N 225 
HIS CD2 NE2  sing Y N 226 
HIS CD2 HD2  sing N N 227 
HIS CE1 NE2  sing Y N 228 
HIS CE1 HE1  sing N N 229 
HIS NE2 HE2  sing N N 230 
HIS OXT HXT  sing N N 231 
HOH O   H1   sing N N 232 
HOH O   H2   sing N N 233 
ILE N   CA   sing N N 234 
ILE N   H    sing N N 235 
ILE N   H2   sing N N 236 
ILE CA  C    sing N N 237 
ILE CA  CB   sing N N 238 
ILE CA  HA   sing N N 239 
ILE C   O    doub N N 240 
ILE C   OXT  sing N N 241 
ILE CB  CG1  sing N N 242 
ILE CB  CG2  sing N N 243 
ILE CB  HB   sing N N 244 
ILE CG1 CD1  sing N N 245 
ILE CG1 HG12 sing N N 246 
ILE CG1 HG13 sing N N 247 
ILE CG2 HG21 sing N N 248 
ILE CG2 HG22 sing N N 249 
ILE CG2 HG23 sing N N 250 
ILE CD1 HD11 sing N N 251 
ILE CD1 HD12 sing N N 252 
ILE CD1 HD13 sing N N 253 
ILE OXT HXT  sing N N 254 
LEU N   CA   sing N N 255 
LEU N   H    sing N N 256 
LEU N   H2   sing N N 257 
LEU CA  C    sing N N 258 
LEU CA  CB   sing N N 259 
LEU CA  HA   sing N N 260 
LEU C   O    doub N N 261 
LEU C   OXT  sing N N 262 
LEU CB  CG   sing N N 263 
LEU CB  HB2  sing N N 264 
LEU CB  HB3  sing N N 265 
LEU CG  CD1  sing N N 266 
LEU CG  CD2  sing N N 267 
LEU CG  HG   sing N N 268 
LEU CD1 HD11 sing N N 269 
LEU CD1 HD12 sing N N 270 
LEU CD1 HD13 sing N N 271 
LEU CD2 HD21 sing N N 272 
LEU CD2 HD22 sing N N 273 
LEU CD2 HD23 sing N N 274 
LEU OXT HXT  sing N N 275 
LYS N   CA   sing N N 276 
LYS N   H    sing N N 277 
LYS N   H2   sing N N 278 
LYS CA  C    sing N N 279 
LYS CA  CB   sing N N 280 
LYS CA  HA   sing N N 281 
LYS C   O    doub N N 282 
LYS C   OXT  sing N N 283 
LYS CB  CG   sing N N 284 
LYS CB  HB2  sing N N 285 
LYS CB  HB3  sing N N 286 
LYS CG  CD   sing N N 287 
LYS CG  HG2  sing N N 288 
LYS CG  HG3  sing N N 289 
LYS CD  CE   sing N N 290 
LYS CD  HD2  sing N N 291 
LYS CD  HD3  sing N N 292 
LYS CE  NZ   sing N N 293 
LYS CE  HE2  sing N N 294 
LYS CE  HE3  sing N N 295 
LYS NZ  HZ1  sing N N 296 
LYS NZ  HZ2  sing N N 297 
LYS NZ  HZ3  sing N N 298 
LYS OXT HXT  sing N N 299 
MET N   CA   sing N N 300 
MET N   H    sing N N 301 
MET N   H2   sing N N 302 
MET CA  C    sing N N 303 
MET CA  CB   sing N N 304 
MET CA  HA   sing N N 305 
MET C   O    doub N N 306 
MET C   OXT  sing N N 307 
MET CB  CG   sing N N 308 
MET CB  HB2  sing N N 309 
MET CB  HB3  sing N N 310 
MET CG  SD   sing N N 311 
MET CG  HG2  sing N N 312 
MET CG  HG3  sing N N 313 
MET SD  CE   sing N N 314 
MET CE  HE1  sing N N 315 
MET CE  HE2  sing N N 316 
MET CE  HE3  sing N N 317 
MET OXT HXT  sing N N 318 
PHE N   CA   sing N N 319 
PHE N   H    sing N N 320 
PHE N   H2   sing N N 321 
PHE CA  C    sing N N 322 
PHE CA  CB   sing N N 323 
PHE CA  HA   sing N N 324 
PHE C   O    doub N N 325 
PHE C   OXT  sing N N 326 
PHE CB  CG   sing N N 327 
PHE CB  HB2  sing N N 328 
PHE CB  HB3  sing N N 329 
PHE CG  CD1  doub Y N 330 
PHE CG  CD2  sing Y N 331 
PHE CD1 CE1  sing Y N 332 
PHE CD1 HD1  sing N N 333 
PHE CD2 CE2  doub Y N 334 
PHE CD2 HD2  sing N N 335 
PHE CE1 CZ   doub Y N 336 
PHE CE1 HE1  sing N N 337 
PHE CE2 CZ   sing Y N 338 
PHE CE2 HE2  sing N N 339 
PHE CZ  HZ   sing N N 340 
PHE OXT HXT  sing N N 341 
PRO N   CA   sing N N 342 
PRO N   CD   sing N N 343 
PRO N   H    sing N N 344 
PRO CA  C    sing N N 345 
PRO CA  CB   sing N N 346 
PRO CA  HA   sing N N 347 
PRO C   O    doub N N 348 
PRO C   OXT  sing N N 349 
PRO CB  CG   sing N N 350 
PRO CB  HB2  sing N N 351 
PRO CB  HB3  sing N N 352 
PRO CG  CD   sing N N 353 
PRO CG  HG2  sing N N 354 
PRO CG  HG3  sing N N 355 
PRO CD  HD2  sing N N 356 
PRO CD  HD3  sing N N 357 
PRO OXT HXT  sing N N 358 
SER N   CA   sing N N 359 
SER N   H    sing N N 360 
SER N   H2   sing N N 361 
SER CA  C    sing N N 362 
SER CA  CB   sing N N 363 
SER CA  HA   sing N N 364 
SER C   O    doub N N 365 
SER C   OXT  sing N N 366 
SER CB  OG   sing N N 367 
SER CB  HB2  sing N N 368 
SER CB  HB3  sing N N 369 
SER OG  HG   sing N N 370 
SER OXT HXT  sing N N 371 
THR N   CA   sing N N 372 
THR N   H    sing N N 373 
THR N   H2   sing N N 374 
THR CA  C    sing N N 375 
THR CA  CB   sing N N 376 
THR CA  HA   sing N N 377 
THR C   O    doub N N 378 
THR C   OXT  sing N N 379 
THR CB  OG1  sing N N 380 
THR CB  CG2  sing N N 381 
THR CB  HB   sing N N 382 
THR OG1 HG1  sing N N 383 
THR CG2 HG21 sing N N 384 
THR CG2 HG22 sing N N 385 
THR CG2 HG23 sing N N 386 
THR OXT HXT  sing N N 387 
TRP N   CA   sing N N 388 
TRP N   H    sing N N 389 
TRP N   H2   sing N N 390 
TRP CA  C    sing N N 391 
TRP CA  CB   sing N N 392 
TRP CA  HA   sing N N 393 
TRP C   O    doub N N 394 
TRP C   OXT  sing N N 395 
TRP CB  CG   sing N N 396 
TRP CB  HB2  sing N N 397 
TRP CB  HB3  sing N N 398 
TRP CG  CD1  doub Y N 399 
TRP CG  CD2  sing Y N 400 
TRP CD1 NE1  sing Y N 401 
TRP CD1 HD1  sing N N 402 
TRP CD2 CE2  doub Y N 403 
TRP CD2 CE3  sing Y N 404 
TRP NE1 CE2  sing Y N 405 
TRP NE1 HE1  sing N N 406 
TRP CE2 CZ2  sing Y N 407 
TRP CE3 CZ3  doub Y N 408 
TRP CE3 HE3  sing N N 409 
TRP CZ2 CH2  doub Y N 410 
TRP CZ2 HZ2  sing N N 411 
TRP CZ3 CH2  sing Y N 412 
TRP CZ3 HZ3  sing N N 413 
TRP CH2 HH2  sing N N 414 
TRP OXT HXT  sing N N 415 
TYR N   CA   sing N N 416 
TYR N   H    sing N N 417 
TYR N   H2   sing N N 418 
TYR CA  C    sing N N 419 
TYR CA  CB   sing N N 420 
TYR CA  HA   sing N N 421 
TYR C   O    doub N N 422 
TYR C   OXT  sing N N 423 
TYR CB  CG   sing N N 424 
TYR CB  HB2  sing N N 425 
TYR CB  HB3  sing N N 426 
TYR CG  CD1  doub Y N 427 
TYR CG  CD2  sing Y N 428 
TYR CD1 CE1  sing Y N 429 
TYR CD1 HD1  sing N N 430 
TYR CD2 CE2  doub Y N 431 
TYR CD2 HD2  sing N N 432 
TYR CE1 CZ   doub Y N 433 
TYR CE1 HE1  sing N N 434 
TYR CE2 CZ   sing Y N 435 
TYR CE2 HE2  sing N N 436 
TYR CZ  OH   sing N N 437 
TYR OH  HH   sing N N 438 
TYR OXT HXT  sing N N 439 
VAL N   CA   sing N N 440 
VAL N   H    sing N N 441 
VAL N   H2   sing N N 442 
VAL CA  C    sing N N 443 
VAL CA  CB   sing N N 444 
VAL CA  HA   sing N N 445 
VAL C   O    doub N N 446 
VAL C   OXT  sing N N 447 
VAL CB  CG1  sing N N 448 
VAL CB  CG2  sing N N 449 
VAL CB  HB   sing N N 450 
VAL CG1 HG11 sing N N 451 
VAL CG1 HG12 sing N N 452 
VAL CG1 HG13 sing N N 453 
VAL CG2 HG21 sing N N 454 
VAL CG2 HG22 sing N N 455 
VAL CG2 HG23 sing N N 456 
VAL OXT HXT  sing N N 457 
# 
loop_
_pdbx_entity_nonpoly.entity_id 
_pdbx_entity_nonpoly.name 
_pdbx_entity_nonpoly.comp_id 
2 'PROTOPORPHYRIN IX CONTAINING FE' HEM 
3 water                             HOH 
# 
_pdbx_initial_refinement_model.id               1 
_pdbx_initial_refinement_model.entity_id_list   ? 
_pdbx_initial_refinement_model.type             'experimental model' 
_pdbx_initial_refinement_model.source_name      PDB 
_pdbx_initial_refinement_model.accession_code   1DT1 
_pdbx_initial_refinement_model.details          'PDB ENTRY 1DT1' 
# 
